data_1JUV
# 
_entry.id   1JUV 
# 
_audit_conform.dict_name       mmcif_pdbx.dic 
_audit_conform.dict_version    5.387 
_audit_conform.dict_location   http://mmcif.pdb.org/dictionaries/ascii/mmcif_pdbx.dic 
# 
loop_
_database_2.database_id 
_database_2.database_code 
_database_2.pdbx_database_accession 
_database_2.pdbx_DOI 
PDB   1JUV         pdb_00001juv 10.2210/pdb1juv/pdb 
RCSB  RCSB014209   ?            ?                   
WWPDB D_1000014209 ?            ?                   
# 
loop_
_pdbx_audit_revision_history.ordinal 
_pdbx_audit_revision_history.data_content_type 
_pdbx_audit_revision_history.major_revision 
_pdbx_audit_revision_history.minor_revision 
_pdbx_audit_revision_history.revision_date 
1 'Structure model' 1 0 2003-12-23 
2 'Structure model' 1 1 2008-04-27 
3 'Structure model' 1 2 2011-07-13 
4 'Structure model' 1 3 2024-03-13 
# 
_pdbx_audit_revision_details.ordinal             1 
_pdbx_audit_revision_details.revision_ordinal    1 
_pdbx_audit_revision_details.data_content_type   'Structure model' 
_pdbx_audit_revision_details.provider            repository 
_pdbx_audit_revision_details.type                'Initial release' 
_pdbx_audit_revision_details.description         ? 
_pdbx_audit_revision_details.details             ? 
# 
loop_
_pdbx_audit_revision_group.ordinal 
_pdbx_audit_revision_group.revision_ordinal 
_pdbx_audit_revision_group.data_content_type 
_pdbx_audit_revision_group.group 
1 2 'Structure model' 'Version format compliance' 
2 3 'Structure model' 'Version format compliance' 
3 4 'Structure model' 'Data collection'           
4 4 'Structure model' 'Database references'       
5 4 'Structure model' 'Derived calculations'      
# 
loop_
_pdbx_audit_revision_category.ordinal 
_pdbx_audit_revision_category.revision_ordinal 
_pdbx_audit_revision_category.data_content_type 
_pdbx_audit_revision_category.category 
1 4 'Structure model' chem_comp_atom 
2 4 'Structure model' chem_comp_bond 
3 4 'Structure model' database_2     
4 4 'Structure model' struct_site    
# 
loop_
_pdbx_audit_revision_item.ordinal 
_pdbx_audit_revision_item.revision_ordinal 
_pdbx_audit_revision_item.data_content_type 
_pdbx_audit_revision_item.item 
1 4 'Structure model' '_database_2.pdbx_DOI'                
2 4 'Structure model' '_database_2.pdbx_database_accession' 
3 4 'Structure model' '_struct_site.pdbx_auth_asym_id'      
4 4 'Structure model' '_struct_site.pdbx_auth_comp_id'      
5 4 'Structure model' '_struct_site.pdbx_auth_seq_id'       
# 
_pdbx_database_status.status_code                     REL 
_pdbx_database_status.entry_id                        1JUV 
_pdbx_database_status.recvd_initial_deposition_date   2001-08-28 
_pdbx_database_status.deposit_site                    RCSB 
_pdbx_database_status.process_site                    PDBJ 
_pdbx_database_status.status_code_sf                  REL 
_pdbx_database_status.status_code_mr                  ? 
_pdbx_database_status.SG_entry                        ? 
_pdbx_database_status.pdb_format_compatible           Y 
_pdbx_database_status.status_code_cs                  ? 
_pdbx_database_status.status_code_nmr_data            ? 
_pdbx_database_status.methods_development_category    ? 
# 
loop_
_audit_author.name 
_audit_author.pdbx_ordinal 
'Moon, J.H.' 1 
'Oh, Y.K.'   2 
'Suh, S.W.'  3 
# 
_citation.id                        primary 
_citation.title                     'Crystal structure analysis of Dihydrofolate reductase from Bacteriophage T4' 
_citation.journal_abbrev            'To be Published' 
_citation.journal_volume            ? 
_citation.page_first                ? 
_citation.page_last                 ? 
_citation.year                      ? 
_citation.journal_id_ASTM           ? 
_citation.country                   ? 
_citation.journal_id_ISSN           ? 
_citation.journal_id_CSD            0353 
_citation.book_publisher            ? 
_citation.pdbx_database_id_PubMed   ? 
_citation.pdbx_database_id_DOI      ? 
# 
loop_
_citation_author.citation_id 
_citation_author.name 
_citation_author.ordinal 
_citation_author.identifier_ORCID 
primary 'Moon, J.H.' 1 ? 
primary 'Oh, Y.K.'   2 ? 
primary 'Lee, J.Y.'  3 ? 
primary 'Suh, S.W.'  4 ? 
# 
loop_
_entity.id 
_entity.type 
_entity.src_method 
_entity.pdbx_description 
_entity.formula_weight 
_entity.pdbx_number_of_molecules 
_entity.pdbx_ec 
_entity.pdbx_mutation 
_entity.pdbx_fragment 
_entity.details 
1 polymer     man 'DIHYDROFOLATE REDUCTASE'                                   21737.863 1   1.5.1.3 ? ? ? 
2 non-polymer syn 'NADPH DIHYDRO-NICOTINAMIDE-ADENINE-DINUCLEOTIDE PHOSPHATE' 745.421   1   ?       ? ? ? 
3 water       nat water                                                       18.015    115 ?       ? ? ? 
# 
_entity_name_com.entity_id   1 
_entity_name_com.name        DHFR 
# 
_entity_poly.entity_id                      1 
_entity_poly.type                           'polypeptide(L)' 
_entity_poly.nstd_linkage                   no 
_entity_poly.nstd_monomer                   no 
_entity_poly.pdbx_seq_one_letter_code       
;MIKLVFRYSPTKTVDGFNELAFGLGDGLPWGRVKKDLQNFKARTEGTIMIMGAKTFQSLPTLLPGRSHIVVCDLARDYPV
TKDGDLAHFYITWEQYITYISGGEIQVSSPNAPFETMLDQNSKVSVIGGPALLYAALPYADEVVVSRIVKRHRVNSTVQL
DASFLDDISKREMVETHWYKIDEVTTLTESVYK
;
_entity_poly.pdbx_seq_one_letter_code_can   
;MIKLVFRYSPTKTVDGFNELAFGLGDGLPWGRVKKDLQNFKARTEGTIMIMGAKTFQSLPTLLPGRSHIVVCDLARDYPV
TKDGDLAHFYITWEQYITYISGGEIQVSSPNAPFETMLDQNSKVSVIGGPALLYAALPYADEVVVSRIVKRHRVNSTVQL
DASFLDDISKREMVETHWYKIDEVTTLTESVYK
;
_entity_poly.pdbx_strand_id                 A 
_entity_poly.pdbx_target_identifier         ? 
# 
loop_
_pdbx_entity_nonpoly.entity_id 
_pdbx_entity_nonpoly.name 
_pdbx_entity_nonpoly.comp_id 
2 'NADPH DIHYDRO-NICOTINAMIDE-ADENINE-DINUCLEOTIDE PHOSPHATE' NDP 
3 water                                                       HOH 
# 
loop_
_entity_poly_seq.entity_id 
_entity_poly_seq.num 
_entity_poly_seq.mon_id 
_entity_poly_seq.hetero 
1 1   MET n 
1 2   ILE n 
1 3   LYS n 
1 4   LEU n 
1 5   VAL n 
1 6   PHE n 
1 7   ARG n 
1 8   TYR n 
1 9   SER n 
1 10  PRO n 
1 11  THR n 
1 12  LYS n 
1 13  THR n 
1 14  VAL n 
1 15  ASP n 
1 16  GLY n 
1 17  PHE n 
1 18  ASN n 
1 19  GLU n 
1 20  LEU n 
1 21  ALA n 
1 22  PHE n 
1 23  GLY n 
1 24  LEU n 
1 25  GLY n 
1 26  ASP n 
1 27  GLY n 
1 28  LEU n 
1 29  PRO n 
1 30  TRP n 
1 31  GLY n 
1 32  ARG n 
1 33  VAL n 
1 34  LYS n 
1 35  LYS n 
1 36  ASP n 
1 37  LEU n 
1 38  GLN n 
1 39  ASN n 
1 40  PHE n 
1 41  LYS n 
1 42  ALA n 
1 43  ARG n 
1 44  THR n 
1 45  GLU n 
1 46  GLY n 
1 47  THR n 
1 48  ILE n 
1 49  MET n 
1 50  ILE n 
1 51  MET n 
1 52  GLY n 
1 53  ALA n 
1 54  LYS n 
1 55  THR n 
1 56  PHE n 
1 57  GLN n 
1 58  SER n 
1 59  LEU n 
1 60  PRO n 
1 61  THR n 
1 62  LEU n 
1 63  LEU n 
1 64  PRO n 
1 65  GLY n 
1 66  ARG n 
1 67  SER n 
1 68  HIS n 
1 69  ILE n 
1 70  VAL n 
1 71  VAL n 
1 72  CYS n 
1 73  ASP n 
1 74  LEU n 
1 75  ALA n 
1 76  ARG n 
1 77  ASP n 
1 78  TYR n 
1 79  PRO n 
1 80  VAL n 
1 81  THR n 
1 82  LYS n 
1 83  ASP n 
1 84  GLY n 
1 85  ASP n 
1 86  LEU n 
1 87  ALA n 
1 88  HIS n 
1 89  PHE n 
1 90  TYR n 
1 91  ILE n 
1 92  THR n 
1 93  TRP n 
1 94  GLU n 
1 95  GLN n 
1 96  TYR n 
1 97  ILE n 
1 98  THR n 
1 99  TYR n 
1 100 ILE n 
1 101 SER n 
1 102 GLY n 
1 103 GLY n 
1 104 GLU n 
1 105 ILE n 
1 106 GLN n 
1 107 VAL n 
1 108 SER n 
1 109 SER n 
1 110 PRO n 
1 111 ASN n 
1 112 ALA n 
1 113 PRO n 
1 114 PHE n 
1 115 GLU n 
1 116 THR n 
1 117 MET n 
1 118 LEU n 
1 119 ASP n 
1 120 GLN n 
1 121 ASN n 
1 122 SER n 
1 123 LYS n 
1 124 VAL n 
1 125 SER n 
1 126 VAL n 
1 127 ILE n 
1 128 GLY n 
1 129 GLY n 
1 130 PRO n 
1 131 ALA n 
1 132 LEU n 
1 133 LEU n 
1 134 TYR n 
1 135 ALA n 
1 136 ALA n 
1 137 LEU n 
1 138 PRO n 
1 139 TYR n 
1 140 ALA n 
1 141 ASP n 
1 142 GLU n 
1 143 VAL n 
1 144 VAL n 
1 145 VAL n 
1 146 SER n 
1 147 ARG n 
1 148 ILE n 
1 149 VAL n 
1 150 LYS n 
1 151 ARG n 
1 152 HIS n 
1 153 ARG n 
1 154 VAL n 
1 155 ASN n 
1 156 SER n 
1 157 THR n 
1 158 VAL n 
1 159 GLN n 
1 160 LEU n 
1 161 ASP n 
1 162 ALA n 
1 163 SER n 
1 164 PHE n 
1 165 LEU n 
1 166 ASP n 
1 167 ASP n 
1 168 ILE n 
1 169 SER n 
1 170 LYS n 
1 171 ARG n 
1 172 GLU n 
1 173 MET n 
1 174 VAL n 
1 175 GLU n 
1 176 THR n 
1 177 HIS n 
1 178 TRP n 
1 179 TYR n 
1 180 LYS n 
1 181 ILE n 
1 182 ASP n 
1 183 GLU n 
1 184 VAL n 
1 185 THR n 
1 186 THR n 
1 187 LEU n 
1 188 THR n 
1 189 GLU n 
1 190 SER n 
1 191 VAL n 
1 192 TYR n 
1 193 LYS n 
# 
_entity_src_gen.entity_id                          1 
_entity_src_gen.pdbx_src_id                        1 
_entity_src_gen.pdbx_alt_source_flag               sample 
_entity_src_gen.pdbx_seq_type                      ? 
_entity_src_gen.pdbx_beg_seq_num                   ? 
_entity_src_gen.pdbx_end_seq_num                   ? 
_entity_src_gen.gene_src_common_name               ? 
_entity_src_gen.gene_src_genus                     'T4-like viruses' 
_entity_src_gen.pdbx_gene_src_gene                 frd 
_entity_src_gen.gene_src_species                   'Enterobacteria phage T4 sensu lato' 
_entity_src_gen.gene_src_strain                    ? 
_entity_src_gen.gene_src_tissue                    ? 
_entity_src_gen.gene_src_tissue_fraction           ? 
_entity_src_gen.gene_src_details                   ? 
_entity_src_gen.pdbx_gene_src_fragment             ? 
_entity_src_gen.pdbx_gene_src_scientific_name      'Enterobacteria phage T4' 
_entity_src_gen.pdbx_gene_src_ncbi_taxonomy_id     10665 
_entity_src_gen.pdbx_gene_src_variant              ? 
_entity_src_gen.pdbx_gene_src_cell_line            ? 
_entity_src_gen.pdbx_gene_src_atcc                 ? 
_entity_src_gen.pdbx_gene_src_organ                ? 
_entity_src_gen.pdbx_gene_src_organelle            ? 
_entity_src_gen.pdbx_gene_src_cell                 ? 
_entity_src_gen.pdbx_gene_src_cellular_location    ? 
_entity_src_gen.host_org_common_name               ? 
_entity_src_gen.pdbx_host_org_scientific_name      'Escherichia coli' 
_entity_src_gen.pdbx_host_org_ncbi_taxonomy_id     562 
_entity_src_gen.host_org_genus                     Escherichia 
_entity_src_gen.pdbx_host_org_gene                 ? 
_entity_src_gen.pdbx_host_org_organ                ? 
_entity_src_gen.host_org_species                   ? 
_entity_src_gen.pdbx_host_org_tissue               ? 
_entity_src_gen.pdbx_host_org_tissue_fraction      ? 
_entity_src_gen.pdbx_host_org_strain               'C41(DE3)' 
_entity_src_gen.pdbx_host_org_variant              ? 
_entity_src_gen.pdbx_host_org_cell_line            ? 
_entity_src_gen.pdbx_host_org_atcc                 ? 
_entity_src_gen.pdbx_host_org_culture_collection   ? 
_entity_src_gen.pdbx_host_org_cell                 ? 
_entity_src_gen.pdbx_host_org_organelle            ? 
_entity_src_gen.pdbx_host_org_cellular_location    ? 
_entity_src_gen.pdbx_host_org_vector_type          Plasmid 
_entity_src_gen.pdbx_host_org_vector               ? 
_entity_src_gen.host_org_details                   ? 
_entity_src_gen.expression_system_id               ? 
_entity_src_gen.plasmid_name                       pET22b 
_entity_src_gen.plasmid_details                    ? 
_entity_src_gen.pdbx_description                   ? 
# 
loop_
_chem_comp.id 
_chem_comp.type 
_chem_comp.mon_nstd_flag 
_chem_comp.name 
_chem_comp.pdbx_synonyms 
_chem_comp.formula 
_chem_comp.formula_weight 
ALA 'L-peptide linking' y ALANINE                                                     ? 'C3 H7 N O2'        89.093  
ARG 'L-peptide linking' y ARGININE                                                    ? 'C6 H15 N4 O2 1'    175.209 
ASN 'L-peptide linking' y ASPARAGINE                                                  ? 'C4 H8 N2 O3'       132.118 
ASP 'L-peptide linking' y 'ASPARTIC ACID'                                             ? 'C4 H7 N O4'        133.103 
CYS 'L-peptide linking' y CYSTEINE                                                    ? 'C3 H7 N O2 S'      121.158 
GLN 'L-peptide linking' y GLUTAMINE                                                   ? 'C5 H10 N2 O3'      146.144 
GLU 'L-peptide linking' y 'GLUTAMIC ACID'                                             ? 'C5 H9 N O4'        147.129 
GLY 'peptide linking'   y GLYCINE                                                     ? 'C2 H5 N O2'        75.067  
HIS 'L-peptide linking' y HISTIDINE                                                   ? 'C6 H10 N3 O2 1'    156.162 
HOH non-polymer         . WATER                                                       ? 'H2 O'              18.015  
ILE 'L-peptide linking' y ISOLEUCINE                                                  ? 'C6 H13 N O2'       131.173 
LEU 'L-peptide linking' y LEUCINE                                                     ? 'C6 H13 N O2'       131.173 
LYS 'L-peptide linking' y LYSINE                                                      ? 'C6 H15 N2 O2 1'    147.195 
MET 'L-peptide linking' y METHIONINE                                                  ? 'C5 H11 N O2 S'     149.211 
NDP non-polymer         . 'NADPH DIHYDRO-NICOTINAMIDE-ADENINE-DINUCLEOTIDE PHOSPHATE' ? 'C21 H30 N7 O17 P3' 745.421 
PHE 'L-peptide linking' y PHENYLALANINE                                               ? 'C9 H11 N O2'       165.189 
PRO 'L-peptide linking' y PROLINE                                                     ? 'C5 H9 N O2'        115.130 
SER 'L-peptide linking' y SERINE                                                      ? 'C3 H7 N O3'        105.093 
THR 'L-peptide linking' y THREONINE                                                   ? 'C4 H9 N O3'        119.119 
TRP 'L-peptide linking' y TRYPTOPHAN                                                  ? 'C11 H12 N2 O2'     204.225 
TYR 'L-peptide linking' y TYROSINE                                                    ? 'C9 H11 N O3'       181.189 
VAL 'L-peptide linking' y VALINE                                                      ? 'C5 H11 N O2'       117.146 
# 
loop_
_pdbx_poly_seq_scheme.asym_id 
_pdbx_poly_seq_scheme.entity_id 
_pdbx_poly_seq_scheme.seq_id 
_pdbx_poly_seq_scheme.mon_id 
_pdbx_poly_seq_scheme.ndb_seq_num 
_pdbx_poly_seq_scheme.pdb_seq_num 
_pdbx_poly_seq_scheme.auth_seq_num 
_pdbx_poly_seq_scheme.pdb_mon_id 
_pdbx_poly_seq_scheme.auth_mon_id 
_pdbx_poly_seq_scheme.pdb_strand_id 
_pdbx_poly_seq_scheme.pdb_ins_code 
_pdbx_poly_seq_scheme.hetero 
A 1 1   MET 1   1   1   MET MET A . n 
A 1 2   ILE 2   2   2   ILE ILE A . n 
A 1 3   LYS 3   3   3   LYS LYS A . n 
A 1 4   LEU 4   4   4   LEU LEU A . n 
A 1 5   VAL 5   5   5   VAL VAL A . n 
A 1 6   PHE 6   6   6   PHE PHE A . n 
A 1 7   ARG 7   7   7   ARG ARG A . n 
A 1 8   TYR 8   8   8   TYR TYR A . n 
A 1 9   SER 9   9   9   SER SER A . n 
A 1 10  PRO 10  10  10  PRO PRO A . n 
A 1 11  THR 11  11  11  THR THR A . n 
A 1 12  LYS 12  12  12  LYS LYS A . n 
A 1 13  THR 13  13  13  THR THR A . n 
A 1 14  VAL 14  14  14  VAL VAL A . n 
A 1 15  ASP 15  15  15  ASP ASP A . n 
A 1 16  GLY 16  16  16  GLY GLY A . n 
A 1 17  PHE 17  17  17  PHE PHE A . n 
A 1 18  ASN 18  18  18  ASN ASN A . n 
A 1 19  GLU 19  19  19  GLU GLU A . n 
A 1 20  LEU 20  20  20  LEU LEU A . n 
A 1 21  ALA 21  21  21  ALA ALA A . n 
A 1 22  PHE 22  22  22  PHE PHE A . n 
A 1 23  GLY 23  23  23  GLY GLY A . n 
A 1 24  LEU 24  24  24  LEU LEU A . n 
A 1 25  GLY 25  25  25  GLY GLY A . n 
A 1 26  ASP 26  26  26  ASP ASP A . n 
A 1 27  GLY 27  27  27  GLY GLY A . n 
A 1 28  LEU 28  28  28  LEU LEU A . n 
A 1 29  PRO 29  29  29  PRO PRO A . n 
A 1 30  TRP 30  30  30  TRP TRP A . n 
A 1 31  GLY 31  31  31  GLY GLY A . n 
A 1 32  ARG 32  32  32  ARG ARG A . n 
A 1 33  VAL 33  33  33  VAL VAL A . n 
A 1 34  LYS 34  34  34  LYS LYS A . n 
A 1 35  LYS 35  35  35  LYS LYS A . n 
A 1 36  ASP 36  36  36  ASP ASP A . n 
A 1 37  LEU 37  37  37  LEU LEU A . n 
A 1 38  GLN 38  38  38  GLN GLN A . n 
A 1 39  ASN 39  39  39  ASN ASN A . n 
A 1 40  PHE 40  40  40  PHE PHE A . n 
A 1 41  LYS 41  41  41  LYS LYS A . n 
A 1 42  ALA 42  42  42  ALA ALA A . n 
A 1 43  ARG 43  43  43  ARG ARG A . n 
A 1 44  THR 44  44  44  THR THR A . n 
A 1 45  GLU 45  45  45  GLU GLU A . n 
A 1 46  GLY 46  46  46  GLY GLY A . n 
A 1 47  THR 47  47  47  THR THR A . n 
A 1 48  ILE 48  48  48  ILE ILE A . n 
A 1 49  MET 49  49  49  MET MET A . n 
A 1 50  ILE 50  50  50  ILE ILE A . n 
A 1 51  MET 51  51  51  MET MET A . n 
A 1 52  GLY 52  52  52  GLY GLY A . n 
A 1 53  ALA 53  53  53  ALA ALA A . n 
A 1 54  LYS 54  54  54  LYS LYS A . n 
A 1 55  THR 55  55  55  THR THR A . n 
A 1 56  PHE 56  56  56  PHE PHE A . n 
A 1 57  GLN 57  57  57  GLN GLN A . n 
A 1 58  SER 58  58  58  SER SER A . n 
A 1 59  LEU 59  59  59  LEU LEU A . n 
A 1 60  PRO 60  60  60  PRO PRO A . n 
A 1 61  THR 61  61  61  THR THR A . n 
A 1 62  LEU 62  62  62  LEU LEU A . n 
A 1 63  LEU 63  63  63  LEU LEU A . n 
A 1 64  PRO 64  64  64  PRO PRO A . n 
A 1 65  GLY 65  65  65  GLY GLY A . n 
A 1 66  ARG 66  66  66  ARG ARG A . n 
A 1 67  SER 67  67  67  SER SER A . n 
A 1 68  HIS 68  68  68  HIS HIS A . n 
A 1 69  ILE 69  69  69  ILE ILE A . n 
A 1 70  VAL 70  70  70  VAL VAL A . n 
A 1 71  VAL 71  71  71  VAL VAL A . n 
A 1 72  CYS 72  72  72  CYS CYS A . n 
A 1 73  ASP 73  73  73  ASP ASP A . n 
A 1 74  LEU 74  74  74  LEU LEU A . n 
A 1 75  ALA 75  75  75  ALA ALA A . n 
A 1 76  ARG 76  76  76  ARG ARG A . n 
A 1 77  ASP 77  77  77  ASP ASP A . n 
A 1 78  TYR 78  78  78  TYR TYR A . n 
A 1 79  PRO 79  79  79  PRO PRO A . n 
A 1 80  VAL 80  80  80  VAL VAL A . n 
A 1 81  THR 81  81  81  THR THR A . n 
A 1 82  LYS 82  82  82  LYS LYS A . n 
A 1 83  ASP 83  83  83  ASP ASP A . n 
A 1 84  GLY 84  84  84  GLY GLY A . n 
A 1 85  ASP 85  85  85  ASP ASP A . n 
A 1 86  LEU 86  86  86  LEU LEU A . n 
A 1 87  ALA 87  87  87  ALA ALA A . n 
A 1 88  HIS 88  88  88  HIS HIS A . n 
A 1 89  PHE 89  89  89  PHE PHE A . n 
A 1 90  TYR 90  90  90  TYR TYR A . n 
A 1 91  ILE 91  91  91  ILE ILE A . n 
A 1 92  THR 92  92  92  THR THR A . n 
A 1 93  TRP 93  93  93  TRP TRP A . n 
A 1 94  GLU 94  94  94  GLU GLU A . n 
A 1 95  GLN 95  95  95  GLN GLN A . n 
A 1 96  TYR 96  96  96  TYR TYR A . n 
A 1 97  ILE 97  97  97  ILE ILE A . n 
A 1 98  THR 98  98  98  THR THR A . n 
A 1 99  TYR 99  99  99  TYR TYR A . n 
A 1 100 ILE 100 100 100 ILE ILE A . n 
A 1 101 SER 101 101 101 SER SER A . n 
A 1 102 GLY 102 102 102 GLY GLY A . n 
A 1 103 GLY 103 103 103 GLY GLY A . n 
A 1 104 GLU 104 104 104 GLU GLU A . n 
A 1 105 ILE 105 105 105 ILE ILE A . n 
A 1 106 GLN 106 106 106 GLN GLN A . n 
A 1 107 VAL 107 107 107 VAL VAL A . n 
A 1 108 SER 108 108 108 SER SER A . n 
A 1 109 SER 109 109 109 SER SER A . n 
A 1 110 PRO 110 110 110 PRO PRO A . n 
A 1 111 ASN 111 111 111 ASN ASN A . n 
A 1 112 ALA 112 112 112 ALA ALA A . n 
A 1 113 PRO 113 113 113 PRO PRO A . n 
A 1 114 PHE 114 114 114 PHE PHE A . n 
A 1 115 GLU 115 115 115 GLU GLU A . n 
A 1 116 THR 116 116 116 THR THR A . n 
A 1 117 MET 117 117 117 MET MET A . n 
A 1 118 LEU 118 118 118 LEU LEU A . n 
A 1 119 ASP 119 119 119 ASP ASP A . n 
A 1 120 GLN 120 120 120 GLN GLN A . n 
A 1 121 ASN 121 121 121 ASN ASN A . n 
A 1 122 SER 122 122 122 SER SER A . n 
A 1 123 LYS 123 123 123 LYS LYS A . n 
A 1 124 VAL 124 124 124 VAL VAL A . n 
A 1 125 SER 125 125 125 SER SER A . n 
A 1 126 VAL 126 126 126 VAL VAL A . n 
A 1 127 ILE 127 127 127 ILE ILE A . n 
A 1 128 GLY 128 128 128 GLY GLY A . n 
A 1 129 GLY 129 129 129 GLY GLY A . n 
A 1 130 PRO 130 130 130 PRO PRO A . n 
A 1 131 ALA 131 131 131 ALA ALA A . n 
A 1 132 LEU 132 132 132 LEU LEU A . n 
A 1 133 LEU 133 133 133 LEU LEU A . n 
A 1 134 TYR 134 134 134 TYR TYR A . n 
A 1 135 ALA 135 135 135 ALA ALA A . n 
A 1 136 ALA 136 136 136 ALA ALA A . n 
A 1 137 LEU 137 137 137 LEU LEU A . n 
A 1 138 PRO 138 138 138 PRO PRO A . n 
A 1 139 TYR 139 139 139 TYR TYR A . n 
A 1 140 ALA 140 140 140 ALA ALA A . n 
A 1 141 ASP 141 141 141 ASP ASP A . n 
A 1 142 GLU 142 142 142 GLU GLU A . n 
A 1 143 VAL 143 143 143 VAL VAL A . n 
A 1 144 VAL 144 144 144 VAL VAL A . n 
A 1 145 VAL 145 145 145 VAL VAL A . n 
A 1 146 SER 146 146 146 SER SER A . n 
A 1 147 ARG 147 147 147 ARG ARG A . n 
A 1 148 ILE 148 148 148 ILE ILE A . n 
A 1 149 VAL 149 149 149 VAL VAL A . n 
A 1 150 LYS 150 150 150 LYS LYS A . n 
A 1 151 ARG 151 151 151 ARG ARG A . n 
A 1 152 HIS 152 152 152 HIS HIS A . n 
A 1 153 ARG 153 153 153 ARG ARG A . n 
A 1 154 VAL 154 154 154 VAL VAL A . n 
A 1 155 ASN 155 155 155 ASN ASN A . n 
A 1 156 SER 156 156 156 SER SER A . n 
A 1 157 THR 157 157 157 THR THR A . n 
A 1 158 VAL 158 158 158 VAL VAL A . n 
A 1 159 GLN 159 159 159 GLN GLN A . n 
A 1 160 LEU 160 160 160 LEU LEU A . n 
A 1 161 ASP 161 161 161 ASP ASP A . n 
A 1 162 ALA 162 162 162 ALA ALA A . n 
A 1 163 SER 163 163 163 SER SER A . n 
A 1 164 PHE 164 164 164 PHE PHE A . n 
A 1 165 LEU 165 165 165 LEU LEU A . n 
A 1 166 ASP 166 166 166 ASP ASP A . n 
A 1 167 ASP 167 167 167 ASP ASP A . n 
A 1 168 ILE 168 168 168 ILE ILE A . n 
A 1 169 SER 169 169 169 SER SER A . n 
A 1 170 LYS 170 170 170 LYS LYS A . n 
A 1 171 ARG 171 171 171 ARG ARG A . n 
A 1 172 GLU 172 172 172 GLU GLU A . n 
A 1 173 MET 173 173 173 MET MET A . n 
A 1 174 VAL 174 174 174 VAL VAL A . n 
A 1 175 GLU 175 175 175 GLU GLU A . n 
A 1 176 THR 176 176 176 THR THR A . n 
A 1 177 HIS 177 177 177 HIS HIS A . n 
A 1 178 TRP 178 178 178 TRP TRP A . n 
A 1 179 TYR 179 179 179 TYR TYR A . n 
A 1 180 LYS 180 180 180 LYS LYS A . n 
A 1 181 ILE 181 181 181 ILE ILE A . n 
A 1 182 ASP 182 182 182 ASP ASP A . n 
A 1 183 GLU 183 183 183 GLU GLU A . n 
A 1 184 VAL 184 184 184 VAL VAL A . n 
A 1 185 THR 185 185 185 THR THR A . n 
A 1 186 THR 186 186 186 THR THR A . n 
A 1 187 LEU 187 187 187 LEU LEU A . n 
A 1 188 THR 188 188 188 THR THR A . n 
A 1 189 GLU 189 189 189 GLU GLU A . n 
A 1 190 SER 190 190 190 SER SER A . n 
A 1 191 VAL 191 191 191 VAL VAL A . n 
A 1 192 TYR 192 192 192 TYR TYR A . n 
A 1 193 LYS 193 193 193 LYS LYS A . n 
# 
loop_
_pdbx_nonpoly_scheme.asym_id 
_pdbx_nonpoly_scheme.entity_id 
_pdbx_nonpoly_scheme.mon_id 
_pdbx_nonpoly_scheme.ndb_seq_num 
_pdbx_nonpoly_scheme.pdb_seq_num 
_pdbx_nonpoly_scheme.auth_seq_num 
_pdbx_nonpoly_scheme.pdb_mon_id 
_pdbx_nonpoly_scheme.auth_mon_id 
_pdbx_nonpoly_scheme.pdb_strand_id 
_pdbx_nonpoly_scheme.pdb_ins_code 
B 2 NDP 1   194 194 NDP NDP A . 
C 3 HOH 1   195 1   HOH HOH A . 
C 3 HOH 2   196 2   HOH HOH A . 
C 3 HOH 3   197 3   HOH HOH A . 
C 3 HOH 4   198 4   HOH HOH A . 
C 3 HOH 5   199 5   HOH HOH A . 
C 3 HOH 6   200 6   HOH HOH A . 
C 3 HOH 7   201 7   HOH HOH A . 
C 3 HOH 8   202 8   HOH HOH A . 
C 3 HOH 9   203 9   HOH HOH A . 
C 3 HOH 10  204 10  HOH HOH A . 
C 3 HOH 11  205 11  HOH HOH A . 
C 3 HOH 12  206 12  HOH HOH A . 
C 3 HOH 13  207 13  HOH HOH A . 
C 3 HOH 14  208 14  HOH HOH A . 
C 3 HOH 15  209 15  HOH HOH A . 
C 3 HOH 16  210 16  HOH HOH A . 
C 3 HOH 17  211 17  HOH HOH A . 
C 3 HOH 18  212 18  HOH HOH A . 
C 3 HOH 19  213 19  HOH HOH A . 
C 3 HOH 20  214 20  HOH HOH A . 
C 3 HOH 21  215 21  HOH HOH A . 
C 3 HOH 22  216 22  HOH HOH A . 
C 3 HOH 23  217 23  HOH HOH A . 
C 3 HOH 24  218 24  HOH HOH A . 
C 3 HOH 25  219 25  HOH HOH A . 
C 3 HOH 26  220 26  HOH HOH A . 
C 3 HOH 27  221 27  HOH HOH A . 
C 3 HOH 28  222 28  HOH HOH A . 
C 3 HOH 29  223 29  HOH HOH A . 
C 3 HOH 30  224 30  HOH HOH A . 
C 3 HOH 31  225 31  HOH HOH A . 
C 3 HOH 32  226 32  HOH HOH A . 
C 3 HOH 33  227 33  HOH HOH A . 
C 3 HOH 34  228 34  HOH HOH A . 
C 3 HOH 35  229 35  HOH HOH A . 
C 3 HOH 36  230 36  HOH HOH A . 
C 3 HOH 37  231 37  HOH HOH A . 
C 3 HOH 38  232 38  HOH HOH A . 
C 3 HOH 39  233 39  HOH HOH A . 
C 3 HOH 40  234 40  HOH HOH A . 
C 3 HOH 41  235 41  HOH HOH A . 
C 3 HOH 42  236 42  HOH HOH A . 
C 3 HOH 43  237 43  HOH HOH A . 
C 3 HOH 44  238 44  HOH HOH A . 
C 3 HOH 45  239 45  HOH HOH A . 
C 3 HOH 46  240 46  HOH HOH A . 
C 3 HOH 47  241 47  HOH HOH A . 
C 3 HOH 48  242 48  HOH HOH A . 
C 3 HOH 49  243 49  HOH HOH A . 
C 3 HOH 50  244 50  HOH HOH A . 
C 3 HOH 51  245 51  HOH HOH A . 
C 3 HOH 52  246 52  HOH HOH A . 
C 3 HOH 53  247 53  HOH HOH A . 
C 3 HOH 54  248 54  HOH HOH A . 
C 3 HOH 55  249 55  HOH HOH A . 
C 3 HOH 56  250 56  HOH HOH A . 
C 3 HOH 57  251 57  HOH HOH A . 
C 3 HOH 58  252 58  HOH HOH A . 
C 3 HOH 59  253 59  HOH HOH A . 
C 3 HOH 60  254 60  HOH HOH A . 
C 3 HOH 61  255 61  HOH HOH A . 
C 3 HOH 62  256 62  HOH HOH A . 
C 3 HOH 63  257 63  HOH HOH A . 
C 3 HOH 64  258 64  HOH HOH A . 
C 3 HOH 65  259 65  HOH HOH A . 
C 3 HOH 66  260 66  HOH HOH A . 
C 3 HOH 67  261 67  HOH HOH A . 
C 3 HOH 68  262 68  HOH HOH A . 
C 3 HOH 69  263 69  HOH HOH A . 
C 3 HOH 70  264 70  HOH HOH A . 
C 3 HOH 71  265 71  HOH HOH A . 
C 3 HOH 72  266 72  HOH HOH A . 
C 3 HOH 73  267 73  HOH HOH A . 
C 3 HOH 74  268 74  HOH HOH A . 
C 3 HOH 75  269 75  HOH HOH A . 
C 3 HOH 76  270 76  HOH HOH A . 
C 3 HOH 77  271 77  HOH HOH A . 
C 3 HOH 78  272 78  HOH HOH A . 
C 3 HOH 79  273 79  HOH HOH A . 
C 3 HOH 80  274 80  HOH HOH A . 
C 3 HOH 81  275 81  HOH HOH A . 
C 3 HOH 82  276 82  HOH HOH A . 
C 3 HOH 83  277 83  HOH HOH A . 
C 3 HOH 84  278 84  HOH HOH A . 
C 3 HOH 85  279 85  HOH HOH A . 
C 3 HOH 86  280 86  HOH HOH A . 
C 3 HOH 87  281 87  HOH HOH A . 
C 3 HOH 88  282 88  HOH HOH A . 
C 3 HOH 89  283 89  HOH HOH A . 
C 3 HOH 90  284 90  HOH HOH A . 
C 3 HOH 91  285 91  HOH HOH A . 
C 3 HOH 92  286 92  HOH HOH A . 
C 3 HOH 93  287 93  HOH HOH A . 
C 3 HOH 94  288 94  HOH HOH A . 
C 3 HOH 95  289 95  HOH HOH A . 
C 3 HOH 96  290 96  HOH HOH A . 
C 3 HOH 97  291 97  HOH HOH A . 
C 3 HOH 98  292 98  HOH HOH A . 
C 3 HOH 99  293 99  HOH HOH A . 
C 3 HOH 100 294 100 HOH HOH A . 
C 3 HOH 101 295 101 HOH HOH A . 
C 3 HOH 102 296 102 HOH HOH A . 
C 3 HOH 103 297 103 HOH HOH A . 
C 3 HOH 104 298 104 HOH HOH A . 
C 3 HOH 105 299 105 HOH HOH A . 
C 3 HOH 106 300 106 HOH HOH A . 
C 3 HOH 107 301 107 HOH HOH A . 
C 3 HOH 108 302 108 HOH HOH A . 
C 3 HOH 109 303 109 HOH HOH A . 
C 3 HOH 110 304 110 HOH HOH A . 
C 3 HOH 111 305 111 HOH HOH A . 
C 3 HOH 112 306 112 HOH HOH A . 
C 3 HOH 113 307 113 HOH HOH A . 
C 3 HOH 114 308 114 HOH HOH A . 
C 3 HOH 115 309 115 HOH HOH A . 
# 
loop_
_software.name 
_software.classification 
_software.version 
_software.citation_id 
_software.pdbx_ordinal 
DENZO     'data reduction' . ? 1 
SCALEPACK 'data scaling'   . ? 2 
CNS       refinement       . ? 3 
CNS       phasing          . ? 4 
# 
_cell.entry_id           1JUV 
_cell.length_a           61.160 
_cell.length_b           61.160 
_cell.length_c           124.150 
_cell.angle_alpha        90.00 
_cell.angle_beta         90.00 
_cell.angle_gamma        90.00 
_cell.Z_PDB              8 
_cell.pdbx_unique_axis   ? 
# 
_symmetry.entry_id                         1JUV 
_symmetry.space_group_name_H-M             'P 43 2 2' 
_symmetry.pdbx_full_space_group_name_H-M   ? 
_symmetry.cell_setting                     ? 
_symmetry.Int_Tables_number                95 
_symmetry.space_group_name_Hall            ? 
# 
_exptl.entry_id          1JUV 
_exptl.method            'X-RAY DIFFRACTION' 
_exptl.crystals_number   1 
# 
_exptl_crystal.id                    1 
_exptl_crystal.density_meas          ? 
_exptl_crystal.density_Matthews      2.44 
_exptl_crystal.density_percent_sol   49.29 
_exptl_crystal.description           ? 
_exptl_crystal.F_000                 ? 
_exptl_crystal.preparation           ? 
# 
_exptl_crystal_grow.crystal_id      1 
_exptl_crystal_grow.method          'VAPOR DIFFUSION, HANGING DROP' 
_exptl_crystal_grow.temp            295 
_exptl_crystal_grow.temp_details    ? 
_exptl_crystal_grow.pH              8.1 
_exptl_crystal_grow.pdbx_details    'NaCl, (NH4)2HPO4 , pH 8.1, VAPOR DIFFUSION, HANGING DROP, temperature 295K' 
_exptl_crystal_grow.pdbx_pH_range   . 
# 
_diffrn.id                     1 
_diffrn.ambient_temp           100 
_diffrn.ambient_temp_details   ? 
_diffrn.crystal_id             1 
# 
_diffrn_detector.diffrn_id              1 
_diffrn_detector.detector               DIFFRACTOMETER 
_diffrn_detector.type                   WEISSENBERG 
_diffrn_detector.pdbx_collection_date   2000-01-01 
_diffrn_detector.details                ? 
# 
_diffrn_radiation.diffrn_id                        1 
_diffrn_radiation.wavelength_id                    1 
_diffrn_radiation.pdbx_monochromatic_or_laue_m_l   M 
_diffrn_radiation.monochromator                    'SI(111)' 
_diffrn_radiation.pdbx_diffrn_protocol             'SINGLE WAVELENGTH' 
_diffrn_radiation.pdbx_scattering_type             x-ray 
# 
_diffrn_radiation_wavelength.id           1 
_diffrn_radiation_wavelength.wavelength   1.0000 
_diffrn_radiation_wavelength.wt           1.0 
# 
_diffrn_source.diffrn_id                   1 
_diffrn_source.source                      SYNCHROTRON 
_diffrn_source.type                        'PHOTON FACTORY BEAMLINE BL-6B' 
_diffrn_source.pdbx_synchrotron_site       'Photon Factory' 
_diffrn_source.pdbx_synchrotron_beamline   BL-6B 
_diffrn_source.pdbx_wavelength             ? 
_diffrn_source.pdbx_wavelength_list        1.0000 
# 
_reflns.entry_id                     1JUV 
_reflns.observed_criterion_sigma_I   0 
_reflns.observed_criterion_sigma_F   0 
_reflns.d_resolution_low             50 
_reflns.d_resolution_high            1.70 
_reflns.number_obs                   26714 
_reflns.number_all                   26714 
_reflns.percent_possible_obs         99.7 
_reflns.pdbx_Rmerge_I_obs            0.068 
_reflns.pdbx_Rsym_value              ? 
_reflns.pdbx_netI_over_sigmaI        ? 
_reflns.B_iso_Wilson_estimate        21.7 
_reflns.pdbx_redundancy              ? 
_reflns.R_free_details               ? 
_reflns.limit_h_max                  ? 
_reflns.limit_h_min                  ? 
_reflns.limit_k_max                  ? 
_reflns.limit_k_min                  ? 
_reflns.limit_l_max                  ? 
_reflns.limit_l_min                  ? 
_reflns.observed_criterion_F_max     ? 
_reflns.observed_criterion_F_min     ? 
_reflns.pdbx_chi_squared             ? 
_reflns.pdbx_scaling_rejects         ? 
_reflns.pdbx_diffrn_id               1 
_reflns.pdbx_ordinal                 1 
# 
_reflns_shell.d_res_high             1.70 
_reflns_shell.d_res_low              1.76 
_reflns_shell.percent_possible_all   99.2 
_reflns_shell.Rmerge_I_obs           ? 
_reflns_shell.pdbx_Rsym_value        ? 
_reflns_shell.meanI_over_sigI_obs    ? 
_reflns_shell.pdbx_redundancy        ? 
_reflns_shell.percent_possible_obs   ? 
_reflns_shell.number_unique_all      ? 
_reflns_shell.number_measured_all    ? 
_reflns_shell.number_measured_obs    ? 
_reflns_shell.number_unique_obs      ? 
_reflns_shell.pdbx_chi_squared       ? 
_reflns_shell.pdbx_diffrn_id         ? 
_reflns_shell.pdbx_ordinal           1 
# 
_refine.entry_id                                 1JUV 
_refine.ls_number_reflns_obs                     26043 
_refine.ls_number_reflns_all                     26675 
_refine.pdbx_ls_sigma_I                          ? 
_refine.pdbx_ls_sigma_F                          0.0 
_refine.pdbx_data_cutoff_high_absF               922023.40 
_refine.pdbx_data_cutoff_low_absF                0.000000 
_refine.ls_d_res_low                             43.57 
_refine.ls_d_res_high                            1.70 
_refine.ls_percent_reflns_obs                    97.2 
_refine.ls_R_factor_obs                          0.248 
_refine.ls_R_factor_all                          0.248 
_refine.ls_R_factor_R_work                       0.227 
_refine.ls_R_factor_R_free                       0.269 
_refine.ls_R_factor_R_free_error                 0.005 
_refine.ls_R_factor_R_free_error_details         ? 
_refine.ls_percent_reflns_R_free                 9.9 
_refine.ls_number_reflns_R_free                  2576 
_refine.ls_number_parameters                     ? 
_refine.ls_number_restraints                     ? 
_refine.occupancy_min                            ? 
_refine.occupancy_max                            ? 
_refine.B_iso_mean                               25.9 
_refine.aniso_B[1][1]                            -1.94 
_refine.aniso_B[2][2]                            -1.94 
_refine.aniso_B[3][3]                            3.87 
_refine.aniso_B[1][2]                            0.00 
_refine.aniso_B[1][3]                            0.00 
_refine.aniso_B[2][3]                            0.00 
_refine.solvent_model_details                    'FLAT MODEL' 
_refine.solvent_model_param_ksol                 0.398346 
_refine.solvent_model_param_bsol                 53.7805 
_refine.pdbx_ls_cross_valid_method               THROUGHOUT 
_refine.details                                  ? 
_refine.pdbx_starting_model                      ? 
_refine.pdbx_method_to_determine_struct          MIR 
_refine.pdbx_isotropic_thermal_model             RESTRAINED 
_refine.pdbx_stereochemistry_target_values       'Engh & Huber' 
_refine.pdbx_stereochem_target_val_spec_case     ? 
_refine.pdbx_R_Free_selection_details            RANDOM 
_refine.pdbx_overall_ESU_R_Free                  ? 
_refine.overall_SU_B                             ? 
_refine.ls_redundancy_reflns_obs                 ? 
_refine.B_iso_min                                ? 
_refine.B_iso_max                                ? 
_refine.correlation_coeff_Fo_to_Fc               ? 
_refine.correlation_coeff_Fo_to_Fc_free          ? 
_refine.overall_SU_R_Cruickshank_DPI             ? 
_refine.overall_SU_R_free                        ? 
_refine.overall_SU_ML                            ? 
_refine.pdbx_overall_ESU_R                       ? 
_refine.pdbx_data_cutoff_high_rms_absF           ? 
_refine.pdbx_solvent_vdw_probe_radii             ? 
_refine.pdbx_solvent_ion_probe_radii             ? 
_refine.pdbx_solvent_shrinkage_radii             ? 
_refine.ls_wR_factor_R_free                      ? 
_refine.ls_wR_factor_R_work                      ? 
_refine.overall_FOM_free_R_set                   ? 
_refine.overall_FOM_work_R_set                   ? 
_refine.pdbx_refine_id                           'X-RAY DIFFRACTION' 
_refine.pdbx_diffrn_id                           1 
_refine.pdbx_TLS_residual_ADP_flag               ? 
_refine.pdbx_overall_phase_error                 ? 
_refine.pdbx_overall_SU_R_free_Cruickshank_DPI   ? 
_refine.pdbx_overall_SU_R_Blow_DPI               ? 
_refine.pdbx_overall_SU_R_free_Blow_DPI          ? 
# 
_refine_analyze.entry_id                        1JUV 
_refine_analyze.Luzzati_coordinate_error_obs    0.24 
_refine_analyze.Luzzati_sigma_a_obs             0.20 
_refine_analyze.Luzzati_d_res_low_obs           5.00 
_refine_analyze.Luzzati_coordinate_error_free   0.28 
_refine_analyze.Luzzati_sigma_a_free            0.20 
_refine_analyze.Luzzati_d_res_low_free          ? 
_refine_analyze.number_disordered_residues      ? 
_refine_analyze.occupancy_sum_hydrogen          ? 
_refine_analyze.occupancy_sum_non_hydrogen      ? 
_refine_analyze.pdbx_Luzzati_d_res_high_obs     ? 
_refine_analyze.pdbx_refine_id                  'X-RAY DIFFRACTION' 
# 
_refine_hist.pdbx_refine_id                   'X-RAY DIFFRACTION' 
_refine_hist.cycle_id                         LAST 
_refine_hist.pdbx_number_atoms_protein        1531 
_refine_hist.pdbx_number_atoms_nucleic_acid   0 
_refine_hist.pdbx_number_atoms_ligand         48 
_refine_hist.number_atoms_solvent             115 
_refine_hist.number_atoms_total               1694 
_refine_hist.d_res_high                       1.70 
_refine_hist.d_res_low                        43.57 
# 
loop_
_refine_ls_restr.type 
_refine_ls_restr.dev_ideal 
_refine_ls_restr.dev_ideal_target 
_refine_ls_restr.weight 
_refine_ls_restr.number 
_refine_ls_restr.pdbx_refine_id 
_refine_ls_restr.pdbx_restraint_function 
c_bond_d           0.007 ?    ? ? 'X-RAY DIFFRACTION' ? 
c_angle_deg        1.4   ?    ? ? 'X-RAY DIFFRACTION' ? 
c_dihedral_angle_d 24.5  ?    ? ? 'X-RAY DIFFRACTION' ? 
c_improper_angle_d 0.84  ?    ? ? 'X-RAY DIFFRACTION' ? 
c_mcbond_it        1.25  1.50 ? ? 'X-RAY DIFFRACTION' ? 
c_mcangle_it       1.87  2.00 ? ? 'X-RAY DIFFRACTION' ? 
c_scbond_it        2.02  2.00 ? ? 'X-RAY DIFFRACTION' ? 
c_scangle_it       2.85  2.50 ? ? 'X-RAY DIFFRACTION' ? 
# 
_refine_ls_shell.pdbx_total_number_of_bins_used   6 
_refine_ls_shell.d_res_high                       1.70 
_refine_ls_shell.d_res_low                        1.81 
_refine_ls_shell.number_reflns_R_work             3628 
_refine_ls_shell.R_factor_R_work                  0.3 
_refine_ls_shell.percent_reflns_obs               91.6 
_refine_ls_shell.R_factor_R_free                  0.317 
_refine_ls_shell.R_factor_R_free_error            0.017 
_refine_ls_shell.percent_reflns_R_free            9.2 
_refine_ls_shell.number_reflns_R_free             367 
_refine_ls_shell.number_reflns_obs                3995 
_refine_ls_shell.redundancy_reflns_obs            ? 
_refine_ls_shell.number_reflns_all                ? 
_refine_ls_shell.pdbx_refine_id                   'X-RAY DIFFRACTION' 
_refine_ls_shell.R_factor_all                     ? 
# 
loop_
_pdbx_xplor_file.serial_no 
_pdbx_xplor_file.param_file 
_pdbx_xplor_file.topol_file 
_pdbx_xplor_file.pdbx_refine_id 
1 PROTEIN_REP.PARAM PROTEIN.TOP 'X-RAY DIFFRACTION' 
2 NDP.PARAM         NDP.TOP     'X-RAY DIFFRACTION' 
3 WATER_REP.PARAM   WATER.TOP   'X-RAY DIFFRACTION' 
# 
_struct.entry_id                  1JUV 
_struct.title                     'Crystal structure analysis of Dihydrofolate reductase from Bacteriophage T4' 
_struct.pdbx_model_details        ? 
_struct.pdbx_CASP_flag            ? 
_struct.pdbx_model_type_details   ? 
# 
_struct_keywords.entry_id        1JUV 
_struct_keywords.pdbx_keywords   OXIDOREDUCTASE 
_struct_keywords.text            'complexed with NADPH, OXIDOREDUCTASE' 
# 
loop_
_struct_asym.id 
_struct_asym.pdbx_blank_PDB_chainid_flag 
_struct_asym.pdbx_modified 
_struct_asym.entity_id 
_struct_asym.details 
A N N 1 ? 
B N N 2 ? 
C N N 3 ? 
# 
_struct_ref.id                         1 
_struct_ref.db_name                    UNP 
_struct_ref.db_code                    DYR_BPT4 
_struct_ref.entity_id                  1 
_struct_ref.pdbx_seq_one_letter_code   ? 
_struct_ref.pdbx_align_begin           ? 
_struct_ref.pdbx_db_accession          P04382 
_struct_ref.pdbx_db_isoform            ? 
# 
_struct_ref_seq.align_id                      1 
_struct_ref_seq.ref_id                        1 
_struct_ref_seq.pdbx_PDB_id_code              1JUV 
_struct_ref_seq.pdbx_strand_id                A 
_struct_ref_seq.seq_align_beg                 1 
_struct_ref_seq.pdbx_seq_align_beg_ins_code   ? 
_struct_ref_seq.seq_align_end                 193 
_struct_ref_seq.pdbx_seq_align_end_ins_code   ? 
_struct_ref_seq.pdbx_db_accession             P04382 
_struct_ref_seq.db_align_beg                  1 
_struct_ref_seq.pdbx_db_align_beg_ins_code    ? 
_struct_ref_seq.db_align_end                  193 
_struct_ref_seq.pdbx_db_align_end_ins_code    ? 
_struct_ref_seq.pdbx_auth_seq_align_beg       1 
_struct_ref_seq.pdbx_auth_seq_align_end       193 
# 
_pdbx_struct_assembly.id                   1 
_pdbx_struct_assembly.details              author_defined_assembly 
_pdbx_struct_assembly.method_details       ? 
_pdbx_struct_assembly.oligomeric_details   dimeric 
_pdbx_struct_assembly.oligomeric_count     2 
# 
_pdbx_struct_assembly_gen.assembly_id       1 
_pdbx_struct_assembly_gen.oper_expression   1,2 
_pdbx_struct_assembly_gen.asym_id_list      A,B,C 
# 
loop_
_pdbx_struct_oper_list.id 
_pdbx_struct_oper_list.type 
_pdbx_struct_oper_list.name 
_pdbx_struct_oper_list.symmetry_operation 
_pdbx_struct_oper_list.matrix[1][1] 
_pdbx_struct_oper_list.matrix[1][2] 
_pdbx_struct_oper_list.matrix[1][3] 
_pdbx_struct_oper_list.vector[1] 
_pdbx_struct_oper_list.matrix[2][1] 
_pdbx_struct_oper_list.matrix[2][2] 
_pdbx_struct_oper_list.matrix[2][3] 
_pdbx_struct_oper_list.vector[2] 
_pdbx_struct_oper_list.matrix[3][1] 
_pdbx_struct_oper_list.matrix[3][2] 
_pdbx_struct_oper_list.matrix[3][3] 
_pdbx_struct_oper_list.vector[3] 
1 'identity operation'         1_555 x,y,z       1.0000000000  0.0000000000  0.0000000000 0.0000000000   0.0000000000  1.0000000000 0.0000000000  0.0000000000  0.0000000000 0.0000000000  1.0000000000  0.0000000000   
2 'crystal symmetry operation' 5_656 -x+1,y,-z+1 -0.9568370150 -0.2731057617 0.0993789195 -24.9885821275 -0.2731057617 0.7280259252 -0.6288016342 -8.7694608988 0.0993789195 -0.6288016342 -0.7711889102 -13.2463555640 
# 
_struct_biol.id                    1 
_struct_biol.pdbx_parent_biol_id   ? 
_struct_biol.details               ? 
# 
loop_
_struct_conf.conf_type_id 
_struct_conf.id 
_struct_conf.pdbx_PDB_helix_id 
_struct_conf.beg_label_comp_id 
_struct_conf.beg_label_asym_id 
_struct_conf.beg_label_seq_id 
_struct_conf.pdbx_beg_PDB_ins_code 
_struct_conf.end_label_comp_id 
_struct_conf.end_label_asym_id 
_struct_conf.end_label_seq_id 
_struct_conf.pdbx_end_PDB_ins_code 
_struct_conf.beg_auth_comp_id 
_struct_conf.beg_auth_asym_id 
_struct_conf.beg_auth_seq_id 
_struct_conf.end_auth_comp_id 
_struct_conf.end_auth_asym_id 
_struct_conf.end_auth_seq_id 
_struct_conf.pdbx_PDB_helix_class 
_struct_conf.details 
_struct_conf.pdbx_PDB_helix_length 
HELX_P HELX_P1 1 VAL A 33  ? GLU A 45  ? VAL A 33  GLU A 45  1 ? 13 
HELX_P HELX_P2 2 ALA A 53  ? SER A 58  ? ALA A 53  SER A 58  1 ? 6  
HELX_P HELX_P3 3 THR A 92  ? SER A 101 ? THR A 92  SER A 101 1 ? 10 
HELX_P HELX_P4 4 GLY A 129 ? LEU A 137 ? GLY A 129 LEU A 137 1 ? 9  
HELX_P HELX_P5 5 PRO A 138 ? ALA A 140 ? PRO A 138 ALA A 140 5 ? 3  
HELX_P HELX_P6 6 ASP A 161 ? LYS A 170 ? ASP A 161 LYS A 170 1 ? 10 
# 
_struct_conf_type.id          HELX_P 
_struct_conf_type.criteria    ? 
_struct_conf_type.reference   ? 
# 
loop_
_struct_sheet.id 
_struct_sheet.type 
_struct_sheet.number_strands 
_struct_sheet.details 
A ? 6 ? 
B ? 8 ? 
C ? 2 ? 
# 
loop_
_struct_sheet_order.sheet_id 
_struct_sheet_order.range_id_1 
_struct_sheet_order.range_id_2 
_struct_sheet_order.offset 
_struct_sheet_order.sense 
A 1 2 ? anti-parallel 
A 2 3 ? anti-parallel 
A 3 4 ? parallel      
A 4 5 ? anti-parallel 
A 5 6 ? anti-parallel 
B 1 2 ? anti-parallel 
B 2 3 ? anti-parallel 
B 3 4 ? parallel      
B 4 5 ? parallel      
B 5 6 ? parallel      
B 6 7 ? parallel      
B 7 8 ? parallel      
C 1 2 ? anti-parallel 
# 
loop_
_struct_sheet_range.sheet_id 
_struct_sheet_range.id 
_struct_sheet_range.beg_label_comp_id 
_struct_sheet_range.beg_label_asym_id 
_struct_sheet_range.beg_label_seq_id 
_struct_sheet_range.pdbx_beg_PDB_ins_code 
_struct_sheet_range.end_label_comp_id 
_struct_sheet_range.end_label_asym_id 
_struct_sheet_range.end_label_seq_id 
_struct_sheet_range.pdbx_end_PDB_ins_code 
_struct_sheet_range.beg_auth_comp_id 
_struct_sheet_range.beg_auth_asym_id 
_struct_sheet_range.beg_auth_seq_id 
_struct_sheet_range.end_auth_comp_id 
_struct_sheet_range.end_auth_asym_id 
_struct_sheet_range.end_auth_seq_id 
A 1 MET A 173 ? ASP A 182 ? MET A 173 ASP A 182 
A 2 THR A 185 ? TYR A 192 ? THR A 185 TYR A 192 
A 3 GLU A 142 ? LYS A 150 ? GLU A 142 LYS A 150 
A 4 ILE A 2   ? LYS A 12  ? ILE A 2   LYS A 12  
A 5 ASN A 18  ? GLY A 23  ? ASN A 18  GLY A 23  
A 6 VAL A 158 ? LEU A 160 ? VAL A 158 LEU A 160 
B 1 MET A 173 ? ASP A 182 ? MET A 173 ASP A 182 
B 2 THR A 185 ? TYR A 192 ? THR A 185 TYR A 192 
B 3 GLU A 142 ? LYS A 150 ? GLU A 142 LYS A 150 
B 4 ILE A 2   ? LYS A 12  ? ILE A 2   LYS A 12  
B 5 VAL A 124 ? GLY A 128 ? VAL A 124 GLY A 128 
B 6 ILE A 48  ? GLY A 52  ? ILE A 48  GLY A 52  
B 7 HIS A 68  ? VAL A 71  ? HIS A 68  VAL A 71  
B 8 PHE A 89  ? ILE A 91  ? PHE A 89  ILE A 91  
C 1 ILE A 105 ? SER A 108 ? ILE A 105 SER A 108 
C 2 GLU A 115 ? LEU A 118 ? GLU A 115 LEU A 118 
# 
loop_
_pdbx_struct_sheet_hbond.sheet_id 
_pdbx_struct_sheet_hbond.range_id_1 
_pdbx_struct_sheet_hbond.range_id_2 
_pdbx_struct_sheet_hbond.range_1_label_atom_id 
_pdbx_struct_sheet_hbond.range_1_label_comp_id 
_pdbx_struct_sheet_hbond.range_1_label_asym_id 
_pdbx_struct_sheet_hbond.range_1_label_seq_id 
_pdbx_struct_sheet_hbond.range_1_PDB_ins_code 
_pdbx_struct_sheet_hbond.range_1_auth_atom_id 
_pdbx_struct_sheet_hbond.range_1_auth_comp_id 
_pdbx_struct_sheet_hbond.range_1_auth_asym_id 
_pdbx_struct_sheet_hbond.range_1_auth_seq_id 
_pdbx_struct_sheet_hbond.range_2_label_atom_id 
_pdbx_struct_sheet_hbond.range_2_label_comp_id 
_pdbx_struct_sheet_hbond.range_2_label_asym_id 
_pdbx_struct_sheet_hbond.range_2_label_seq_id 
_pdbx_struct_sheet_hbond.range_2_PDB_ins_code 
_pdbx_struct_sheet_hbond.range_2_auth_atom_id 
_pdbx_struct_sheet_hbond.range_2_auth_comp_id 
_pdbx_struct_sheet_hbond.range_2_auth_asym_id 
_pdbx_struct_sheet_hbond.range_2_auth_seq_id 
A 1 2 N GLU A 175 ? N GLU A 175 O VAL A 191 ? O VAL A 191 
A 2 3 O SER A 190 ? O SER A 190 N VAL A 145 ? N VAL A 145 
A 3 4 O VAL A 144 ? O VAL A 144 N LEU A 4   ? N LEU A 4   
A 4 5 N THR A 11  ? N THR A 11  O GLU A 19  ? O GLU A 19  
A 5 6 N GLY A 23  ? N GLY A 23  O VAL A 158 ? O VAL A 158 
B 1 2 N GLU A 175 ? N GLU A 175 O VAL A 191 ? O VAL A 191 
B 2 3 O SER A 190 ? O SER A 190 N VAL A 145 ? N VAL A 145 
B 3 4 O VAL A 144 ? O VAL A 144 N LEU A 4   ? N LEU A 4   
B 4 5 N LYS A 3   ? N LYS A 3   O VAL A 126 ? O VAL A 126 
B 5 6 O SER A 125 ? O SER A 125 N ILE A 50  ? N ILE A 50  
B 6 7 N MET A 49  ? N MET A 49  O ILE A 69  ? O ILE A 69  
B 7 8 N VAL A 70  ? N VAL A 70  O PHE A 89  ? O PHE A 89  
C 1 2 N VAL A 107 ? N VAL A 107 O THR A 116 ? O THR A 116 
# 
_struct_site.id                   AC1 
_struct_site.pdbx_evidence_code   Software 
_struct_site.pdbx_auth_asym_id    A 
_struct_site.pdbx_auth_comp_id    NDP 
_struct_site.pdbx_auth_seq_id     194 
_struct_site.pdbx_auth_ins_code   ? 
_struct_site.pdbx_num_residues    26 
_struct_site.details              'BINDING SITE FOR RESIDUE NDP A 194' 
# 
loop_
_struct_site_gen.id 
_struct_site_gen.site_id 
_struct_site_gen.pdbx_num_res 
_struct_site_gen.label_comp_id 
_struct_site_gen.label_asym_id 
_struct_site_gen.label_seq_id 
_struct_site_gen.pdbx_auth_ins_code 
_struct_site_gen.auth_comp_id 
_struct_site_gen.auth_asym_id 
_struct_site_gen.auth_seq_id 
_struct_site_gen.label_atom_id 
_struct_site_gen.label_alt_id 
_struct_site_gen.symmetry 
_struct_site_gen.details 
1  AC1 26 PHE A 6   ? PHE A 6   . ? 1_555 ? 
2  AC1 26 ARG A 7   ? ARG A 7   . ? 1_555 ? 
3  AC1 26 PHE A 22  ? PHE A 22  . ? 1_555 ? 
4  AC1 26 GLY A 23  ? GLY A 23  . ? 1_555 ? 
5  AC1 26 LEU A 24  ? LEU A 24  . ? 1_555 ? 
6  AC1 26 GLY A 25  ? GLY A 25  . ? 1_555 ? 
7  AC1 26 GLY A 27  ? GLY A 27  . ? 1_555 ? 
8  AC1 26 TRP A 30  ? TRP A 30  . ? 1_555 ? 
9  AC1 26 GLY A 52  ? GLY A 52  . ? 1_555 ? 
10 AC1 26 ALA A 53  ? ALA A 53  . ? 1_555 ? 
11 AC1 26 LYS A 54  ? LYS A 54  . ? 1_555 ? 
12 AC1 26 THR A 55  ? THR A 55  . ? 1_555 ? 
13 AC1 26 CYS A 72  ? CYS A 72  . ? 1_555 ? 
14 AC1 26 ASP A 73  ? ASP A 73  . ? 1_555 ? 
15 AC1 26 ARG A 76  ? ARG A 76  . ? 1_555 ? 
16 AC1 26 ASP A 77  ? ASP A 77  . ? 1_555 ? 
17 AC1 26 PRO A 79  ? PRO A 79  . ? 1_555 ? 
18 AC1 26 GLY A 128 ? GLY A 128 . ? 1_555 ? 
19 AC1 26 GLY A 129 ? GLY A 129 . ? 1_555 ? 
20 AC1 26 PRO A 130 ? PRO A 130 . ? 1_555 ? 
21 AC1 26 HOH C .   ? HOH A 199 . ? 1_555 ? 
22 AC1 26 HOH C .   ? HOH A 224 . ? 1_555 ? 
23 AC1 26 HOH C .   ? HOH A 251 . ? 5_656 ? 
24 AC1 26 HOH C .   ? HOH A 257 . ? 1_555 ? 
25 AC1 26 HOH C .   ? HOH A 289 . ? 1_555 ? 
26 AC1 26 HOH C .   ? HOH A 295 . ? 1_555 ? 
# 
_pdbx_validate_torsion.id              1 
_pdbx_validate_torsion.PDB_model_num   1 
_pdbx_validate_torsion.auth_comp_id    ASP 
_pdbx_validate_torsion.auth_asym_id    A 
_pdbx_validate_torsion.auth_seq_id     119 
_pdbx_validate_torsion.PDB_ins_code    ? 
_pdbx_validate_torsion.label_alt_id    ? 
_pdbx_validate_torsion.phi             -128.02 
_pdbx_validate_torsion.psi             -168.19 
# 
loop_
_chem_comp_atom.comp_id 
_chem_comp_atom.atom_id 
_chem_comp_atom.type_symbol 
_chem_comp_atom.pdbx_aromatic_flag 
_chem_comp_atom.pdbx_stereo_config 
_chem_comp_atom.pdbx_ordinal 
ALA N    N N N 1   
ALA CA   C N S 2   
ALA C    C N N 3   
ALA O    O N N 4   
ALA CB   C N N 5   
ALA OXT  O N N 6   
ALA H    H N N 7   
ALA H2   H N N 8   
ALA HA   H N N 9   
ALA HB1  H N N 10  
ALA HB2  H N N 11  
ALA HB3  H N N 12  
ALA HXT  H N N 13  
ARG N    N N N 14  
ARG CA   C N S 15  
ARG C    C N N 16  
ARG O    O N N 17  
ARG CB   C N N 18  
ARG CG   C N N 19  
ARG CD   C N N 20  
ARG NE   N N N 21  
ARG CZ   C N N 22  
ARG NH1  N N N 23  
ARG NH2  N N N 24  
ARG OXT  O N N 25  
ARG H    H N N 26  
ARG H2   H N N 27  
ARG HA   H N N 28  
ARG HB2  H N N 29  
ARG HB3  H N N 30  
ARG HG2  H N N 31  
ARG HG3  H N N 32  
ARG HD2  H N N 33  
ARG HD3  H N N 34  
ARG HE   H N N 35  
ARG HH11 H N N 36  
ARG HH12 H N N 37  
ARG HH21 H N N 38  
ARG HH22 H N N 39  
ARG HXT  H N N 40  
ASN N    N N N 41  
ASN CA   C N S 42  
ASN C    C N N 43  
ASN O    O N N 44  
ASN CB   C N N 45  
ASN CG   C N N 46  
ASN OD1  O N N 47  
ASN ND2  N N N 48  
ASN OXT  O N N 49  
ASN H    H N N 50  
ASN H2   H N N 51  
ASN HA   H N N 52  
ASN HB2  H N N 53  
ASN HB3  H N N 54  
ASN HD21 H N N 55  
ASN HD22 H N N 56  
ASN HXT  H N N 57  
ASP N    N N N 58  
ASP CA   C N S 59  
ASP C    C N N 60  
ASP O    O N N 61  
ASP CB   C N N 62  
ASP CG   C N N 63  
ASP OD1  O N N 64  
ASP OD2  O N N 65  
ASP OXT  O N N 66  
ASP H    H N N 67  
ASP H2   H N N 68  
ASP HA   H N N 69  
ASP HB2  H N N 70  
ASP HB3  H N N 71  
ASP HD2  H N N 72  
ASP HXT  H N N 73  
CYS N    N N N 74  
CYS CA   C N R 75  
CYS C    C N N 76  
CYS O    O N N 77  
CYS CB   C N N 78  
CYS SG   S N N 79  
CYS OXT  O N N 80  
CYS H    H N N 81  
CYS H2   H N N 82  
CYS HA   H N N 83  
CYS HB2  H N N 84  
CYS HB3  H N N 85  
CYS HG   H N N 86  
CYS HXT  H N N 87  
GLN N    N N N 88  
GLN CA   C N S 89  
GLN C    C N N 90  
GLN O    O N N 91  
GLN CB   C N N 92  
GLN CG   C N N 93  
GLN CD   C N N 94  
GLN OE1  O N N 95  
GLN NE2  N N N 96  
GLN OXT  O N N 97  
GLN H    H N N 98  
GLN H2   H N N 99  
GLN HA   H N N 100 
GLN HB2  H N N 101 
GLN HB3  H N N 102 
GLN HG2  H N N 103 
GLN HG3  H N N 104 
GLN HE21 H N N 105 
GLN HE22 H N N 106 
GLN HXT  H N N 107 
GLU N    N N N 108 
GLU CA   C N S 109 
GLU C    C N N 110 
GLU O    O N N 111 
GLU CB   C N N 112 
GLU CG   C N N 113 
GLU CD   C N N 114 
GLU OE1  O N N 115 
GLU OE2  O N N 116 
GLU OXT  O N N 117 
GLU H    H N N 118 
GLU H2   H N N 119 
GLU HA   H N N 120 
GLU HB2  H N N 121 
GLU HB3  H N N 122 
GLU HG2  H N N 123 
GLU HG3  H N N 124 
GLU HE2  H N N 125 
GLU HXT  H N N 126 
GLY N    N N N 127 
GLY CA   C N N 128 
GLY C    C N N 129 
GLY O    O N N 130 
GLY OXT  O N N 131 
GLY H    H N N 132 
GLY H2   H N N 133 
GLY HA2  H N N 134 
GLY HA3  H N N 135 
GLY HXT  H N N 136 
HIS N    N N N 137 
HIS CA   C N S 138 
HIS C    C N N 139 
HIS O    O N N 140 
HIS CB   C N N 141 
HIS CG   C Y N 142 
HIS ND1  N Y N 143 
HIS CD2  C Y N 144 
HIS CE1  C Y N 145 
HIS NE2  N Y N 146 
HIS OXT  O N N 147 
HIS H    H N N 148 
HIS H2   H N N 149 
HIS HA   H N N 150 
HIS HB2  H N N 151 
HIS HB3  H N N 152 
HIS HD1  H N N 153 
HIS HD2  H N N 154 
HIS HE1  H N N 155 
HIS HE2  H N N 156 
HIS HXT  H N N 157 
HOH O    O N N 158 
HOH H1   H N N 159 
HOH H2   H N N 160 
ILE N    N N N 161 
ILE CA   C N S 162 
ILE C    C N N 163 
ILE O    O N N 164 
ILE CB   C N S 165 
ILE CG1  C N N 166 
ILE CG2  C N N 167 
ILE CD1  C N N 168 
ILE OXT  O N N 169 
ILE H    H N N 170 
ILE H2   H N N 171 
ILE HA   H N N 172 
ILE HB   H N N 173 
ILE HG12 H N N 174 
ILE HG13 H N N 175 
ILE HG21 H N N 176 
ILE HG22 H N N 177 
ILE HG23 H N N 178 
ILE HD11 H N N 179 
ILE HD12 H N N 180 
ILE HD13 H N N 181 
ILE HXT  H N N 182 
LEU N    N N N 183 
LEU CA   C N S 184 
LEU C    C N N 185 
LEU O    O N N 186 
LEU CB   C N N 187 
LEU CG   C N N 188 
LEU CD1  C N N 189 
LEU CD2  C N N 190 
LEU OXT  O N N 191 
LEU H    H N N 192 
LEU H2   H N N 193 
LEU HA   H N N 194 
LEU HB2  H N N 195 
LEU HB3  H N N 196 
LEU HG   H N N 197 
LEU HD11 H N N 198 
LEU HD12 H N N 199 
LEU HD13 H N N 200 
LEU HD21 H N N 201 
LEU HD22 H N N 202 
LEU HD23 H N N 203 
LEU HXT  H N N 204 
LYS N    N N N 205 
LYS CA   C N S 206 
LYS C    C N N 207 
LYS O    O N N 208 
LYS CB   C N N 209 
LYS CG   C N N 210 
LYS CD   C N N 211 
LYS CE   C N N 212 
LYS NZ   N N N 213 
LYS OXT  O N N 214 
LYS H    H N N 215 
LYS H2   H N N 216 
LYS HA   H N N 217 
LYS HB2  H N N 218 
LYS HB3  H N N 219 
LYS HG2  H N N 220 
LYS HG3  H N N 221 
LYS HD2  H N N 222 
LYS HD3  H N N 223 
LYS HE2  H N N 224 
LYS HE3  H N N 225 
LYS HZ1  H N N 226 
LYS HZ2  H N N 227 
LYS HZ3  H N N 228 
LYS HXT  H N N 229 
MET N    N N N 230 
MET CA   C N S 231 
MET C    C N N 232 
MET O    O N N 233 
MET CB   C N N 234 
MET CG   C N N 235 
MET SD   S N N 236 
MET CE   C N N 237 
MET OXT  O N N 238 
MET H    H N N 239 
MET H2   H N N 240 
MET HA   H N N 241 
MET HB2  H N N 242 
MET HB3  H N N 243 
MET HG2  H N N 244 
MET HG3  H N N 245 
MET HE1  H N N 246 
MET HE2  H N N 247 
MET HE3  H N N 248 
MET HXT  H N N 249 
NDP PA   P N S 250 
NDP O1A  O N N 251 
NDP O2A  O N N 252 
NDP O5B  O N N 253 
NDP C5B  C N N 254 
NDP C4B  C N R 255 
NDP O4B  O N N 256 
NDP C3B  C N R 257 
NDP O3B  O N N 258 
NDP C2B  C N R 259 
NDP O2B  O N N 260 
NDP C1B  C N R 261 
NDP N9A  N Y N 262 
NDP C8A  C Y N 263 
NDP N7A  N Y N 264 
NDP C5A  C Y N 265 
NDP C6A  C Y N 266 
NDP N6A  N N N 267 
NDP N1A  N Y N 268 
NDP C2A  C Y N 269 
NDP N3A  N Y N 270 
NDP C4A  C Y N 271 
NDP O3   O N N 272 
NDP PN   P N S 273 
NDP O1N  O N N 274 
NDP O2N  O N N 275 
NDP O5D  O N N 276 
NDP C5D  C N N 277 
NDP C4D  C N R 278 
NDP O4D  O N N 279 
NDP C3D  C N S 280 
NDP O3D  O N N 281 
NDP C2D  C N R 282 
NDP O2D  O N N 283 
NDP C1D  C N R 284 
NDP N1N  N N N 285 
NDP C2N  C N N 286 
NDP C3N  C N N 287 
NDP C7N  C N N 288 
NDP O7N  O N N 289 
NDP N7N  N N N 290 
NDP C4N  C N N 291 
NDP C5N  C N N 292 
NDP C6N  C N N 293 
NDP P2B  P N N 294 
NDP O1X  O N N 295 
NDP O2X  O N N 296 
NDP O3X  O N N 297 
NDP HOA2 H N N 298 
NDP H51A H N N 299 
NDP H52A H N N 300 
NDP H4B  H N N 301 
NDP H3B  H N N 302 
NDP HO3A H N N 303 
NDP H2B  H N N 304 
NDP H1B  H N N 305 
NDP H8A  H N N 306 
NDP H61A H N N 307 
NDP H62A H N N 308 
NDP H2A  H N N 309 
NDP H21N H N N 310 
NDP H51N H N N 311 
NDP H52N H N N 312 
NDP H4D  H N N 313 
NDP H3D  H N N 314 
NDP HO3N H N N 315 
NDP H2D  H N N 316 
NDP HO2N H N N 317 
NDP H1D  H N N 318 
NDP H2N  H N N 319 
NDP H71N H N N 320 
NDP H72N H N N 321 
NDP H41N H N N 322 
NDP H42N H N N 323 
NDP H5N  H N N 324 
NDP H6N  H N N 325 
NDP HOP2 H N N 326 
NDP HOP3 H N N 327 
PHE N    N N N 328 
PHE CA   C N S 329 
PHE C    C N N 330 
PHE O    O N N 331 
PHE CB   C N N 332 
PHE CG   C Y N 333 
PHE CD1  C Y N 334 
PHE CD2  C Y N 335 
PHE CE1  C Y N 336 
PHE CE2  C Y N 337 
PHE CZ   C Y N 338 
PHE OXT  O N N 339 
PHE H    H N N 340 
PHE H2   H N N 341 
PHE HA   H N N 342 
PHE HB2  H N N 343 
PHE HB3  H N N 344 
PHE HD1  H N N 345 
PHE HD2  H N N 346 
PHE HE1  H N N 347 
PHE HE2  H N N 348 
PHE HZ   H N N 349 
PHE HXT  H N N 350 
PRO N    N N N 351 
PRO CA   C N S 352 
PRO C    C N N 353 
PRO O    O N N 354 
PRO CB   C N N 355 
PRO CG   C N N 356 
PRO CD   C N N 357 
PRO OXT  O N N 358 
PRO H    H N N 359 
PRO HA   H N N 360 
PRO HB2  H N N 361 
PRO HB3  H N N 362 
PRO HG2  H N N 363 
PRO HG3  H N N 364 
PRO HD2  H N N 365 
PRO HD3  H N N 366 
PRO HXT  H N N 367 
SER N    N N N 368 
SER CA   C N S 369 
SER C    C N N 370 
SER O    O N N 371 
SER CB   C N N 372 
SER OG   O N N 373 
SER OXT  O N N 374 
SER H    H N N 375 
SER H2   H N N 376 
SER HA   H N N 377 
SER HB2  H N N 378 
SER HB3  H N N 379 
SER HG   H N N 380 
SER HXT  H N N 381 
THR N    N N N 382 
THR CA   C N S 383 
THR C    C N N 384 
THR O    O N N 385 
THR CB   C N R 386 
THR OG1  O N N 387 
THR CG2  C N N 388 
THR OXT  O N N 389 
THR H    H N N 390 
THR H2   H N N 391 
THR HA   H N N 392 
THR HB   H N N 393 
THR HG1  H N N 394 
THR HG21 H N N 395 
THR HG22 H N N 396 
THR HG23 H N N 397 
THR HXT  H N N 398 
TRP N    N N N 399 
TRP CA   C N S 400 
TRP C    C N N 401 
TRP O    O N N 402 
TRP CB   C N N 403 
TRP CG   C Y N 404 
TRP CD1  C Y N 405 
TRP CD2  C Y N 406 
TRP NE1  N Y N 407 
TRP CE2  C Y N 408 
TRP CE3  C Y N 409 
TRP CZ2  C Y N 410 
TRP CZ3  C Y N 411 
TRP CH2  C Y N 412 
TRP OXT  O N N 413 
TRP H    H N N 414 
TRP H2   H N N 415 
TRP HA   H N N 416 
TRP HB2  H N N 417 
TRP HB3  H N N 418 
TRP HD1  H N N 419 
TRP HE1  H N N 420 
TRP HE3  H N N 421 
TRP HZ2  H N N 422 
TRP HZ3  H N N 423 
TRP HH2  H N N 424 
TRP HXT  H N N 425 
TYR N    N N N 426 
TYR CA   C N S 427 
TYR C    C N N 428 
TYR O    O N N 429 
TYR CB   C N N 430 
TYR CG   C Y N 431 
TYR CD1  C Y N 432 
TYR CD2  C Y N 433 
TYR CE1  C Y N 434 
TYR CE2  C Y N 435 
TYR CZ   C Y N 436 
TYR OH   O N N 437 
TYR OXT  O N N 438 
TYR H    H N N 439 
TYR H2   H N N 440 
TYR HA   H N N 441 
TYR HB2  H N N 442 
TYR HB3  H N N 443 
TYR HD1  H N N 444 
TYR HD2  H N N 445 
TYR HE1  H N N 446 
TYR HE2  H N N 447 
TYR HH   H N N 448 
TYR HXT  H N N 449 
VAL N    N N N 450 
VAL CA   C N S 451 
VAL C    C N N 452 
VAL O    O N N 453 
VAL CB   C N N 454 
VAL CG1  C N N 455 
VAL CG2  C N N 456 
VAL OXT  O N N 457 
VAL H    H N N 458 
VAL H2   H N N 459 
VAL HA   H N N 460 
VAL HB   H N N 461 
VAL HG11 H N N 462 
VAL HG12 H N N 463 
VAL HG13 H N N 464 
VAL HG21 H N N 465 
VAL HG22 H N N 466 
VAL HG23 H N N 467 
VAL HXT  H N N 468 
# 
loop_
_chem_comp_bond.comp_id 
_chem_comp_bond.atom_id_1 
_chem_comp_bond.atom_id_2 
_chem_comp_bond.value_order 
_chem_comp_bond.pdbx_aromatic_flag 
_chem_comp_bond.pdbx_stereo_config 
_chem_comp_bond.pdbx_ordinal 
ALA N   CA   sing N N 1   
ALA N   H    sing N N 2   
ALA N   H2   sing N N 3   
ALA CA  C    sing N N 4   
ALA CA  CB   sing N N 5   
ALA CA  HA   sing N N 6   
ALA C   O    doub N N 7   
ALA C   OXT  sing N N 8   
ALA CB  HB1  sing N N 9   
ALA CB  HB2  sing N N 10  
ALA CB  HB3  sing N N 11  
ALA OXT HXT  sing N N 12  
ARG N   CA   sing N N 13  
ARG N   H    sing N N 14  
ARG N   H2   sing N N 15  
ARG CA  C    sing N N 16  
ARG CA  CB   sing N N 17  
ARG CA  HA   sing N N 18  
ARG C   O    doub N N 19  
ARG C   OXT  sing N N 20  
ARG CB  CG   sing N N 21  
ARG CB  HB2  sing N N 22  
ARG CB  HB3  sing N N 23  
ARG CG  CD   sing N N 24  
ARG CG  HG2  sing N N 25  
ARG CG  HG3  sing N N 26  
ARG CD  NE   sing N N 27  
ARG CD  HD2  sing N N 28  
ARG CD  HD3  sing N N 29  
ARG NE  CZ   sing N N 30  
ARG NE  HE   sing N N 31  
ARG CZ  NH1  sing N N 32  
ARG CZ  NH2  doub N N 33  
ARG NH1 HH11 sing N N 34  
ARG NH1 HH12 sing N N 35  
ARG NH2 HH21 sing N N 36  
ARG NH2 HH22 sing N N 37  
ARG OXT HXT  sing N N 38  
ASN N   CA   sing N N 39  
ASN N   H    sing N N 40  
ASN N   H2   sing N N 41  
ASN CA  C    sing N N 42  
ASN CA  CB   sing N N 43  
ASN CA  HA   sing N N 44  
ASN C   O    doub N N 45  
ASN C   OXT  sing N N 46  
ASN CB  CG   sing N N 47  
ASN CB  HB2  sing N N 48  
ASN CB  HB3  sing N N 49  
ASN CG  OD1  doub N N 50  
ASN CG  ND2  sing N N 51  
ASN ND2 HD21 sing N N 52  
ASN ND2 HD22 sing N N 53  
ASN OXT HXT  sing N N 54  
ASP N   CA   sing N N 55  
ASP N   H    sing N N 56  
ASP N   H2   sing N N 57  
ASP CA  C    sing N N 58  
ASP CA  CB   sing N N 59  
ASP CA  HA   sing N N 60  
ASP C   O    doub N N 61  
ASP C   OXT  sing N N 62  
ASP CB  CG   sing N N 63  
ASP CB  HB2  sing N N 64  
ASP CB  HB3  sing N N 65  
ASP CG  OD1  doub N N 66  
ASP CG  OD2  sing N N 67  
ASP OD2 HD2  sing N N 68  
ASP OXT HXT  sing N N 69  
CYS N   CA   sing N N 70  
CYS N   H    sing N N 71  
CYS N   H2   sing N N 72  
CYS CA  C    sing N N 73  
CYS CA  CB   sing N N 74  
CYS CA  HA   sing N N 75  
CYS C   O    doub N N 76  
CYS C   OXT  sing N N 77  
CYS CB  SG   sing N N 78  
CYS CB  HB2  sing N N 79  
CYS CB  HB3  sing N N 80  
CYS SG  HG   sing N N 81  
CYS OXT HXT  sing N N 82  
GLN N   CA   sing N N 83  
GLN N   H    sing N N 84  
GLN N   H2   sing N N 85  
GLN CA  C    sing N N 86  
GLN CA  CB   sing N N 87  
GLN CA  HA   sing N N 88  
GLN C   O    doub N N 89  
GLN C   OXT  sing N N 90  
GLN CB  CG   sing N N 91  
GLN CB  HB2  sing N N 92  
GLN CB  HB3  sing N N 93  
GLN CG  CD   sing N N 94  
GLN CG  HG2  sing N N 95  
GLN CG  HG3  sing N N 96  
GLN CD  OE1  doub N N 97  
GLN CD  NE2  sing N N 98  
GLN NE2 HE21 sing N N 99  
GLN NE2 HE22 sing N N 100 
GLN OXT HXT  sing N N 101 
GLU N   CA   sing N N 102 
GLU N   H    sing N N 103 
GLU N   H2   sing N N 104 
GLU CA  C    sing N N 105 
GLU CA  CB   sing N N 106 
GLU CA  HA   sing N N 107 
GLU C   O    doub N N 108 
GLU C   OXT  sing N N 109 
GLU CB  CG   sing N N 110 
GLU CB  HB2  sing N N 111 
GLU CB  HB3  sing N N 112 
GLU CG  CD   sing N N 113 
GLU CG  HG2  sing N N 114 
GLU CG  HG3  sing N N 115 
GLU CD  OE1  doub N N 116 
GLU CD  OE2  sing N N 117 
GLU OE2 HE2  sing N N 118 
GLU OXT HXT  sing N N 119 
GLY N   CA   sing N N 120 
GLY N   H    sing N N 121 
GLY N   H2   sing N N 122 
GLY CA  C    sing N N 123 
GLY CA  HA2  sing N N 124 
GLY CA  HA3  sing N N 125 
GLY C   O    doub N N 126 
GLY C   OXT  sing N N 127 
GLY OXT HXT  sing N N 128 
HIS N   CA   sing N N 129 
HIS N   H    sing N N 130 
HIS N   H2   sing N N 131 
HIS CA  C    sing N N 132 
HIS CA  CB   sing N N 133 
HIS CA  HA   sing N N 134 
HIS C   O    doub N N 135 
HIS C   OXT  sing N N 136 
HIS CB  CG   sing N N 137 
HIS CB  HB2  sing N N 138 
HIS CB  HB3  sing N N 139 
HIS CG  ND1  sing Y N 140 
HIS CG  CD2  doub Y N 141 
HIS ND1 CE1  doub Y N 142 
HIS ND1 HD1  sing N N 143 
HIS CD2 NE2  sing Y N 144 
HIS CD2 HD2  sing N N 145 
HIS CE1 NE2  sing Y N 146 
HIS CE1 HE1  sing N N 147 
HIS NE2 HE2  sing N N 148 
HIS OXT HXT  sing N N 149 
HOH O   H1   sing N N 150 
HOH O   H2   sing N N 151 
ILE N   CA   sing N N 152 
ILE N   H    sing N N 153 
ILE N   H2   sing N N 154 
ILE CA  C    sing N N 155 
ILE CA  CB   sing N N 156 
ILE CA  HA   sing N N 157 
ILE C   O    doub N N 158 
ILE C   OXT  sing N N 159 
ILE CB  CG1  sing N N 160 
ILE CB  CG2  sing N N 161 
ILE CB  HB   sing N N 162 
ILE CG1 CD1  sing N N 163 
ILE CG1 HG12 sing N N 164 
ILE CG1 HG13 sing N N 165 
ILE CG2 HG21 sing N N 166 
ILE CG2 HG22 sing N N 167 
ILE CG2 HG23 sing N N 168 
ILE CD1 HD11 sing N N 169 
ILE CD1 HD12 sing N N 170 
ILE CD1 HD13 sing N N 171 
ILE OXT HXT  sing N N 172 
LEU N   CA   sing N N 173 
LEU N   H    sing N N 174 
LEU N   H2   sing N N 175 
LEU CA  C    sing N N 176 
LEU CA  CB   sing N N 177 
LEU CA  HA   sing N N 178 
LEU C   O    doub N N 179 
LEU C   OXT  sing N N 180 
LEU CB  CG   sing N N 181 
LEU CB  HB2  sing N N 182 
LEU CB  HB3  sing N N 183 
LEU CG  CD1  sing N N 184 
LEU CG  CD2  sing N N 185 
LEU CG  HG   sing N N 186 
LEU CD1 HD11 sing N N 187 
LEU CD1 HD12 sing N N 188 
LEU CD1 HD13 sing N N 189 
LEU CD2 HD21 sing N N 190 
LEU CD2 HD22 sing N N 191 
LEU CD2 HD23 sing N N 192 
LEU OXT HXT  sing N N 193 
LYS N   CA   sing N N 194 
LYS N   H    sing N N 195 
LYS N   H2   sing N N 196 
LYS CA  C    sing N N 197 
LYS CA  CB   sing N N 198 
LYS CA  HA   sing N N 199 
LYS C   O    doub N N 200 
LYS C   OXT  sing N N 201 
LYS CB  CG   sing N N 202 
LYS CB  HB2  sing N N 203 
LYS CB  HB3  sing N N 204 
LYS CG  CD   sing N N 205 
LYS CG  HG2  sing N N 206 
LYS CG  HG3  sing N N 207 
LYS CD  CE   sing N N 208 
LYS CD  HD2  sing N N 209 
LYS CD  HD3  sing N N 210 
LYS CE  NZ   sing N N 211 
LYS CE  HE2  sing N N 212 
LYS CE  HE3  sing N N 213 
LYS NZ  HZ1  sing N N 214 
LYS NZ  HZ2  sing N N 215 
LYS NZ  HZ3  sing N N 216 
LYS OXT HXT  sing N N 217 
MET N   CA   sing N N 218 
MET N   H    sing N N 219 
MET N   H2   sing N N 220 
MET CA  C    sing N N 221 
MET CA  CB   sing N N 222 
MET CA  HA   sing N N 223 
MET C   O    doub N N 224 
MET C   OXT  sing N N 225 
MET CB  CG   sing N N 226 
MET CB  HB2  sing N N 227 
MET CB  HB3  sing N N 228 
MET CG  SD   sing N N 229 
MET CG  HG2  sing N N 230 
MET CG  HG3  sing N N 231 
MET SD  CE   sing N N 232 
MET CE  HE1  sing N N 233 
MET CE  HE2  sing N N 234 
MET CE  HE3  sing N N 235 
MET OXT HXT  sing N N 236 
NDP PA  O1A  doub N N 237 
NDP PA  O2A  sing N N 238 
NDP PA  O5B  sing N N 239 
NDP PA  O3   sing N N 240 
NDP O2A HOA2 sing N N 241 
NDP O5B C5B  sing N N 242 
NDP C5B C4B  sing N N 243 
NDP C5B H51A sing N N 244 
NDP C5B H52A sing N N 245 
NDP C4B O4B  sing N N 246 
NDP C4B C3B  sing N N 247 
NDP C4B H4B  sing N N 248 
NDP O4B C1B  sing N N 249 
NDP C3B O3B  sing N N 250 
NDP C3B C2B  sing N N 251 
NDP C3B H3B  sing N N 252 
NDP O3B HO3A sing N N 253 
NDP C2B O2B  sing N N 254 
NDP C2B C1B  sing N N 255 
NDP C2B H2B  sing N N 256 
NDP O2B P2B  sing N N 257 
NDP C1B N9A  sing N N 258 
NDP C1B H1B  sing N N 259 
NDP N9A C8A  sing Y N 260 
NDP N9A C4A  sing Y N 261 
NDP C8A N7A  doub Y N 262 
NDP C8A H8A  sing N N 263 
NDP N7A C5A  sing Y N 264 
NDP C5A C6A  sing Y N 265 
NDP C5A C4A  doub Y N 266 
NDP C6A N6A  sing N N 267 
NDP C6A N1A  doub Y N 268 
NDP N6A H61A sing N N 269 
NDP N6A H62A sing N N 270 
NDP N1A C2A  sing Y N 271 
NDP C2A N3A  doub Y N 272 
NDP C2A H2A  sing N N 273 
NDP N3A C4A  sing Y N 274 
NDP O3  PN   sing N N 275 
NDP PN  O1N  doub N N 276 
NDP PN  O2N  sing N N 277 
NDP PN  O5D  sing N N 278 
NDP O2N H21N sing N N 279 
NDP O5D C5D  sing N N 280 
NDP C5D C4D  sing N N 281 
NDP C5D H51N sing N N 282 
NDP C5D H52N sing N N 283 
NDP C4D O4D  sing N N 284 
NDP C4D C3D  sing N N 285 
NDP C4D H4D  sing N N 286 
NDP O4D C1D  sing N N 287 
NDP C3D O3D  sing N N 288 
NDP C3D C2D  sing N N 289 
NDP C3D H3D  sing N N 290 
NDP O3D HO3N sing N N 291 
NDP C2D O2D  sing N N 292 
NDP C2D C1D  sing N N 293 
NDP C2D H2D  sing N N 294 
NDP O2D HO2N sing N N 295 
NDP C1D N1N  sing N N 296 
NDP C1D H1D  sing N N 297 
NDP N1N C2N  sing N N 298 
NDP N1N C6N  sing N N 299 
NDP C2N C3N  doub N N 300 
NDP C2N H2N  sing N N 301 
NDP C3N C7N  sing N N 302 
NDP C3N C4N  sing N N 303 
NDP C7N O7N  doub N N 304 
NDP C7N N7N  sing N N 305 
NDP N7N H71N sing N N 306 
NDP N7N H72N sing N N 307 
NDP C4N C5N  sing N N 308 
NDP C4N H41N sing N N 309 
NDP C4N H42N sing N N 310 
NDP C5N C6N  doub N N 311 
NDP C5N H5N  sing N N 312 
NDP C6N H6N  sing N N 313 
NDP P2B O1X  doub N N 314 
NDP P2B O2X  sing N N 315 
NDP P2B O3X  sing N N 316 
NDP O2X HOP2 sing N N 317 
NDP O3X HOP3 sing N N 318 
PHE N   CA   sing N N 319 
PHE N   H    sing N N 320 
PHE N   H2   sing N N 321 
PHE CA  C    sing N N 322 
PHE CA  CB   sing N N 323 
PHE CA  HA   sing N N 324 
PHE C   O    doub N N 325 
PHE C   OXT  sing N N 326 
PHE CB  CG   sing N N 327 
PHE CB  HB2  sing N N 328 
PHE CB  HB3  sing N N 329 
PHE CG  CD1  doub Y N 330 
PHE CG  CD2  sing Y N 331 
PHE CD1 CE1  sing Y N 332 
PHE CD1 HD1  sing N N 333 
PHE CD2 CE2  doub Y N 334 
PHE CD2 HD2  sing N N 335 
PHE CE1 CZ   doub Y N 336 
PHE CE1 HE1  sing N N 337 
PHE CE2 CZ   sing Y N 338 
PHE CE2 HE2  sing N N 339 
PHE CZ  HZ   sing N N 340 
PHE OXT HXT  sing N N 341 
PRO N   CA   sing N N 342 
PRO N   CD   sing N N 343 
PRO N   H    sing N N 344 
PRO CA  C    sing N N 345 
PRO CA  CB   sing N N 346 
PRO CA  HA   sing N N 347 
PRO C   O    doub N N 348 
PRO C   OXT  sing N N 349 
PRO CB  CG   sing N N 350 
PRO CB  HB2  sing N N 351 
PRO CB  HB3  sing N N 352 
PRO CG  CD   sing N N 353 
PRO CG  HG2  sing N N 354 
PRO CG  HG3  sing N N 355 
PRO CD  HD2  sing N N 356 
PRO CD  HD3  sing N N 357 
PRO OXT HXT  sing N N 358 
SER N   CA   sing N N 359 
SER N   H    sing N N 360 
SER N   H2   sing N N 361 
SER CA  C    sing N N 362 
SER CA  CB   sing N N 363 
SER CA  HA   sing N N 364 
SER C   O    doub N N 365 
SER C   OXT  sing N N 366 
SER CB  OG   sing N N 367 
SER CB  HB2  sing N N 368 
SER CB  HB3  sing N N 369 
SER OG  HG   sing N N 370 
SER OXT HXT  sing N N 371 
THR N   CA   sing N N 372 
THR N   H    sing N N 373 
THR N   H2   sing N N 374 
THR CA  C    sing N N 375 
THR CA  CB   sing N N 376 
THR CA  HA   sing N N 377 
THR C   O    doub N N 378 
THR C   OXT  sing N N 379 
THR CB  OG1  sing N N 380 
THR CB  CG2  sing N N 381 
THR CB  HB   sing N N 382 
THR OG1 HG1  sing N N 383 
THR CG2 HG21 sing N N 384 
THR CG2 HG22 sing N N 385 
THR CG2 HG23 sing N N 386 
THR OXT HXT  sing N N 387 
TRP N   CA   sing N N 388 
TRP N   H    sing N N 389 
TRP N   H2   sing N N 390 
TRP CA  C    sing N N 391 
TRP CA  CB   sing N N 392 
TRP CA  HA   sing N N 393 
TRP C   O    doub N N 394 
TRP C   OXT  sing N N 395 
TRP CB  CG   sing N N 396 
TRP CB  HB2  sing N N 397 
TRP CB  HB3  sing N N 398 
TRP CG  CD1  doub Y N 399 
TRP CG  CD2  sing Y N 400 
TRP CD1 NE1  sing Y N 401 
TRP CD1 HD1  sing N N 402 
TRP CD2 CE2  doub Y N 403 
TRP CD2 CE3  sing Y N 404 
TRP NE1 CE2  sing Y N 405 
TRP NE1 HE1  sing N N 406 
TRP CE2 CZ2  sing Y N 407 
TRP CE3 CZ3  doub Y N 408 
TRP CE3 HE3  sing N N 409 
TRP CZ2 CH2  doub Y N 410 
TRP CZ2 HZ2  sing N N 411 
TRP CZ3 CH2  sing Y N 412 
TRP CZ3 HZ3  sing N N 413 
TRP CH2 HH2  sing N N 414 
TRP OXT HXT  sing N N 415 
TYR N   CA   sing N N 416 
TYR N   H    sing N N 417 
TYR N   H2   sing N N 418 
TYR CA  C    sing N N 419 
TYR CA  CB   sing N N 420 
TYR CA  HA   sing N N 421 
TYR C   O    doub N N 422 
TYR C   OXT  sing N N 423 
TYR CB  CG   sing N N 424 
TYR CB  HB2  sing N N 425 
TYR CB  HB3  sing N N 426 
TYR CG  CD1  doub Y N 427 
TYR CG  CD2  sing Y N 428 
TYR CD1 CE1  sing Y N 429 
TYR CD1 HD1  sing N N 430 
TYR CD2 CE2  doub Y N 431 
TYR CD2 HD2  sing N N 432 
TYR CE1 CZ   doub Y N 433 
TYR CE1 HE1  sing N N 434 
TYR CE2 CZ   sing Y N 435 
TYR CE2 HE2  sing N N 436 
TYR CZ  OH   sing N N 437 
TYR OH  HH   sing N N 438 
TYR OXT HXT  sing N N 439 
VAL N   CA   sing N N 440 
VAL N   H    sing N N 441 
VAL N   H2   sing N N 442 
VAL CA  C    sing N N 443 
VAL CA  CB   sing N N 444 
VAL CA  HA   sing N N 445 
VAL C   O    doub N N 446 
VAL C   OXT  sing N N 447 
VAL CB  CG1  sing N N 448 
VAL CB  CG2  sing N N 449 
VAL CB  HB   sing N N 450 
VAL CG1 HG11 sing N N 451 
VAL CG1 HG12 sing N N 452 
VAL CG1 HG13 sing N N 453 
VAL CG2 HG21 sing N N 454 
VAL CG2 HG22 sing N N 455 
VAL CG2 HG23 sing N N 456 
VAL OXT HXT  sing N N 457 
# 
_atom_sites.entry_id                    1JUV 
_atom_sites.fract_transf_matrix[1][1]   0.01513471 
_atom_sites.fract_transf_matrix[1][2]   0.00014070 
_atom_sites.fract_transf_matrix[1][3]   -0.00618676 
_atom_sites.fract_transf_matrix[2][1]   -0.00240207 
_atom_sites.fract_transf_matrix[2][2]   0.01519863 
_atom_sites.fract_transf_matrix[2][3]   -0.00553054 
_atom_sites.fract_transf_matrix[3][1]   0.00280954 
_atom_sites.fract_transf_matrix[3][2]   0.00296959 
_atom_sites.fract_transf_matrix[3][3]   0.00694054 
_atom_sites.fract_transf_vector[1]      0.648752 
_atom_sites.fract_transf_vector[2]      0.098700 
_atom_sites.fract_transf_vector[3]      0.594107 
# 
loop_
_atom_type.symbol 
C 
N 
O 
P 
S 
# 
loop_
_atom_site.group_PDB 
_atom_site.id 
_atom_site.type_symbol 
_atom_site.label_atom_id 
_atom_site.label_alt_id 
_atom_site.label_comp_id 
_atom_site.label_asym_id 
_atom_site.label_entity_id 
_atom_site.label_seq_id 
_atom_site.pdbx_PDB_ins_code 
_atom_site.Cartn_x 
_atom_site.Cartn_y 
_atom_site.Cartn_z 
_atom_site.occupancy 
_atom_site.B_iso_or_equiv 
_atom_site.pdbx_formal_charge 
_atom_site.auth_seq_id 
_atom_site.auth_comp_id 
_atom_site.auth_asym_id 
_atom_site.auth_atom_id 
_atom_site.pdbx_PDB_model_num 
ATOM   1    N N   . MET A 1 1   ? 2.757   -5.649  -14.947 1.00 24.86 ? 1   MET A N   1 
ATOM   2    C CA  . MET A 1 1   ? 3.049   -6.329  -13.654 1.00 24.00 ? 1   MET A CA  1 
ATOM   3    C C   . MET A 1 1   ? 2.417   -5.529  -12.516 0.79 23.50 ? 1   MET A C   1 
ATOM   4    O O   . MET A 1 1   ? 2.706   -4.343  -12.344 1.00 23.83 ? 1   MET A O   1 
ATOM   5    C CB  . MET A 1 1   ? 4.565   -6.425  -13.448 1.00 25.33 ? 1   MET A CB  1 
ATOM   6    C CG  . MET A 1 1   ? 5.030   -7.409  -12.375 1.00 28.03 ? 1   MET A CG  1 
ATOM   7    S SD  . MET A 1 1   ? 4.495   -7.017  -10.687 0.93 29.76 ? 1   MET A SD  1 
ATOM   8    C CE  . MET A 1 1   ? 5.382   -5.464  -10.387 1.00 28.39 ? 1   MET A CE  1 
ATOM   9    N N   . ILE A 1 2   ? 1.547   -6.184  -11.750 1.00 21.46 ? 2   ILE A N   1 
ATOM   10   C CA  . ILE A 1 2   ? 0.873   -5.552  -10.624 1.00 18.74 ? 2   ILE A CA  1 
ATOM   11   C C   . ILE A 1 2   ? 1.282   -6.263  -9.341  1.00 19.52 ? 2   ILE A C   1 
ATOM   12   O O   . ILE A 1 2   ? 1.060   -7.462  -9.181  1.00 19.80 ? 2   ILE A O   1 
ATOM   13   C CB  . ILE A 1 2   ? -0.660  -5.628  -10.767 1.00 18.76 ? 2   ILE A CB  1 
ATOM   14   C CG1 . ILE A 1 2   ? -1.110  -4.798  -11.974 0.99 18.56 ? 2   ILE A CG1 1 
ATOM   15   C CG2 . ILE A 1 2   ? -1.334  -5.131  -9.491  0.94 19.29 ? 2   ILE A CG2 1 
ATOM   16   C CD1 . ILE A 1 2   ? -2.570  -4.978  -12.320 0.75 21.79 ? 2   ILE A CD1 1 
ATOM   17   N N   . LYS A 1 3   ? 1.881   -5.507  -8.432  1.00 18.64 ? 3   LYS A N   1 
ATOM   18   C CA  . LYS A 1 3   ? 2.339   -6.034  -7.150  1.00 17.54 ? 3   LYS A CA  1 
ATOM   19   C C   . LYS A 1 3   ? 1.632   -5.317  -6.001  1.00 17.73 ? 3   LYS A C   1 
ATOM   20   O O   . LYS A 1 3   ? 1.491   -4.103  -6.031  1.00 20.62 ? 3   LYS A O   1 
ATOM   21   C CB  . LYS A 1 3   ? 3.850   -5.797  -7.030  1.00 17.92 ? 3   LYS A CB  1 
ATOM   22   C CG  . LYS A 1 3   ? 4.511   -6.348  -5.782  0.90 21.72 ? 3   LYS A CG  1 
ATOM   23   C CD  . LYS A 1 3   ? 5.914   -5.758  -5.601  0.96 21.93 ? 3   LYS A CD  1 
ATOM   24   C CE  . LYS A 1 3   ? 6.774   -5.919  -6.847  0.82 24.31 ? 3   LYS A CE  1 
ATOM   25   N NZ  . LYS A 1 3   ? 8.188   -5.472  -6.622  1.00 22.85 ? 3   LYS A NZ  1 
ATOM   26   N N   . LEU A 1 4   ? 1.154   -6.060  -5.009  1.00 16.50 ? 4   LEU A N   1 
ATOM   27   C CA  . LEU A 1 4   ? 0.549   -5.413  -3.849  1.00 15.86 ? 4   LEU A CA  1 
ATOM   28   C C   . LEU A 1 4   ? 1.664   -5.406  -2.809  1.00 15.28 ? 4   LEU A C   1 
ATOM   29   O O   . LEU A 1 4   ? 2.380   -6.398  -2.671  1.00 16.43 ? 4   LEU A O   1 
ATOM   30   C CB  . LEU A 1 4   ? -0.630  -6.215  -3.282  1.00 16.71 ? 4   LEU A CB  1 
ATOM   31   C CG  . LEU A 1 4   ? -1.794  -6.587  -4.201  0.73 20.52 ? 4   LEU A CG  1 
ATOM   32   C CD1 . LEU A 1 4   ? -2.963  -7.052  -3.346  0.93 19.50 ? 4   LEU A CD1 1 
ATOM   33   C CD2 . LEU A 1 4   ? -2.200  -5.406  -5.048  0.81 22.78 ? 4   LEU A CD2 1 
ATOM   34   N N   . VAL A 1 5   ? 1.828   -4.285  -2.110  1.00 14.09 ? 5   VAL A N   1 
ATOM   35   C CA  . VAL A 1 5   ? 2.848   -4.181  -1.061  1.00 14.06 ? 5   VAL A CA  1 
ATOM   36   C C   . VAL A 1 5   ? 2.179   -3.520  0.133   1.00 14.13 ? 5   VAL A C   1 
ATOM   37   O O   . VAL A 1 5   ? 1.932   -2.320  0.118   1.00 15.38 ? 5   VAL A O   1 
ATOM   38   C CB  . VAL A 1 5   ? 4.052   -3.312  -1.497  1.00 13.53 ? 5   VAL A CB  1 
ATOM   39   C CG1 . VAL A 1 5   ? 5.128   -3.335  -0.407  1.00 14.46 ? 5   VAL A CG1 1 
ATOM   40   C CG2 . VAL A 1 5   ? 4.623   -3.826  -2.815  0.99 14.71 ? 5   VAL A CG2 1 
ATOM   41   N N   . PHE A 1 6   ? 1.859   -4.297  1.159   1.00 15.20 ? 6   PHE A N   1 
ATOM   42   C CA  . PHE A 1 6   ? 1.204   -3.724  2.332   1.00 16.16 ? 6   PHE A CA  1 
ATOM   43   C C   . PHE A 1 6   ? 1.576   -4.459  3.607   1.00 16.97 ? 6   PHE A C   1 
ATOM   44   O O   . PHE A 1 6   ? 2.124   -5.563  3.576   1.00 15.54 ? 6   PHE A O   1 
ATOM   45   C CB  . PHE A 1 6   ? -0.320  -3.740  2.155   1.00 16.19 ? 6   PHE A CB  1 
ATOM   46   C CG  . PHE A 1 6   ? -0.924  -5.100  2.289   1.00 15.01 ? 6   PHE A CG  1 
ATOM   47   C CD1 . PHE A 1 6   ? -1.405  -5.545  3.517   1.00 15.39 ? 6   PHE A CD1 1 
ATOM   48   C CD2 . PHE A 1 6   ? -0.964  -5.965  1.200   1.00 15.03 ? 6   PHE A CD2 1 
ATOM   49   C CE1 . PHE A 1 6   ? -1.915  -6.833  3.658   0.85 16.84 ? 6   PHE A CE1 1 
ATOM   50   C CE2 . PHE A 1 6   ? -1.469  -7.249  1.338   1.00 13.42 ? 6   PHE A CE2 1 
ATOM   51   C CZ  . PHE A 1 6   ? -1.945  -7.684  2.565   1.00 14.20 ? 6   PHE A CZ  1 
ATOM   52   N N   . ARG A 1 7   ? 1.251   -3.843  4.735   1.00 16.23 ? 7   ARG A N   1 
ATOM   53   C CA  . ARG A 1 7   ? 1.562   -4.425  6.031   0.99 18.78 ? 7   ARG A CA  1 
ATOM   54   C C   . ARG A 1 7   ? 0.374   -4.311  6.968   1.00 18.70 ? 7   ARG A C   1 
ATOM   55   O O   . ARG A 1 7   ? -0.541  -3.527  6.724   1.00 19.16 ? 7   ARG A O   1 
ATOM   56   C CB  . ARG A 1 7   ? 2.746   -3.687  6.645   1.00 20.65 ? 7   ARG A CB  1 
ATOM   57   C CG  . ARG A 1 7   ? 3.964   -3.651  5.762   1.00 22.67 ? 7   ARG A CG  1 
ATOM   58   C CD  . ARG A 1 7   ? 4.653   -2.309  5.869   0.71 30.29 ? 7   ARG A CD  1 
ATOM   59   N NE  . ARG A 1 7   ? 4.084   -1.334  4.958   0.89 32.28 ? 7   ARG A NE  1 
ATOM   60   C CZ  . ARG A 1 7   ? 4.370   -0.037  4.975   0.94 31.68 ? 7   ARG A CZ  1 
ATOM   61   N NH1 . ARG A 1 7   ? 5.224   0.453   5.865   0.82 33.06 ? 7   ARG A NH1 1 
ATOM   62   N NH2 . ARG A 1 7   ? 3.807   0.768   4.091   1.00 29.56 ? 7   ARG A NH2 1 
ATOM   63   N N   . TYR A 1 8   ? 0.402   -5.095  8.040   1.00 16.34 ? 8   TYR A N   1 
ATOM   64   C CA  . TYR A 1 8   ? -0.645  -5.069  9.048   1.00 17.80 ? 8   TYR A CA  1 
ATOM   65   C C   . TYR A 1 8   ? -0.067  -5.657  10.324  0.77 19.00 ? 8   TYR A C   1 
ATOM   66   O O   . TYR A 1 8   ? 1.025   -6.237  10.315  1.00 19.28 ? 8   TYR A O   1 
ATOM   67   C CB  . TYR A 1 8   ? -1.859  -5.892  8.612   1.00 16.42 ? 8   TYR A CB  1 
ATOM   68   C CG  . TYR A 1 8   ? -1.627  -7.379  8.658   0.97 16.85 ? 8   TYR A CG  1 
ATOM   69   C CD1 . TYR A 1 8   ? -2.064  -8.145  9.742   1.00 16.25 ? 8   TYR A CD1 1 
ATOM   70   C CD2 . TYR A 1 8   ? -0.941  -8.020  7.632   1.00 14.82 ? 8   TYR A CD2 1 
ATOM   71   C CE1 . TYR A 1 8   ? -1.820  -9.514  9.799   1.00 15.98 ? 8   TYR A CE1 1 
ATOM   72   C CE2 . TYR A 1 8   ? -0.691  -9.382  7.676   0.98 18.20 ? 8   TYR A CE2 1 
ATOM   73   C CZ  . TYR A 1 8   ? -1.131  -10.126 8.760   1.00 17.47 ? 8   TYR A CZ  1 
ATOM   74   O OH  . TYR A 1 8   ? -0.870  -11.473 8.790   1.00 19.24 ? 8   TYR A OH  1 
ATOM   75   N N   . SER A 1 9   ? -0.800  -5.498  11.417  1.00 17.10 ? 9   SER A N   1 
ATOM   76   C CA  . SER A 1 9   ? -0.366  -6.019  12.702  1.00 19.57 ? 9   SER A CA  1 
ATOM   77   C C   . SER A 1 9   ? -1.532  -6.732  13.358  0.96 20.98 ? 9   SER A C   1 
ATOM   78   O O   . SER A 1 9   ? -2.544  -6.104  13.685  0.98 22.57 ? 9   SER A O   1 
ATOM   79   C CB  . SER A 1 9   ? 0.108   -4.873  13.599  0.84 21.46 ? 9   SER A CB  1 
ATOM   80   O OG  . SER A 1 9   ? 0.508   -5.343  14.879  0.98 22.31 ? 9   SER A OG  1 
ATOM   81   N N   . PRO A 1 10  ? -1.427  -8.062  13.530  1.00 20.83 ? 10  PRO A N   1 
ATOM   82   C CA  . PRO A 1 10  ? -2.510  -8.819  14.168  1.00 21.51 ? 10  PRO A CA  1 
ATOM   83   C C   . PRO A 1 10  ? -2.427  -8.457  15.646  0.76 22.63 ? 10  PRO A C   1 
ATOM   84   O O   . PRO A 1 10  ? -1.408  -8.698  16.289  0.81 24.54 ? 10  PRO A O   1 
ATOM   85   C CB  . PRO A 1 10  ? -2.128  -10.273 13.882  1.00 21.91 ? 10  PRO A CB  1 
ATOM   86   C CG  . PRO A 1 10  ? -0.633  -10.227 13.871  0.96 21.26 ? 10  PRO A CG  1 
ATOM   87   C CD  . PRO A 1 10  ? -0.327  -8.951  13.114  1.00 21.32 ? 10  PRO A CD  1 
ATOM   88   N N   . THR A 1 11  ? -3.489  -7.868  16.183  1.00 19.11 ? 11  THR A N   1 
ATOM   89   C CA  . THR A 1 11  ? -3.457  -7.435  17.568  1.00 20.20 ? 11  THR A CA  1 
ATOM   90   C C   . THR A 1 11  ? -4.758  -7.753  18.292  1.00 20.19 ? 11  THR A C   1 
ATOM   91   O O   . THR A 1 11  ? -5.618  -8.451  17.759  1.00 20.80 ? 11  THR A O   1 
ATOM   92   C CB  . THR A 1 11  ? -3.165  -5.913  17.618  1.00 17.21 ? 11  THR A CB  1 
ATOM   93   O OG1 . THR A 1 11  ? -2.824  -5.520  18.950  1.00 18.64 ? 11  THR A OG1 1 
ATOM   94   C CG2 . THR A 1 11  ? -4.378  -5.121  17.140  1.00 18.24 ? 11  THR A CG2 1 
ATOM   95   N N   . LYS A 1 12  ? -4.896  -7.234  19.507  1.00 21.40 ? 12  LYS A N   1 
ATOM   96   C CA  . LYS A 1 12  ? -6.087  -7.465  20.310  1.00 21.98 ? 12  LYS A CA  1 
ATOM   97   C C   . LYS A 1 12  ? -6.710  -6.132  20.703  1.00 23.75 ? 12  LYS A C   1 
ATOM   98   O O   . LYS A 1 12  ? -6.005  -5.140  20.874  0.98 24.69 ? 12  LYS A O   1 
ATOM   99   C CB  . LYS A 1 12  ? -5.725  -8.229  21.592  1.00 20.12 ? 12  LYS A CB  1 
ATOM   100  C CG  . LYS A 1 12  ? -5.073  -9.580  21.381  1.00 19.63 ? 12  LYS A CG  1 
ATOM   101  C CD  . LYS A 1 12  ? -6.059  -10.627 20.909  1.00 19.38 ? 12  LYS A CD  1 
ATOM   102  C CE  . LYS A 1 12  ? -5.373  -11.978 20.825  1.00 21.17 ? 12  LYS A CE  1 
ATOM   103  N NZ  . LYS A 1 12  ? -6.333  -13.088 20.591  0.81 23.29 ? 12  LYS A NZ  1 
ATOM   104  N N   . THR A 1 13  ? -8.035  -6.108  20.829  1.00 24.75 ? 13  THR A N   1 
ATOM   105  C CA  . THR A 1 13  ? -8.727  -4.899  21.253  1.00 25.98 ? 13  THR A CA  1 
ATOM   106  C C   . THR A 1 13  ? -8.612  -4.886  22.774  1.00 27.53 ? 13  THR A C   1 
ATOM   107  O O   . THR A 1 13  ? -8.094  -5.834  23.364  1.00 28.01 ? 13  THR A O   1 
ATOM   108  C CB  . THR A 1 13  ? -10.218 -4.929  20.882  1.00 25.08 ? 13  THR A CB  1 
ATOM   109  O OG1 . THR A 1 13  ? -10.861 -6.006  21.570  1.00 25.10 ? 13  THR A OG1 1 
ATOM   110  C CG2 . THR A 1 13  ? -10.390 -5.106  19.379  1.00 24.80 ? 13  THR A CG2 1 
ATOM   111  N N   . VAL A 1 14  ? -9.093  -3.824  23.406  1.00 29.94 ? 14  VAL A N   1 
ATOM   112  C CA  . VAL A 1 14  ? -9.031  -3.731  24.859  1.00 31.93 ? 14  VAL A CA  1 
ATOM   113  C C   . VAL A 1 14  ? -9.736  -4.913  25.511  1.00 31.86 ? 14  VAL A C   1 
ATOM   114  O O   . VAL A 1 14  ? -9.362  -5.343  26.599  1.00 32.88 ? 14  VAL A O   1 
ATOM   115  C CB  . VAL A 1 14  ? -9.685  -2.432  25.368  1.00 32.59 ? 14  VAL A CB  1 
ATOM   116  C CG1 . VAL A 1 14  ? -8.841  -1.240  24.976  0.39 35.75 ? 14  VAL A CG1 1 
ATOM   117  C CG2 . VAL A 1 14  ? -11.089 -2.298  24.798  0.74 34.07 ? 14  VAL A CG2 1 
ATOM   118  N N   . ASP A 1 15  ? -10.753 -5.442  24.838  1.00 31.87 ? 15  ASP A N   1 
ATOM   119  C CA  . ASP A 1 15  ? -11.502 -6.571  25.373  1.00 31.18 ? 15  ASP A CA  1 
ATOM   120  C C   . ASP A 1 15  ? -11.019 -7.938  24.907  1.00 29.71 ? 15  ASP A C   1 
ATOM   121  O O   . ASP A 1 15  ? -11.703 -8.940  25.110  1.00 29.94 ? 15  ASP A O   1 
ATOM   122  C CB  . ASP A 1 15  ? -12.990 -6.426  25.053  1.00 34.00 ? 15  ASP A CB  1 
ATOM   123  C CG  . ASP A 1 15  ? -13.635 -5.289  25.813  0.75 37.06 ? 15  ASP A CG  1 
ATOM   124  O OD1 . ASP A 1 15  ? -13.301 -5.113  27.004  1.00 37.79 ? 15  ASP A OD1 1 
ATOM   125  O OD2 . ASP A 1 15  ? -14.482 -4.583  25.228  0.74 39.86 ? 15  ASP A OD2 1 
ATOM   126  N N   . GLY A 1 16  ? -9.852  -7.983  24.275  1.00 27.75 ? 16  GLY A N   1 
ATOM   127  C CA  . GLY A 1 16  ? -9.307  -9.255  23.835  1.00 25.59 ? 16  GLY A CA  1 
ATOM   128  C C   . GLY A 1 16  ? -9.773  -9.802  22.502  0.99 25.28 ? 16  GLY A C   1 
ATOM   129  O O   . GLY A 1 16  ? -9.489  -10.959 22.178  1.00 25.00 ? 16  GLY A O   1 
ATOM   130  N N   . PHE A 1 17  ? -10.500 -8.999  21.731  1.00 23.79 ? 17  PHE A N   1 
ATOM   131  C CA  . PHE A 1 17  ? -10.947 -9.456  20.424  1.00 23.79 ? 17  PHE A CA  1 
ATOM   132  C C   . PHE A 1 17  ? -9.810  -9.244  19.440  1.00 24.16 ? 17  PHE A C   1 
ATOM   133  O O   . PHE A 1 17  ? -8.977  -8.363  19.635  1.00 24.36 ? 17  PHE A O   1 
ATOM   134  C CB  . PHE A 1 17  ? -12.181 -8.681  19.957  1.00 23.28 ? 17  PHE A CB  1 
ATOM   135  C CG  . PHE A 1 17  ? -13.422 -9.013  20.727  1.00 22.88 ? 17  PHE A CG  1 
ATOM   136  C CD1 . PHE A 1 17  ? -13.811 -8.242  21.815  0.97 25.48 ? 17  PHE A CD1 1 
ATOM   137  C CD2 . PHE A 1 17  ? -14.184 -10.124 20.384  1.00 25.13 ? 17  PHE A CD2 1 
ATOM   138  C CE1 . PHE A 1 17  ? -14.944 -8.579  22.556  0.85 26.40 ? 17  PHE A CE1 1 
ATOM   139  C CE2 . PHE A 1 17  ? -15.314 -10.467 21.115  0.90 24.82 ? 17  PHE A CE2 1 
ATOM   140  C CZ  . PHE A 1 17  ? -15.693 -9.693  22.204  1.00 25.28 ? 17  PHE A CZ  1 
ATOM   141  N N   . ASN A 1 18  ? -9.780  -10.056 18.391  1.00 23.92 ? 18  ASN A N   1 
ATOM   142  C CA  . ASN A 1 18  ? -8.740  -9.957  17.376  0.85 25.56 ? 18  ASN A CA  1 
ATOM   143  C C   . ASN A 1 18  ? -9.079  -8.940  16.310  1.00 24.38 ? 18  ASN A C   1 
ATOM   144  O O   . ASN A 1 18  ? -10.231 -8.792  15.925  1.00 25.53 ? 18  ASN A O   1 
ATOM   145  C CB  . ASN A 1 18  ? -8.536  -11.305 16.682  1.00 25.40 ? 18  ASN A CB  1 
ATOM   146  C CG  . ASN A 1 18  ? -8.071  -12.379 17.627  0.94 28.66 ? 18  ASN A CG  1 
ATOM   147  O OD1 . ASN A 1 18  ? -6.955  -12.328 18.135  0.98 28.55 ? 18  ASN A OD1 1 
ATOM   148  N ND2 . ASN A 1 18  ? -8.932  -13.358 17.880  0.76 31.15 ? 18  ASN A ND2 1 
ATOM   149  N N   . GLU A 1 19  ? -8.065  -8.228  15.843  1.00 23.65 ? 19  GLU A N   1 
ATOM   150  C CA  . GLU A 1 19  ? -8.256  -7.285  14.758  1.00 23.51 ? 19  GLU A CA  1 
ATOM   151  C C   . GLU A 1 19  ? -6.936  -7.097  14.038  0.87 22.58 ? 19  GLU A C   1 
ATOM   152  O O   . GLU A 1 19  ? -5.858  -7.304  14.606  1.00 20.94 ? 19  GLU A O   1 
ATOM   153  C CB  . GLU A 1 19  ? -8.830  -5.948  15.241  0.80 27.15 ? 19  GLU A CB  1 
ATOM   154  C CG  . GLU A 1 19  ? -7.948  -5.098  16.106  1.00 29.00 ? 19  GLU A CG  1 
ATOM   155  C CD  . GLU A 1 19  ? -8.616  -3.771  16.445  0.83 31.80 ? 19  GLU A CD  1 
ATOM   156  O OE1 . GLU A 1 19  ? -8.026  -2.980  17.206  0.82 33.01 ? 19  GLU A OE1 1 
ATOM   157  O OE2 . GLU A 1 19  ? -9.735  -3.519  15.951  0.95 34.43 ? 19  GLU A OE2 1 
ATOM   158  N N   . LEU A 1 20  ? -7.028  -6.738  12.766  1.00 20.76 ? 20  LEU A N   1 
ATOM   159  C CA  . LEU A 1 20  ? -5.847  -6.554  11.952  1.00 20.00 ? 20  LEU A CA  1 
ATOM   160  C C   . LEU A 1 20  ? -5.612  -5.063  11.745  1.00 19.42 ? 20  LEU A C   1 
ATOM   161  O O   . LEU A 1 20  ? -6.201  -4.448  10.858  1.00 20.06 ? 20  LEU A O   1 
ATOM   162  C CB  . LEU A 1 20  ? -6.049  -7.271  10.614  1.00 19.59 ? 20  LEU A CB  1 
ATOM   163  C CG  . LEU A 1 20  ? -6.452  -8.748  10.744  0.94 21.25 ? 20  LEU A CG  1 
ATOM   164  C CD1 . LEU A 1 20  ? -6.898  -9.293  9.395   0.90 22.22 ? 20  LEU A CD1 1 
ATOM   165  C CD2 . LEU A 1 20  ? -5.280  -9.554  11.283  1.00 19.43 ? 20  LEU A CD2 1 
ATOM   166  N N   . ALA A 1 21  ? -4.763  -4.480  12.588  1.00 19.37 ? 21  ALA A N   1 
ATOM   167  C CA  . ALA A 1 21  ? -4.453  -3.053  12.502  1.00 18.19 ? 21  ALA A CA  1 
ATOM   168  C C   . ALA A 1 21  ? -3.737  -2.747  11.191  1.00 17.50 ? 21  ALA A C   1 
ATOM   169  O O   . ALA A 1 21  ? -2.742  -3.388  10.852  1.00 17.09 ? 21  ALA A O   1 
ATOM   170  C CB  . ALA A 1 21  ? -3.587  -2.634  13.675  1.00 18.25 ? 21  ALA A CB  1 
ATOM   171  N N   . PHE A 1 22  ? -4.246  -1.754  10.465  1.00 17.25 ? 22  PHE A N   1 
ATOM   172  C CA  . PHE A 1 22  ? -3.676  -1.370  9.177   1.00 17.07 ? 22  PHE A CA  1 
ATOM   173  C C   . PHE A 1 22  ? -3.227  0.084   9.183   1.00 18.75 ? 22  PHE A C   1 
ATOM   174  O O   . PHE A 1 22  ? -2.138  0.407   8.715   1.00 18.33 ? 22  PHE A O   1 
ATOM   175  C CB  . PHE A 1 22  ? -4.718  -1.576  8.069   0.94 17.87 ? 22  PHE A CB  1 
ATOM   176  C CG  . PHE A 1 22  ? -4.223  -1.239  6.687   1.00 16.48 ? 22  PHE A CG  1 
ATOM   177  C CD1 . PHE A 1 22  ? -3.597  -2.200  5.904   0.90 17.90 ? 22  PHE A CD1 1 
ATOM   178  C CD2 . PHE A 1 22  ? -4.423  0.032   6.155   1.00 15.77 ? 22  PHE A CD2 1 
ATOM   179  C CE1 . PHE A 1 22  ? -3.180  -1.906  4.606   1.00 16.19 ? 22  PHE A CE1 1 
ATOM   180  C CE2 . PHE A 1 22  ? -4.014  0.341   4.864   1.00 16.29 ? 22  PHE A CE2 1 
ATOM   181  C CZ  . PHE A 1 22  ? -3.390  -0.629  4.081   1.00 14.66 ? 22  PHE A CZ  1 
ATOM   182  N N   . GLY A 1 23  ? -4.082  0.962   9.694   1.00 19.70 ? 23  GLY A N   1 
ATOM   183  C CA  . GLY A 1 23  ? -3.731  2.370   9.742   1.00 19.97 ? 23  GLY A CA  1 
ATOM   184  C C   . GLY A 1 23  ? -4.082  2.986   11.080  1.00 20.57 ? 23  GLY A C   1 
ATOM   185  O O   . GLY A 1 23  ? -5.019  2.546   11.737  1.00 19.78 ? 23  GLY A O   1 
ATOM   186  N N   . LEU A 1 24  ? -3.305  3.984   11.493  1.00 20.69 ? 24  LEU A N   1 
ATOM   187  C CA  . LEU A 1 24  ? -3.544  4.692   12.743  1.00 22.10 ? 24  LEU A CA  1 
ATOM   188  C C   . LEU A 1 24  ? -3.473  6.189   12.437  0.95 22.88 ? 24  LEU A C   1 
ATOM   189  O O   . LEU A 1 24  ? -2.389  6.767   12.359  1.00 22.59 ? 24  LEU A O   1 
ATOM   190  C CB  . LEU A 1 24  ? -2.480  4.317   13.783  1.00 21.43 ? 24  LEU A CB  1 
ATOM   191  C CG  . LEU A 1 24  ? -2.627  4.994   15.147  0.88 22.62 ? 24  LEU A CG  1 
ATOM   192  C CD1 . LEU A 1 24  ? -4.032  4.759   15.689  0.87 24.64 ? 24  LEU A CD1 1 
ATOM   193  C CD2 . LEU A 1 24  ? -1.581  4.443   16.107  0.94 22.33 ? 24  LEU A CD2 1 
ATOM   194  N N   . GLY A 1 25  ? -4.630  6.816   12.253  1.00 24.16 ? 25  GLY A N   1 
ATOM   195  C CA  . GLY A 1 25  ? -4.628  8.230   11.934  1.00 27.27 ? 25  GLY A CA  1 
ATOM   196  C C   . GLY A 1 25  ? -3.906  8.400   10.612  0.87 28.64 ? 25  GLY A C   1 
ATOM   197  O O   . GLY A 1 25  ? -4.211  7.700   9.648   1.00 29.04 ? 25  GLY A O   1 
ATOM   198  N N   . ASP A 1 26  ? -2.948  9.317   10.552  1.00 28.54 ? 26  ASP A N   1 
ATOM   199  C CA  . ASP A 1 26  ? -2.209  9.521   9.316   1.00 30.20 ? 26  ASP A CA  1 
ATOM   200  C C   . ASP A 1 26  ? -0.866  8.812   9.396   0.84 29.71 ? 26  ASP A C   1 
ATOM   201  O O   . ASP A 1 26  ? 0.108   9.218   8.763   1.00 29.29 ? 26  ASP A O   1 
ATOM   202  C CB  . ASP A 1 26  ? -2.018  11.018  9.048   0.95 32.68 ? 26  ASP A CB  1 
ATOM   203  C CG  . ASP A 1 26  ? -1.301  11.731  10.177  0.94 34.69 ? 26  ASP A CG  1 
ATOM   204  O OD1 . ASP A 1 26  ? -1.282  12.979  10.165  0.68 37.53 ? 26  ASP A OD1 1 
ATOM   205  O OD2 . ASP A 1 26  ? -0.754  11.050  11.071  1.00 35.36 ? 26  ASP A OD2 1 
ATOM   206  N N   . GLY A 1 27  ? -0.832  7.739   10.184  1.00 28.66 ? 27  GLY A N   1 
ATOM   207  C CA  . GLY A 1 27  ? 0.388   6.969   10.341  1.00 27.27 ? 27  GLY A CA  1 
ATOM   208  C C   . GLY A 1 27  ? 0.124   5.476   10.431  0.94 26.88 ? 27  GLY A C   1 
ATOM   209  O O   . GLY A 1 27  ? -0.953  5.001   10.070  1.00 26.17 ? 27  GLY A O   1 
ATOM   210  N N   . LEU A 1 28  ? 1.112   4.738   10.928  1.00 25.70 ? 28  LEU A N   1 
ATOM   211  C CA  . LEU A 1 28  ? 1.011   3.285   11.060  0.99 24.65 ? 28  LEU A CA  1 
ATOM   212  C C   . LEU A 1 28  ? 0.807   2.845   12.510  1.00 23.67 ? 28  LEU A C   1 
ATOM   213  O O   . LEU A 1 28  ? 1.304   3.486   13.429  0.96 25.50 ? 28  LEU A O   1 
ATOM   214  C CB  . LEU A 1 28  ? 2.285   2.641   10.512  1.00 22.11 ? 28  LEU A CB  1 
ATOM   215  C CG  . LEU A 1 28  ? 2.616   2.968   9.056   1.00 22.91 ? 28  LEU A CG  1 
ATOM   216  C CD1 . LEU A 1 28  ? 3.943   2.329   8.684   0.95 23.17 ? 28  LEU A CD1 1 
ATOM   217  C CD2 . LEU A 1 28  ? 1.502   2.454   8.150   1.00 23.57 ? 28  LEU A CD2 1 
ATOM   218  N N   . PRO A 1 29  ? 0.076   1.735   12.731  0.95 23.27 ? 29  PRO A N   1 
ATOM   219  C CA  . PRO A 1 29  ? -0.170  1.239   14.090  1.00 21.35 ? 29  PRO A CA  1 
ATOM   220  C C   . PRO A 1 29  ? 1.103   0.907   14.871  0.99 22.85 ? 29  PRO A C   1 
ATOM   221  O O   . PRO A 1 29  ? 1.156   1.092   16.090  0.96 23.98 ? 29  PRO A O   1 
ATOM   222  C CB  . PRO A 1 29  ? -1.029  -0.001  13.854  0.97 22.23 ? 29  PRO A CB  1 
ATOM   223  C CG  . PRO A 1 29  ? -1.798  0.366   12.618  1.00 22.21 ? 29  PRO A CG  1 
ATOM   224  C CD  . PRO A 1 29  ? -0.726  0.978   11.749  1.00 21.80 ? 29  PRO A CD  1 
ATOM   225  N N   . TRP A 1 30  ? 2.117   0.415   14.168  1.00 22.19 ? 30  TRP A N   1 
ATOM   226  C CA  . TRP A 1 30  ? 3.387   0.037   14.797  0.95 23.82 ? 30  TRP A CA  1 
ATOM   227  C C   . TRP A 1 30  ? 4.446   1.126   14.712  1.00 23.93 ? 30  TRP A C   1 
ATOM   228  O O   . TRP A 1 30  ? 5.609   0.905   15.056  0.97 25.42 ? 30  TRP A O   1 
ATOM   229  C CB  . TRP A 1 30  ? 3.915   -1.243  14.143  1.00 23.90 ? 30  TRP A CB  1 
ATOM   230  C CG  . TRP A 1 30  ? 3.937   -1.145  12.661  1.00 23.80 ? 30  TRP A CG  1 
ATOM   231  C CD1 . TRP A 1 30  ? 4.937   -0.645  11.883  0.99 24.17 ? 30  TRP A CD1 1 
ATOM   232  C CD2 . TRP A 1 30  ? 2.868   -1.484  11.773  1.00 24.34 ? 30  TRP A CD2 1 
ATOM   233  N NE1 . TRP A 1 30  ? 4.557   -0.648  10.558  1.00 23.50 ? 30  TRP A NE1 1 
ATOM   234  C CE2 . TRP A 1 30  ? 3.290   -1.159  10.465  1.00 24.52 ? 30  TRP A CE2 1 
ATOM   235  C CE3 . TRP A 1 30  ? 1.592   -2.030  11.957  0.93 25.38 ? 30  TRP A CE3 1 
ATOM   236  C CZ2 . TRP A 1 30  ? 2.478   -1.361  9.343   0.99 25.05 ? 30  TRP A CZ2 1 
ATOM   237  C CZ3 . TRP A 1 30  ? 0.785   -2.231  10.840  0.78 26.04 ? 30  TRP A CZ3 1 
ATOM   238  C CH2 . TRP A 1 30  ? 1.234   -1.896  9.552   1.00 23.80 ? 30  TRP A CH2 1 
ATOM   239  N N   . GLY A 1 31  ? 4.049   2.305   14.255  1.00 24.48 ? 31  GLY A N   1 
ATOM   240  C CA  . GLY A 1 31  ? 4.991   3.399   14.146  1.00 25.75 ? 31  GLY A CA  1 
ATOM   241  C C   . GLY A 1 31  ? 6.002   3.222   13.033  0.63 27.26 ? 31  GLY A C   1 
ATOM   242  O O   . GLY A 1 31  ? 5.690   2.686   11.965  1.00 25.92 ? 31  GLY A O   1 
ATOM   243  N N   . ARG A 1 32  ? 7.230   3.659   13.292  1.00 25.59 ? 32  ARG A N   1 
ATOM   244  C CA  . ARG A 1 32  ? 8.297   3.585   12.306  1.00 26.11 ? 32  ARG A CA  1 
ATOM   245  C C   . ARG A 1 32  ? 9.322   2.500   12.642  0.97 26.84 ? 32  ARG A C   1 
ATOM   246  O O   . ARG A 1 32  ? 10.110  2.643   13.574  0.94 28.46 ? 32  ARG A O   1 
ATOM   247  C CB  . ARG A 1 32  ? 8.975   4.955   12.220  0.94 26.75 ? 32  ARG A CB  1 
ATOM   248  C CG  . ARG A 1 32  ? 7.986   6.110   12.122  1.00 26.45 ? 32  ARG A CG  1 
ATOM   249  C CD  . ARG A 1 32  ? 7.365   6.204   10.739  0.85 30.27 ? 32  ARG A CD  1 
ATOM   250  N NE  . ARG A 1 32  ? 8.357   6.606   9.748   0.90 32.61 ? 32  ARG A NE  1 
ATOM   251  C CZ  . ARG A 1 32  ? 8.097   6.801   8.461   0.59 34.54 ? 32  ARG A CZ  1 
ATOM   252  N NH1 . ARG A 1 32  ? 6.866   6.631   7.995   0.82 35.36 ? 32  ARG A NH1 1 
ATOM   253  N NH2 . ARG A 1 32  ? 9.072   7.172   7.639   0.93 34.24 ? 32  ARG A NH2 1 
ATOM   254  N N   . VAL A 1 33  ? 9.296   1.410   11.879  1.00 25.68 ? 33  VAL A N   1 
ATOM   255  C CA  . VAL A 1 33  ? 10.217  0.294   12.082  1.00 25.14 ? 33  VAL A CA  1 
ATOM   256  C C   . VAL A 1 33  ? 11.195  0.260   10.907  0.78 25.29 ? 33  VAL A C   1 
ATOM   257  O O   . VAL A 1 33  ? 10.800  0.060   9.761   1.00 22.02 ? 33  VAL A O   1 
ATOM   258  C CB  . VAL A 1 33  ? 9.446   -1.048  12.169  1.00 23.75 ? 33  VAL A CB  1 
ATOM   259  C CG1 . VAL A 1 33  ? 10.420  -2.214  12.247  1.00 23.87 ? 33  VAL A CG1 1 
ATOM   260  C CG2 . VAL A 1 33  ? 8.528   -1.036  13.386  1.00 25.16 ? 33  VAL A CG2 1 
ATOM   261  N N   . LYS A 1 34  ? 12.473  0.469   11.206  1.00 24.18 ? 34  LYS A N   1 
ATOM   262  C CA  . LYS A 1 34  ? 13.523  0.507   10.191  1.00 25.57 ? 34  LYS A CA  1 
ATOM   263  C C   . LYS A 1 34  ? 13.444  -0.567  9.107   0.96 25.40 ? 34  LYS A C   1 
ATOM   264  O O   . LYS A 1 34  ? 13.425  -0.253  7.911   1.00 24.72 ? 34  LYS A O   1 
ATOM   265  C CB  . LYS A 1 34  ? 14.889  0.435   10.879  1.00 28.29 ? 34  LYS A CB  1 
ATOM   266  C CG  . LYS A 1 34  ? 15.118  1.551   11.892  0.28 34.12 ? 34  LYS A CG  1 
ATOM   267  C CD  . LYS A 1 34  ? 15.492  2.856   11.211  0.90 36.50 ? 34  LYS A CD  1 
ATOM   268  C CE  . LYS A 1 34  ? 16.985  2.902   10.903  0.74 37.50 ? 34  LYS A CE  1 
ATOM   269  N NZ  . LYS A 1 34  ? 17.470  1.665   10.227  0.81 39.67 ? 34  LYS A NZ  1 
ATOM   270  N N   . LYS A 1 35  ? 13.412  -1.828  9.525   1.00 23.99 ? 35  LYS A N   1 
ATOM   271  C CA  . LYS A 1 35  ? 13.357  -2.936  8.582   1.00 24.59 ? 35  LYS A CA  1 
ATOM   272  C C   . LYS A 1 35  ? 12.112  -2.863  7.708   1.00 22.84 ? 35  LYS A C   1 
ATOM   273  O O   . LYS A 1 35  ? 12.173  -3.166  6.522   1.00 22.55 ? 35  LYS A O   1 
ATOM   274  C CB  . LYS A 1 35  ? 13.409  -4.272  9.328   1.00 25.19 ? 35  LYS A CB  1 
ATOM   275  C CG  . LYS A 1 35  ? 13.307  -5.504  8.433   0.97 28.54 ? 35  LYS A CG  1 
ATOM   276  C CD  . LYS A 1 35  ? 14.339  -5.515  7.315   1.00 30.33 ? 35  LYS A CD  1 
ATOM   277  C CE  . LYS A 1 35  ? 15.751  -5.692  7.832   0.82 32.58 ? 35  LYS A CE  1 
ATOM   278  N NZ  . LYS A 1 35  ? 16.725  -5.790  6.702   0.93 32.81 ? 35  LYS A NZ  1 
ATOM   279  N N   . ASP A 1 36  ? 10.992  -2.460  8.302   0.90 24.56 ? 36  ASP A N   1 
ATOM   280  C CA  . ASP A 1 36  ? 9.727   -2.330  7.574   1.00 23.86 ? 36  ASP A CA  1 
ATOM   281  C C   . ASP A 1 36  ? 9.878   -1.299  6.462   1.00 23.89 ? 36  ASP A C   1 
ATOM   282  O O   . ASP A 1 36  ? 9.518   -1.551  5.314   1.00 22.75 ? 36  ASP A O   1 
ATOM   283  C CB  . ASP A 1 36  ? 8.607   -1.908  8.536   1.00 23.94 ? 36  ASP A CB  1 
ATOM   284  C CG  . ASP A 1 36  ? 7.279   -1.689  7.833   0.88 25.14 ? 36  ASP A CG  1 
ATOM   285  O OD1 . ASP A 1 36  ? 6.925   -2.524  6.979   1.00 24.73 ? 36  ASP A OD1 1 
ATOM   286  O OD2 . ASP A 1 36  ? 6.588   -0.692  8.146   0.95 24.75 ? 36  ASP A OD2 1 
ATOM   287  N N   . LEU A 1 37  ? 10.422  -0.137  6.811   1.00 23.17 ? 37  LEU A N   1 
ATOM   288  C CA  . LEU A 1 37  ? 10.620  0.926   5.833   1.00 22.47 ? 37  LEU A CA  1 
ATOM   289  C C   . LEU A 1 37  ? 11.632  0.502   4.775   1.00 21.98 ? 37  LEU A C   1 
ATOM   290  O O   . LEU A 1 37  ? 11.458  0.782   3.595   1.00 21.53 ? 37  LEU A O   1 
ATOM   291  C CB  . LEU A 1 37  ? 11.075  2.206   6.540   1.00 23.08 ? 37  LEU A CB  1 
ATOM   292  C CG  . LEU A 1 37  ? 10.077  2.726   7.583   0.90 24.54 ? 37  LEU A CG  1 
ATOM   293  C CD1 . LEU A 1 37  ? 10.685  3.892   8.356   0.81 25.75 ? 37  LEU A CD1 1 
ATOM   294  C CD2 . LEU A 1 37  ? 8.788   3.150   6.899   0.95 24.91 ? 37  LEU A CD2 1 
ATOM   295  N N   . GLN A 1 38  ? 12.689  -0.187  5.192   1.00 23.34 ? 38  GLN A N   1 
ATOM   296  C CA  . GLN A 1 38  ? 13.697  -0.649  4.244   1.00 23.22 ? 38  GLN A CA  1 
ATOM   297  C C   . GLN A 1 38  ? 13.102  -1.654  3.259   1.00 23.29 ? 38  GLN A C   1 
ATOM   298  O O   . GLN A 1 38  ? 13.386  -1.602  2.063   1.00 23.10 ? 38  GLN A O   1 
ATOM   299  C CB  . GLN A 1 38  ? 14.876  -1.280  4.992   0.99 26.15 ? 38  GLN A CB  1 
ATOM   300  C CG  . GLN A 1 38  ? 15.759  -0.252  5.695   0.94 30.21 ? 38  GLN A CG  1 
ATOM   301  C CD  . GLN A 1 38  ? 16.863  -0.875  6.535   0.93 31.89 ? 38  GLN A CD  1 
ATOM   302  O OE1 . GLN A 1 38  ? 17.825  -0.203  6.910   0.65 35.68 ? 38  GLN A OE1 1 
ATOM   303  N NE2 . GLN A 1 38  ? 16.722  -2.157  6.846   0.92 33.35 ? 38  GLN A NE2 1 
ATOM   304  N N   . ASN A 1 39  ? 12.281  -2.566  3.769   1.00 22.10 ? 39  ASN A N   1 
ATOM   305  C CA  . ASN A 1 39  ? 11.644  -3.573  2.920   1.00 21.94 ? 39  ASN A CA  1 
ATOM   306  C C   . ASN A 1 39  ? 10.741  -2.874  1.910   1.00 21.18 ? 39  ASN A C   1 
ATOM   307  O O   . ASN A 1 39  ? 10.744  -3.203  0.724   1.00 23.31 ? 39  ASN A O   1 
ATOM   308  C CB  . ASN A 1 39  ? 10.798  -4.530  3.759   1.00 21.58 ? 39  ASN A CB  1 
ATOM   309  C CG  . ASN A 1 39  ? 11.617  -5.608  4.444   1.00 22.09 ? 39  ASN A CG  1 
ATOM   310  O OD1 . ASN A 1 39  ? 11.130  -6.280  5.351   0.82 25.99 ? 39  ASN A OD1 1 
ATOM   311  N ND2 . ASN A 1 39  ? 12.847  -5.796  4.000   1.00 24.22 ? 39  ASN A ND2 1 
ATOM   312  N N   . PHE A 1 40  ? 9.970   -1.905  2.393   1.00 21.57 ? 40  PHE A N   1 
ATOM   313  C CA  . PHE A 1 40  ? 9.048   -1.162  1.535   1.00 22.04 ? 40  PHE A CA  1 
ATOM   314  C C   . PHE A 1 40  ? 9.783   -0.557  0.342   0.98 23.18 ? 40  PHE A C   1 
ATOM   315  O O   . PHE A 1 40  ? 9.356   -0.704  -0.803  1.00 23.01 ? 40  PHE A O   1 
ATOM   316  C CB  . PHE A 1 40  ? 8.363   -0.049  2.329   1.00 21.62 ? 40  PHE A CB  1 
ATOM   317  C CG  . PHE A 1 40  ? 7.298   0.673   1.559   0.81 23.37 ? 40  PHE A CG  1 
ATOM   318  C CD1 . PHE A 1 40  ? 5.980   0.229   1.587   1.00 22.45 ? 40  PHE A CD1 1 
ATOM   319  C CD2 . PHE A 1 40  ? 7.612   1.794   0.800   0.77 23.69 ? 40  PHE A CD2 1 
ATOM   320  C CE1 . PHE A 1 40  ? 4.987   0.896   0.869   0.95 23.84 ? 40  PHE A CE1 1 
ATOM   321  C CE2 . PHE A 1 40  ? 6.625   2.468   0.078   0.91 24.03 ? 40  PHE A CE2 1 
ATOM   322  C CZ  . PHE A 1 40  ? 5.310   2.016   0.116   1.00 23.73 ? 40  PHE A CZ  1 
ATOM   323  N N   . LYS A 1 41  ? 10.894  0.125   0.616   1.00 24.18 ? 41  LYS A N   1 
ATOM   324  C CA  . LYS A 1 41  ? 11.685  0.746   -0.436  0.99 26.24 ? 41  LYS A CA  1 
ATOM   325  C C   . LYS A 1 41  ? 12.186  -0.274  -1.459  0.95 26.32 ? 41  LYS A C   1 
ATOM   326  O O   . LYS A 1 41  ? 12.120  -0.045  -2.668  1.00 27.20 ? 41  LYS A O   1 
ATOM   327  C CB  . LYS A 1 41  ? 12.867  1.508   0.181   1.00 27.14 ? 41  LYS A CB  1 
ATOM   328  C CG  . LYS A 1 41  ? 13.825  2.120   -0.829  0.72 32.16 ? 41  LYS A CG  1 
ATOM   329  C CD  . LYS A 1 41  ? 14.759  3.124   -0.161  0.84 34.05 ? 41  LYS A CD  1 
ATOM   330  C CE  . LYS A 1 41  ? 15.952  3.453   -1.054  0.65 36.44 ? 41  LYS A CE  1 
ATOM   331  N NZ  . LYS A 1 41  ? 15.549  3.969   -2.394  0.67 39.22 ? 41  LYS A NZ  1 
ATOM   332  N N   . ALA A 1 42  ? 12.684  -1.406  -0.976  1.00 26.04 ? 42  ALA A N   1 
ATOM   333  C CA  . ALA A 1 42  ? 13.192  -2.436  -1.869  1.00 24.23 ? 42  ALA A CA  1 
ATOM   334  C C   . ALA A 1 42  ? 12.084  -3.035  -2.737  0.98 23.98 ? 42  ALA A C   1 
ATOM   335  O O   . ALA A 1 42  ? 12.297  -3.337  -3.911  1.00 22.06 ? 42  ALA A O   1 
ATOM   336  C CB  . ALA A 1 42  ? 13.867  -3.537  -1.061  0.88 26.04 ? 42  ALA A CB  1 
ATOM   337  N N   . ARG A 1 43  ? 10.898  -3.196  -2.158  1.00 22.81 ? 43  ARG A N   1 
ATOM   338  C CA  . ARG A 1 43  ? 9.778   -3.786  -2.889  1.00 22.82 ? 43  ARG A CA  1 
ATOM   339  C C   . ARG A 1 43  ? 9.139   -2.842  -3.896  1.00 23.17 ? 43  ARG A C   1 
ATOM   340  O O   . ARG A 1 43  ? 8.582   -3.290  -4.901  1.00 25.32 ? 43  ARG A O   1 
ATOM   341  C CB  . ARG A 1 43  ? 8.711   -4.283  -1.910  1.00 20.40 ? 43  ARG A CB  1 
ATOM   342  C CG  . ARG A 1 43  ? 9.165   -5.432  -1.014  1.00 18.59 ? 43  ARG A CG  1 
ATOM   343  C CD  . ARG A 1 43  ? 9.496   -6.693  -1.810  1.00 18.62 ? 43  ARG A CD  1 
ATOM   344  N NE  . ARG A 1 43  ? 9.977   -7.767  -0.940  1.00 18.19 ? 43  ARG A NE  1 
ATOM   345  C CZ  . ARG A 1 43  ? 10.383  -8.961  -1.364  1.00 20.12 ? 43  ARG A CZ  1 
ATOM   346  N NH1 . ARG A 1 43  ? 10.374  -9.253  -2.657  1.00 20.29 ? 43  ARG A NH1 1 
ATOM   347  N NH2 . ARG A 1 43  ? 10.791  -9.870  -0.488  1.00 18.43 ? 43  ARG A NH2 1 
ATOM   348  N N   . THR A 1 44  ? 9.217   -1.540  -3.634  1.00 23.86 ? 44  THR A N   1 
ATOM   349  C CA  . THR A 1 44  ? 8.628   -0.549  -4.536  1.00 23.24 ? 44  THR A CA  1 
ATOM   350  C C   . THR A 1 44  ? 9.632   0.012   -5.531  1.00 24.97 ? 44  THR A C   1 
ATOM   351  O O   . THR A 1 44  ? 9.269   0.762   -6.432  1.00 23.34 ? 44  THR A O   1 
ATOM   352  C CB  . THR A 1 44  ? 8.004   0.628   -3.759  1.00 22.29 ? 44  THR A CB  1 
ATOM   353  O OG1 . THR A 1 44  ? 8.975   1.189   -2.863  1.00 20.10 ? 44  THR A OG1 1 
ATOM   354  C CG2 . THR A 1 44  ? 6.789   0.156   -2.970  0.96 22.29 ? 44  THR A CG2 1 
ATOM   355  N N   . GLU A 1 45  ? 10.898  -0.353  -5.359  1.00 26.35 ? 45  GLU A N   1 
ATOM   356  C CA  . GLU A 1 45  ? 11.955  0.106   -6.248  1.00 27.67 ? 45  GLU A CA  1 
ATOM   357  C C   . GLU A 1 45  ? 11.643  -0.298  -7.686  1.00 26.30 ? 45  GLU A C   1 
ATOM   358  O O   . GLU A 1 45  ? 11.215  -1.422  -7.947  1.00 26.05 ? 45  GLU A O   1 
ATOM   359  C CB  . GLU A 1 45  ? 13.290  -0.508  -5.830  0.88 31.35 ? 45  GLU A CB  1 
ATOM   360  C CG  . GLU A 1 45  ? 14.476  -0.085  -6.680  1.00 36.62 ? 45  GLU A CG  1 
ATOM   361  C CD  . GLU A 1 45  ? 15.714  -0.913  -6.388  0.48 40.06 ? 45  GLU A CD  1 
ATOM   362  O OE1 . GLU A 1 45  ? 16.039  -1.095  -5.195  0.73 41.61 ? 45  GLU A OE1 1 
ATOM   363  O OE2 . GLU A 1 45  ? 16.366  -1.377  -7.350  0.62 42.59 ? 45  GLU A OE2 1 
ATOM   364  N N   . GLY A 1 46  ? 11.849  0.628   -8.614  1.00 25.24 ? 46  GLY A N   1 
ATOM   365  C CA  . GLY A 1 46  ? 11.605  0.334   -10.015 1.00 25.73 ? 46  GLY A CA  1 
ATOM   366  C C   . GLY A 1 46  ? 10.152  0.161   -10.404 1.00 25.64 ? 46  GLY A C   1 
ATOM   367  O O   . GLY A 1 46  ? 9.859   -0.389  -11.471 1.00 27.65 ? 46  GLY A O   1 
ATOM   368  N N   . THR A 1 47  ? 9.238   0.617   -9.551  0.99 24.05 ? 47  THR A N   1 
ATOM   369  C CA  . THR A 1 47  ? 7.813   0.513   -9.855  0.94 22.30 ? 47  THR A CA  1 
ATOM   370  C C   . THR A 1 47  ? 7.121   1.855   -9.694  1.00 21.20 ? 47  THR A C   1 
ATOM   371  O O   . THR A 1 47  ? 7.675   2.803   -9.126  1.00 21.06 ? 47  THR A O   1 
ATOM   372  C CB  . THR A 1 47  ? 7.071   -0.500  -8.937  0.98 21.29 ? 47  THR A CB  1 
ATOM   373  O OG1 . THR A 1 47  ? 6.881   0.071   -7.632  1.00 19.25 ? 47  THR A OG1 1 
ATOM   374  C CG2 . THR A 1 47  ? 7.857   -1.798  -8.822  1.00 20.48 ? 47  THR A CG2 1 
ATOM   375  N N   . ILE A 1 48  ? 5.912   1.928   -10.234 1.00 21.11 ? 48  ILE A N   1 
ATOM   376  C CA  . ILE A 1 48  ? 5.086   3.117   -10.130 1.00 21.90 ? 48  ILE A CA  1 
ATOM   377  C C   . ILE A 1 48  ? 4.127   2.795   -8.992  0.89 21.84 ? 48  ILE A C   1 
ATOM   378  O O   . ILE A 1 48  ? 3.363   1.830   -9.081  1.00 19.48 ? 48  ILE A O   1 
ATOM   379  C CB  . ILE A 1 48  ? 4.266   3.343   -11.414 1.00 22.89 ? 48  ILE A CB  1 
ATOM   380  C CG1 . ILE A 1 48  ? 5.204   3.626   -12.588 1.00 25.82 ? 48  ILE A CG1 1 
ATOM   381  C CG2 . ILE A 1 48  ? 3.277   4.471   -11.201 1.00 22.42 ? 48  ILE A CG2 1 
ATOM   382  C CD1 . ILE A 1 48  ? 6.127   4.805   -12.366 0.17 32.52 ? 48  ILE A CD1 1 
ATOM   383  N N   . MET A 1 49  ? 4.168   3.593   -7.929  1.00 21.93 ? 49  MET A N   1 
ATOM   384  C CA  . MET A 1 49  ? 3.310   3.359   -6.771  1.00 20.98 ? 49  MET A CA  1 
ATOM   385  C C   . MET A 1 49  ? 1.917   3.971   -6.917  0.99 21.09 ? 49  MET A C   1 
ATOM   386  O O   . MET A 1 49  ? 1.776   5.129   -7.288  1.00 21.10 ? 49  MET A O   1 
ATOM   387  C CB  . MET A 1 49  ? 3.971   3.909   -5.504  0.93 22.46 ? 49  MET A CB  1 
ATOM   388  C CG  . MET A 1 49  ? 5.337   3.310   -5.187  1.00 23.35 ? 49  MET A CG  1 
ATOM   389  S SD  . MET A 1 49  ? 5.981   3.920   -3.606  1.00 24.19 ? 49  MET A SD  1 
ATOM   390  C CE  . MET A 1 49  ? 6.060   5.674   -3.954  0.81 27.05 ? 49  MET A CE  1 
ATOM   391  N N   . ILE A 1 50  ? 0.891   3.179   -6.621  1.00 19.71 ? 50  ILE A N   1 
ATOM   392  C CA  . ILE A 1 50  ? -0.487  3.651   -6.705  1.00 16.97 ? 50  ILE A CA  1 
ATOM   393  C C   . ILE A 1 50  ? -1.088  3.612   -5.295  1.00 18.01 ? 50  ILE A C   1 
ATOM   394  O O   . ILE A 1 50  ? -0.987  2.605   -4.598  1.00 18.92 ? 50  ILE A O   1 
ATOM   395  C CB  . ILE A 1 50  ? -1.318  2.764   -7.663  1.00 16.45 ? 50  ILE A CB  1 
ATOM   396  C CG1 . ILE A 1 50  ? -0.628  2.687   -9.030  1.00 15.66 ? 50  ILE A CG1 1 
ATOM   397  C CG2 . ILE A 1 50  ? -2.708  3.334   -7.816  1.00 15.07 ? 50  ILE A CG2 1 
ATOM   398  C CD1 . ILE A 1 50  ? -1.437  1.961   -10.111 1.00 19.18 ? 50  ILE A CD1 1 
ATOM   399  N N   . MET A 1 51  ? -1.709  4.708   -4.874  1.00 16.99 ? 51  MET A N   1 
ATOM   400  C CA  . MET A 1 51  ? -2.284  4.777   -3.536  1.00 17.96 ? 51  MET A CA  1 
ATOM   401  C C   . MET A 1 51  ? -3.496  5.703   -3.482  1.00 18.75 ? 51  MET A C   1 
ATOM   402  O O   . MET A 1 51  ? -3.744  6.476   -4.408  1.00 19.56 ? 51  MET A O   1 
ATOM   403  C CB  . MET A 1 51  ? -1.216  5.286   -2.562  1.00 19.32 ? 51  MET A CB  1 
ATOM   404  C CG  . MET A 1 51  ? -0.825  6.739   -2.814  1.00 19.51 ? 51  MET A CG  1 
ATOM   405  S SD  . MET A 1 51  ? 0.872   7.138   -2.314  0.96 20.67 ? 51  MET A SD  1 
ATOM   406  C CE  . MET A 1 51  ? 0.712   7.407   -0.663  0.23 27.45 ? 51  MET A CE  1 
ATOM   407  N N   . GLY A 1 52  ? -4.240  5.624   -2.385  1.00 16.66 ? 52  GLY A N   1 
ATOM   408  C CA  . GLY A 1 52  ? -5.400  6.479   -2.211  0.97 19.37 ? 52  GLY A CA  1 
ATOM   409  C C   . GLY A 1 52  ? -4.989  7.834   -1.656  0.97 20.71 ? 52  GLY A C   1 
ATOM   410  O O   . GLY A 1 52  ? -3.823  8.039   -1.317  1.00 19.93 ? 52  GLY A O   1 
ATOM   411  N N   . ALA A 1 53  ? -5.947  8.751   -1.549  1.00 21.88 ? 53  ALA A N   1 
ATOM   412  C CA  . ALA A 1 53  ? -5.677  10.105  -1.059  0.99 23.13 ? 53  ALA A CA  1 
ATOM   413  C C   . ALA A 1 53  ? -5.107  10.211  0.357   1.00 23.72 ? 53  ALA A C   1 
ATOM   414  O O   . ALA A 1 53  ? -4.127  10.925  0.581   1.00 24.61 ? 53  ALA A O   1 
ATOM   415  C CB  . ALA A 1 53  ? -6.941  10.947  -1.165  1.00 21.76 ? 53  ALA A CB  1 
ATOM   416  N N   . LYS A 1 54  ? -5.716  9.525   1.318   1.00 24.83 ? 54  LYS A N   1 
ATOM   417  C CA  . LYS A 1 54  ? -5.223  9.591   2.690   0.90 26.38 ? 54  LYS A CA  1 
ATOM   418  C C   . LYS A 1 54  ? -3.850  8.957   2.809   1.00 25.66 ? 54  LYS A C   1 
ATOM   419  O O   . LYS A 1 54  ? -3.040  9.364   3.643   1.00 25.35 ? 54  LYS A O   1 
ATOM   420  C CB  . LYS A 1 54  ? -6.199  8.919   3.664   1.00 26.99 ? 54  LYS A CB  1 
ATOM   421  C CG  . LYS A 1 54  ? -7.404  9.788   3.998   0.84 31.45 ? 54  LYS A CG  1 
ATOM   422  C CD  . LYS A 1 54  ? -8.391  9.084   4.908   1.00 33.79 ? 54  LYS A CD  1 
ATOM   423  C CE  . LYS A 1 54  ? -9.633  9.942   5.108   0.68 36.98 ? 54  LYS A CE  1 
ATOM   424  N NZ  . LYS A 1 54  ? -10.666 9.254   5.931   0.60 39.06 ? 54  LYS A NZ  1 
ATOM   425  N N   . THR A 1 55  ? -3.583  7.956   1.977   1.00 24.41 ? 55  THR A N   1 
ATOM   426  C CA  . THR A 1 55  ? -2.282  7.315   2.014   1.00 23.45 ? 55  THR A CA  1 
ATOM   427  C C   . THR A 1 55  ? -1.244  8.343   1.578   1.00 23.17 ? 55  THR A C   1 
ATOM   428  O O   . THR A 1 55  ? -0.173  8.447   2.175   1.00 24.52 ? 55  THR A O   1 
ATOM   429  C CB  . THR A 1 55  ? -2.247  6.075   1.089   1.00 21.81 ? 55  THR A CB  1 
ATOM   430  O OG1 . THR A 1 55  ? -3.128  5.075   1.614   1.00 22.32 ? 55  THR A OG1 1 
ATOM   431  C CG2 . THR A 1 55  ? -0.849  5.491   1.012   1.00 20.73 ? 55  THR A CG2 1 
ATOM   432  N N   . PHE A 1 56  ? -1.571  9.117   0.549   0.96 25.83 ? 56  PHE A N   1 
ATOM   433  C CA  . PHE A 1 56  ? -0.651  10.134  0.053   1.00 24.96 ? 56  PHE A CA  1 
ATOM   434  C C   . PHE A 1 56  ? -0.442  11.219  1.107   0.88 27.90 ? 56  PHE A C   1 
ATOM   435  O O   . PHE A 1 56  ? 0.667   11.739  1.277   1.00 27.93 ? 56  PHE A O   1 
ATOM   436  C CB  . PHE A 1 56  ? -1.191  10.759  -1.232  1.00 24.56 ? 56  PHE A CB  1 
ATOM   437  C CG  . PHE A 1 56  ? -0.181  11.592  -1.964  0.91 24.91 ? 56  PHE A CG  1 
ATOM   438  C CD1 . PHE A 1 56  ? 1.015   11.027  -2.404  1.00 24.01 ? 56  PHE A CD1 1 
ATOM   439  C CD2 . PHE A 1 56  ? -0.416  12.941  -2.210  1.00 22.90 ? 56  PHE A CD2 1 
ATOM   440  C CE1 . PHE A 1 56  ? 1.962   11.795  -3.080  1.00 23.75 ? 56  PHE A CE1 1 
ATOM   441  C CE2 . PHE A 1 56  ? 0.524   13.717  -2.883  1.00 24.13 ? 56  PHE A CE2 1 
ATOM   442  C CZ  . PHE A 1 56  ? 1.716   13.140  -3.319  1.00 22.40 ? 56  PHE A CZ  1 
ATOM   443  N N   . GLN A 1 57  ? -1.514  11.553  1.815   1.00 28.90 ? 57  GLN A N   1 
ATOM   444  C CA  . GLN A 1 57  ? -1.452  12.570  2.854   0.90 30.95 ? 57  GLN A CA  1 
ATOM   445  C C   . GLN A 1 57  ? -0.645  12.109  4.062   0.91 31.36 ? 57  GLN A C   1 
ATOM   446  O O   . GLN A 1 57  ? -0.101  12.933  4.795   0.86 32.73 ? 57  GLN A O   1 
ATOM   447  C CB  . GLN A 1 57  ? -2.860  12.945  3.309   1.00 31.27 ? 57  GLN A CB  1 
ATOM   448  C CG  . GLN A 1 57  ? -3.724  13.576  2.233   1.00 32.24 ? 57  GLN A CG  1 
ATOM   449  C CD  . GLN A 1 57  ? -5.132  13.831  2.725   0.72 33.87 ? 57  GLN A CD  1 
ATOM   450  O OE1 . GLN A 1 57  ? -5.806  12.919  3.200   0.98 33.68 ? 57  GLN A OE1 1 
ATOM   451  N NE2 . GLN A 1 57  ? -5.585  15.077  2.619   0.83 34.88 ? 57  GLN A NE2 1 
ATOM   452  N N   . SER A 1 58  ? -0.568  10.799  4.271   1.00 30.72 ? 58  SER A N   1 
ATOM   453  C CA  . SER A 1 58  ? 0.171   10.264  5.407   1.00 31.01 ? 58  SER A CA  1 
ATOM   454  C C   . SER A 1 58  ? 1.679   10.328  5.202   0.96 31.95 ? 58  SER A C   1 
ATOM   455  O O   . SER A 1 58  ? 2.446   10.142  6.146   0.94 32.76 ? 58  SER A O   1 
ATOM   456  C CB  . SER A 1 58  ? -0.241  8.818   5.682   1.00 30.08 ? 58  SER A CB  1 
ATOM   457  O OG  . SER A 1 58  ? 0.374   7.919   4.776   0.96 30.37 ? 58  SER A OG  1 
ATOM   458  N N   . LEU A 1 59  ? 2.102   10.584  3.969   1.00 31.35 ? 59  LEU A N   1 
ATOM   459  C CA  . LEU A 1 59  ? 3.522   10.660  3.652   1.00 31.06 ? 59  LEU A CA  1 
ATOM   460  C C   . LEU A 1 59  ? 4.121   11.999  4.063   1.00 32.30 ? 59  LEU A C   1 
ATOM   461  O O   . LEU A 1 59  ? 3.570   13.051  3.759   0.95 32.51 ? 59  LEU A O   1 
ATOM   462  C CB  . LEU A 1 59  ? 3.744   10.469  2.150   0.94 29.35 ? 59  LEU A CB  1 
ATOM   463  C CG  . LEU A 1 59  ? 3.299   9.154   1.514   1.00 26.20 ? 59  LEU A CG  1 
ATOM   464  C CD1 . LEU A 1 59  ? 3.558   9.206   0.015   1.00 25.29 ? 59  LEU A CD1 1 
ATOM   465  C CD2 . LEU A 1 59  ? 4.052   7.999   2.155   0.98 26.43 ? 59  LEU A CD2 1 
ATOM   466  N N   . PRO A 1 60  ? 5.259   11.974  4.771   0.97 34.15 ? 60  PRO A N   1 
ATOM   467  C CA  . PRO A 1 60  ? 5.882   13.234  5.185   1.00 35.17 ? 60  PRO A CA  1 
ATOM   468  C C   . PRO A 1 60  ? 6.335   14.025  3.959   0.93 35.12 ? 60  PRO A C   1 
ATOM   469  O O   . PRO A 1 60  ? 6.375   15.253  3.979   0.81 36.33 ? 60  PRO A O   1 
ATOM   470  C CB  . PRO A 1 60  ? 7.044   12.775  6.067   1.00 35.57 ? 60  PRO A CB  1 
ATOM   471  C CG  . PRO A 1 60  ? 7.373   11.419  5.525   0.01 36.93 ? 60  PRO A CG  1 
ATOM   472  C CD  . PRO A 1 60  ? 6.008   10.819  5.293   0.93 34.82 ? 60  PRO A CD  1 
ATOM   473  N N   . THR A 1 61  ? 6.657   13.303  2.888   1.00 34.32 ? 61  THR A N   1 
ATOM   474  C CA  . THR A 1 61  ? 7.093   13.905  1.631   1.00 32.60 ? 61  THR A CA  1 
ATOM   475  C C   . THR A 1 61  ? 7.161   12.812  0.571   1.00 30.96 ? 61  THR A C   1 
ATOM   476  O O   . THR A 1 61  ? 7.020   11.636  0.889   1.00 31.65 ? 61  THR A O   1 
ATOM   477  C CB  . THR A 1 61  ? 8.489   14.551  1.767   1.00 32.71 ? 61  THR A CB  1 
ATOM   478  O OG1 . THR A 1 61  ? 8.802   15.263  0.565   0.64 34.02 ? 61  THR A OG1 1 
ATOM   479  C CG2 . THR A 1 61  ? 9.551   13.488  2.001   1.00 32.74 ? 61  THR A CG2 1 
ATOM   480  N N   . LEU A 1 62  ? 7.376   13.192  -0.683  1.00 30.74 ? 62  LEU A N   1 
ATOM   481  C CA  . LEU A 1 62  ? 7.460   12.203  -1.756  1.00 30.06 ? 62  LEU A CA  1 
ATOM   482  C C   . LEU A 1 62  ? 8.588   11.224  -1.490  1.00 30.15 ? 62  LEU A C   1 
ATOM   483  O O   . LEU A 1 62  ? 9.678   11.623  -1.083  0.87 31.05 ? 62  LEU A O   1 
ATOM   484  C CB  . LEU A 1 62  ? 7.709   12.877  -3.109  1.00 29.06 ? 62  LEU A CB  1 
ATOM   485  C CG  . LEU A 1 62  ? 6.573   13.690  -3.724  0.93 29.23 ? 62  LEU A CG  1 
ATOM   486  C CD1 . LEU A 1 62  ? 7.029   14.253  -5.059  1.00 27.07 ? 62  LEU A CD1 1 
ATOM   487  C CD2 . LEU A 1 62  ? 5.351   12.799  -3.910  1.00 27.33 ? 62  LEU A CD2 1 
ATOM   488  N N   . LEU A 1 63  ? 8.330   9.942   -1.716  1.00 29.16 ? 63  LEU A N   1 
ATOM   489  C CA  . LEU A 1 63  ? 9.360   8.931   -1.519  1.00 30.20 ? 63  LEU A CA  1 
ATOM   490  C C   . LEU A 1 63  ? 10.290  9.035   -2.722  0.97 29.64 ? 63  LEU A C   1 
ATOM   491  O O   . LEU A 1 63  ? 9.863   8.895   -3.866  1.00 30.18 ? 63  LEU A O   1 
ATOM   492  C CB  . LEU A 1 63  ? 8.726   7.542   -1.436  1.00 30.95 ? 63  LEU A CB  1 
ATOM   493  C CG  . LEU A 1 63  ? 7.641   7.424   -0.361  0.85 32.83 ? 63  LEU A CG  1 
ATOM   494  C CD1 . LEU A 1 63  ? 7.031   6.032   -0.398  0.76 33.77 ? 63  LEU A CD1 1 
ATOM   495  C CD2 . LEU A 1 63  ? 8.233   7.716   1.012   0.85 33.07 ? 63  LEU A CD2 1 
ATOM   496  N N   . PRO A 1 64  ? 11.582  9.301   -2.477  1.00 29.25 ? 64  PRO A N   1 
ATOM   497  C CA  . PRO A 1 64  ? 12.587  9.440   -3.533  1.00 28.86 ? 64  PRO A CA  1 
ATOM   498  C C   . PRO A 1 64  ? 12.691  8.297   -4.533  1.00 28.32 ? 64  PRO A C   1 
ATOM   499  O O   . PRO A 1 64  ? 12.665  7.125   -4.160  1.00 27.77 ? 64  PRO A O   1 
ATOM   500  C CB  . PRO A 1 64  ? 13.886  9.620   -2.750  1.00 28.54 ? 64  PRO A CB  1 
ATOM   501  C CG  . PRO A 1 64  ? 13.433  10.279  -1.491  0.75 29.37 ? 64  PRO A CG  1 
ATOM   502  C CD  . PRO A 1 64  ? 12.191  9.497   -1.150  1.00 28.53 ? 64  PRO A CD  1 
ATOM   503  N N   . GLY A 1 65  ? 12.801  8.655   -5.810  1.00 27.84 ? 65  GLY A N   1 
ATOM   504  C CA  . GLY A 1 65  ? 12.972  7.667   -6.854  0.90 28.16 ? 65  GLY A CA  1 
ATOM   505  C C   . GLY A 1 65  ? 11.768  7.029   -7.514  1.00 27.50 ? 65  GLY A C   1 
ATOM   506  O O   . GLY A 1 65  ? 11.895  6.477   -8.603  1.00 27.81 ? 65  GLY A O   1 
ATOM   507  N N   . ARG A 1 66  ? 10.605  7.088   -6.885  1.00 27.28 ? 66  ARG A N   1 
ATOM   508  C CA  . ARG A 1 66  ? 9.443   6.463   -7.493  1.00 27.44 ? 66  ARG A CA  1 
ATOM   509  C C   . ARG A 1 66  ? 8.317   7.421   -7.822  1.00 25.72 ? 66  ARG A C   1 
ATOM   510  O O   . ARG A 1 66  ? 8.088   8.405   -7.115  1.00 25.74 ? 66  ARG A O   1 
ATOM   511  C CB  . ARG A 1 66  ? 8.910   5.343   -6.595  1.00 28.49 ? 66  ARG A CB  1 
ATOM   512  C CG  . ARG A 1 66  ? 9.924   4.250   -6.304  1.00 32.11 ? 66  ARG A CG  1 
ATOM   513  C CD  . ARG A 1 66  ? 10.765  4.600   -5.092  0.83 35.49 ? 66  ARG A CD  1 
ATOM   514  N NE  . ARG A 1 66  ? 10.056  4.300   -3.858  1.00 37.13 ? 66  ARG A NE  1 
ATOM   515  C CZ  . ARG A 1 66  ? 10.476  4.641   -2.644  0.78 37.39 ? 66  ARG A CZ  1 
ATOM   516  N NH1 . ARG A 1 66  ? 11.613  5.306   -2.487  1.00 37.50 ? 66  ARG A NH1 1 
ATOM   517  N NH2 . ARG A 1 66  ? 9.759   4.303   -1.581  0.66 38.57 ? 66  ARG A NH2 1 
ATOM   518  N N   . SER A 1 67  ? 7.629   7.126   -8.917  1.00 24.05 ? 67  SER A N   1 
ATOM   519  C CA  . SER A 1 67  ? 6.498   7.928   -9.342  1.00 23.25 ? 67  SER A CA  1 
ATOM   520  C C   . SER A 1 67  ? 5.322   7.580   -8.431  1.00 21.53 ? 67  SER A C   1 
ATOM   521  O O   . SER A 1 67  ? 5.078   6.401   -8.141  1.00 21.11 ? 67  SER A O   1 
ATOM   522  C CB  . SER A 1 67  ? 6.149   7.610   -10.793 1.00 23.62 ? 67  SER A CB  1 
ATOM   523  O OG  . SER A 1 67  ? 5.053   8.386   -11.238 0.70 30.51 ? 67  SER A OG  1 
ATOM   524  N N   . HIS A 1 68  ? 4.610   8.610   -7.978  1.00 18.88 ? 68  HIS A N   1 
ATOM   525  C CA  . HIS A 1 68  ? 3.453   8.451   -7.106  1.00 19.57 ? 68  HIS A CA  1 
ATOM   526  C C   . HIS A 1 68  ? 2.171   8.758   -7.872  1.00 19.96 ? 68  HIS A C   1 
ATOM   527  O O   . HIS A 1 68  ? 1.979   9.882   -8.330  0.99 22.61 ? 68  HIS A O   1 
ATOM   528  C CB  . HIS A 1 68  ? 3.519   9.427   -5.922  1.00 19.65 ? 68  HIS A CB  1 
ATOM   529  C CG  . HIS A 1 68  ? 4.655   9.182   -4.980  1.00 20.22 ? 68  HIS A CG  1 
ATOM   530  N ND1 . HIS A 1 68  ? 5.949   8.982   -5.409  1.00 21.37 ? 68  HIS A ND1 1 
ATOM   531  C CD2 . HIS A 1 68  ? 4.703   9.180   -3.626  0.89 21.85 ? 68  HIS A CD2 1 
ATOM   532  C CE1 . HIS A 1 68  ? 6.747   8.873   -4.361  1.00 19.80 ? 68  HIS A CE1 1 
ATOM   533  N NE2 . HIS A 1 68  ? 6.016   8.990   -3.267  0.92 21.72 ? 68  HIS A NE2 1 
ATOM   534  N N   . ILE A 1 69  ? 1.303   7.762   -8.019  1.00 18.70 ? 69  ILE A N   1 
ATOM   535  C CA  . ILE A 1 69  ? 0.012   7.965   -8.673  1.00 18.67 ? 69  ILE A CA  1 
ATOM   536  C C   . ILE A 1 69  ? -1.029  7.867   -7.559  1.00 18.63 ? 69  ILE A C   1 
ATOM   537  O O   . ILE A 1 69  ? -1.021  6.914   -6.776  1.00 18.85 ? 69  ILE A O   1 
ATOM   538  C CB  . ILE A 1 69  ? -0.282  6.886   -9.726  1.00 19.06 ? 69  ILE A CB  1 
ATOM   539  C CG1 . ILE A 1 69  ? 0.668   7.046   -10.914 1.00 19.82 ? 69  ILE A CG1 1 
ATOM   540  C CG2 . ILE A 1 69  ? -1.743  6.982   -10.172 1.00 19.08 ? 69  ILE A CG2 1 
ATOM   541  C CD1 . ILE A 1 69  ? 0.368   6.117   -12.066 1.00 20.02 ? 69  ILE A CD1 1 
ATOM   542  N N   . VAL A 1 70  ? -1.907  8.860   -7.470  1.00 18.13 ? 70  VAL A N   1 
ATOM   543  C CA  . VAL A 1 70  ? -2.930  8.868   -6.433  1.00 18.54 ? 70  VAL A CA  1 
ATOM   544  C C   . VAL A 1 70  ? -4.329  8.750   -7.025  1.00 20.03 ? 70  VAL A C   1 
ATOM   545  O O   . VAL A 1 70  ? -4.708  9.536   -7.888  1.00 22.31 ? 70  VAL A O   1 
ATOM   546  C CB  . VAL A 1 70  ? -2.867  10.165  -5.589  1.00 18.13 ? 70  VAL A CB  1 
ATOM   547  C CG1 . VAL A 1 70  ? -4.017  10.198  -4.597  1.00 16.13 ? 70  VAL A CG1 1 
ATOM   548  C CG2 . VAL A 1 70  ? -1.534  10.242  -4.845  1.00 15.13 ? 70  VAL A CG2 1 
ATOM   549  N N   . VAL A 1 71  ? -5.077  7.754   -6.559  0.98 20.10 ? 71  VAL A N   1 
ATOM   550  C CA  . VAL A 1 71  ? -6.449  7.523   -7.009  1.00 18.99 ? 71  VAL A CA  1 
ATOM   551  C C   . VAL A 1 71  ? -7.350  8.280   -6.047  1.00 18.74 ? 71  VAL A C   1 
ATOM   552  O O   . VAL A 1 71  ? -7.362  7.987   -4.851  1.00 19.16 ? 71  VAL A O   1 
ATOM   553  C CB  . VAL A 1 71  ? -6.823  6.034   -6.939  1.00 17.57 ? 71  VAL A CB  1 
ATOM   554  C CG1 . VAL A 1 71  ? -8.262  5.832   -7.457  1.00 18.59 ? 71  VAL A CG1 1 
ATOM   555  C CG2 . VAL A 1 71  ? -5.841  5.215   -7.757  1.00 16.04 ? 71  VAL A CG2 1 
ATOM   556  N N   . CYS A 1 72  ? -8.115  9.243   -6.554  1.00 21.42 ? 72  CYS A N   1 
ATOM   557  C CA  . CYS A 1 72  ? -8.984  10.015  -5.673  1.00 22.29 ? 72  CYS A CA  1 
ATOM   558  C C   . CYS A 1 72  ? -10.109 10.729  -6.402  1.00 22.28 ? 72  CYS A C   1 
ATOM   559  O O   . CYS A 1 72  ? -10.211 10.658  -7.626  1.00 22.12 ? 72  CYS A O   1 
ATOM   560  C CB  . CYS A 1 72  ? -8.161  11.052  -4.895  0.97 23.26 ? 72  CYS A CB  1 
ATOM   561  S SG  . CYS A 1 72  ? -7.420  12.339  -5.933  1.00 26.15 ? 72  CYS A SG  1 
ATOM   562  N N   . ASP A 1 73  ? -10.948 11.407  -5.624  1.00 22.79 ? 73  ASP A N   1 
ATOM   563  C CA  . ASP A 1 73  ? -12.073 12.175  -6.150  1.00 24.54 ? 73  ASP A CA  1 
ATOM   564  C C   . ASP A 1 73  ? -11.498 13.497  -6.647  1.00 26.70 ? 73  ASP A C   1 
ATOM   565  O O   . ASP A 1 73  ? -11.117 14.359  -5.854  1.00 27.80 ? 73  ASP A O   1 
ATOM   566  C CB  . ASP A 1 73  ? -13.094 12.418  -5.036  1.00 23.96 ? 73  ASP A CB  1 
ATOM   567  C CG  . ASP A 1 73  ? -14.342 13.134  -5.523  0.94 24.05 ? 73  ASP A CG  1 
ATOM   568  O OD1 . ASP A 1 73  ? -15.276 13.290  -4.708  0.97 26.55 ? 73  ASP A OD1 1 
ATOM   569  O OD2 . ASP A 1 73  ? -14.391 13.538  -6.705  1.00 24.27 ? 73  ASP A OD2 1 
ATOM   570  N N   . LEU A 1 74  ? -11.424 13.647  -7.963  1.00 28.18 ? 74  LEU A N   1 
ATOM   571  C CA  . LEU A 1 74  ? -10.857 14.848  -8.554  1.00 29.71 ? 74  LEU A CA  1 
ATOM   572  C C   . LEU A 1 74  ? -11.770 16.069  -8.442  0.66 31.31 ? 74  LEU A C   1 
ATOM   573  O O   . LEU A 1 74  ? -11.374 17.181  -8.795  1.00 31.07 ? 74  LEU A O   1 
ATOM   574  C CB  . LEU A 1 74  ? -10.479 14.569  -10.011 1.00 28.72 ? 74  LEU A CB  1 
ATOM   575  C CG  . LEU A 1 74  ? -9.483  13.410  -10.181 1.00 28.54 ? 74  LEU A CG  1 
ATOM   576  C CD1 . LEU A 1 74  ? -9.168  13.205  -11.642 0.98 28.65 ? 74  LEU A CD1 1 
ATOM   577  C CD2 . LEU A 1 74  ? -8.203  13.709  -9.407  0.83 28.82 ? 74  LEU A CD2 1 
ATOM   578  N N   . ALA A 1 75  ? -12.984 15.861  -7.943  1.00 31.88 ? 75  ALA A N   1 
ATOM   579  C CA  . ALA A 1 75  ? -13.925 16.961  -7.764  1.00 33.00 ? 75  ALA A CA  1 
ATOM   580  C C   . ALA A 1 75  ? -13.526 17.722  -6.504  0.89 34.07 ? 75  ALA A C   1 
ATOM   581  O O   . ALA A 1 75  ? -14.090 18.770  -6.190  0.76 35.73 ? 75  ALA A O   1 
ATOM   582  C CB  . ALA A 1 75  ? -15.342 16.424  -7.627  1.00 32.66 ? 75  ALA A CB  1 
ATOM   583  N N   . ARG A 1 76  ? -12.542 17.182  -5.789  1.00 33.30 ? 76  ARG A N   1 
ATOM   584  C CA  . ARG A 1 76  ? -12.041 17.783  -4.558  1.00 32.77 ? 76  ARG A CA  1 
ATOM   585  C C   . ARG A 1 76  ? -10.611 18.267  -4.781  1.00 32.78 ? 76  ARG A C   1 
ATOM   586  O O   . ARG A 1 76  ? -10.003 17.961  -5.805  1.00 31.06 ? 76  ARG A O   1 
ATOM   587  C CB  . ARG A 1 76  ? -12.067 16.755  -3.422  1.00 32.88 ? 76  ARG A CB  1 
ATOM   588  C CG  . ARG A 1 76  ? -13.465 16.285  -3.050  0.94 33.74 ? 76  ARG A CG  1 
ATOM   589  C CD  . ARG A 1 76  ? -13.443 15.054  -2.149  0.85 34.13 ? 76  ARG A CD  1 
ATOM   590  N NE  . ARG A 1 76  ? -12.765 15.276  -0.874  1.00 33.58 ? 76  ARG A NE  1 
ATOM   591  C CZ  . ARG A 1 76  ? -12.712 14.376  0.104   0.71 33.63 ? 76  ARG A CZ  1 
ATOM   592  N NH1 . ARG A 1 76  ? -13.298 13.193  -0.047  0.96 33.50 ? 76  ARG A NH1 1 
ATOM   593  N NH2 . ARG A 1 76  ? -12.072 14.648  1.231   1.00 32.28 ? 76  ARG A NH2 1 
ATOM   594  N N   . ASP A 1 77  ? -10.086 19.028  -3.826  1.00 33.39 ? 77  ASP A N   1 
ATOM   595  C CA  . ASP A 1 77  ? -8.723  19.545  -3.924  0.87 34.20 ? 77  ASP A CA  1 
ATOM   596  C C   . ASP A 1 77  ? -7.722  18.399  -4.021  0.97 34.20 ? 77  ASP A C   1 
ATOM   597  O O   . ASP A 1 77  ? -7.975  17.297  -3.536  1.00 33.87 ? 77  ASP A O   1 
ATOM   598  C CB  . ASP A 1 77  ? -8.380  20.399  -2.696  1.00 33.74 ? 77  ASP A CB  1 
ATOM   599  C CG  . ASP A 1 77  ? -9.057  21.757  -2.711  0.89 35.09 ? 77  ASP A CG  1 
ATOM   600  O OD1 . ASP A 1 77  ? -8.859  22.524  -1.744  0.97 36.22 ? 77  ASP A OD1 1 
ATOM   601  O OD2 . ASP A 1 77  ? -9.780  22.063  -3.682  1.00 34.68 ? 77  ASP A OD2 1 
ATOM   602  N N   . TYR A 1 78  ? -6.585  18.664  -4.654  1.00 34.25 ? 78  TYR A N   1 
ATOM   603  C CA  . TYR A 1 78  ? -5.541  17.658  -4.784  1.00 33.49 ? 78  TYR A CA  1 
ATOM   604  C C   . TYR A 1 78  ? -4.983  17.335  -3.406  0.98 32.83 ? 78  TYR A C   1 
ATOM   605  O O   . TYR A 1 78  ? -4.673  18.237  -2.626  1.00 31.67 ? 78  TYR A O   1 
ATOM   606  C CB  . TYR A 1 78  ? -4.391  18.177  -5.649  1.00 33.73 ? 78  TYR A CB  1 
ATOM   607  C CG  . TYR A 1 78  ? -4.646  18.177  -7.135  1.00 33.63 ? 78  TYR A CG  1 
ATOM   608  C CD1 . TYR A 1 78  ? -4.266  19.264  -7.919  1.00 33.62 ? 78  TYR A CD1 1 
ATOM   609  C CD2 . TYR A 1 78  ? -5.238  17.083  -7.767  1.00 33.90 ? 78  TYR A CD2 1 
ATOM   610  C CE1 . TYR A 1 78  ? -4.466  19.269  -9.289  0.92 34.26 ? 78  TYR A CE1 1 
ATOM   611  C CE2 . TYR A 1 78  ? -5.442  17.075  -9.142  1.00 33.87 ? 78  TYR A CE2 1 
ATOM   612  C CZ  . TYR A 1 78  ? -5.055  18.173  -9.897  0.64 34.66 ? 78  TYR A CZ  1 
ATOM   613  O OH  . TYR A 1 78  ? -5.246  18.182  -11.258 0.87 34.77 ? 78  TYR A OH  1 
ATOM   614  N N   . PRO A 1 79  ? -4.864  16.041  -3.078  0.84 32.43 ? 79  PRO A N   1 
ATOM   615  C CA  . PRO A 1 79  ? -4.319  15.677  -1.768  0.85 31.99 ? 79  PRO A CA  1 
ATOM   616  C C   . PRO A 1 79  ? -2.808  15.887  -1.850  1.00 30.71 ? 79  PRO A C   1 
ATOM   617  O O   . PRO A 1 79  ? -2.205  15.599  -2.878  1.00 31.34 ? 79  PRO A O   1 
ATOM   618  C CB  . PRO A 1 79  ? -4.667  14.191  -1.639  0.94 32.15 ? 79  PRO A CB  1 
ATOM   619  C CG  . PRO A 1 79  ? -5.808  14.001  -2.585  0.98 32.46 ? 79  PRO A CG  1 
ATOM   620  C CD  . PRO A 1 79  ? -5.445  14.867  -3.750  1.00 31.92 ? 79  PRO A CD  1 
ATOM   621  N N   . VAL A 1 80  ? -2.201  16.393  -0.782  0.82 31.77 ? 80  VAL A N   1 
ATOM   622  C CA  . VAL A 1 80  ? -0.759  16.609  -0.774  1.00 30.67 ? 80  VAL A CA  1 
ATOM   623  C C   . VAL A 1 80  ? -0.105  15.880  0.389   1.00 31.38 ? 80  VAL A C   1 
ATOM   624  O O   . VAL A 1 80  ? -0.779  15.418  1.310   0.99 32.61 ? 80  VAL A O   1 
ATOM   625  C CB  . VAL A 1 80  ? -0.400  18.111  -0.669  1.00 30.16 ? 80  VAL A CB  1 
ATOM   626  C CG1 . VAL A 1 80  ? -0.781  18.827  -1.952  1.00 30.41 ? 80  VAL A CG1 1 
ATOM   627  C CG2 . VAL A 1 80  ? -1.105  18.730  0.522   0.99 29.82 ? 80  VAL A CG2 1 
ATOM   628  N N   . THR A 1 81  ? 1.217   15.775  0.337   1.00 31.53 ? 81  THR A N   1 
ATOM   629  C CA  . THR A 1 81  ? 1.968   15.107  1.388   1.00 32.75 ? 81  THR A CA  1 
ATOM   630  C C   . THR A 1 81  ? 2.017   16.014  2.609   1.00 34.73 ? 81  THR A C   1 
ATOM   631  O O   . THR A 1 81  ? 1.560   17.154  2.560   1.00 34.49 ? 81  THR A O   1 
ATOM   632  C CB  . THR A 1 81  ? 3.405   14.816  0.938   0.89 32.34 ? 81  THR A CB  1 
ATOM   633  O OG1 . THR A 1 81  ? 4.059   16.053  0.625   1.00 31.45 ? 81  THR A OG1 1 
ATOM   634  C CG2 . THR A 1 81  ? 3.410   13.914  -0.296  1.00 29.58 ? 81  THR A CG2 1 
ATOM   635  N N   . LYS A 1 82  ? 2.566   15.503  3.704   0.83 37.19 ? 82  LYS A N   1 
ATOM   636  C CA  . LYS A 1 82  ? 2.677   16.291  4.925   1.00 39.20 ? 82  LYS A CA  1 
ATOM   637  C C   . LYS A 1 82  ? 3.593   17.485  4.687   1.00 40.59 ? 82  LYS A C   1 
ATOM   638  O O   . LYS A 1 82  ? 3.585   18.442  5.455   0.81 41.46 ? 82  LYS A O   1 
ATOM   639  C CB  . LYS A 1 82  ? 3.222   15.427  6.066   1.00 39.33 ? 82  LYS A CB  1 
ATOM   640  C CG  . LYS A 1 82  ? 2.254   14.348  6.526   1.00 40.71 ? 82  LYS A CG  1 
ATOM   641  C CD  . LYS A 1 82  ? 2.872   13.431  7.568   1.00 41.59 ? 82  LYS A CD  1 
ATOM   642  C CE  . LYS A 1 82  ? 1.864   12.393  8.039   0.74 42.16 ? 82  LYS A CE  1 
ATOM   643  N NZ  . LYS A 1 82  ? 2.451   11.406  8.987   0.97 42.44 ? 82  LYS A NZ  1 
ATOM   644  N N   . ASP A 1 83  ? 4.373   17.428  3.610   1.00 42.09 ? 83  ASP A N   1 
ATOM   645  C CA  . ASP A 1 83  ? 5.296   18.508  3.278   1.00 43.48 ? 83  ASP A CA  1 
ATOM   646  C C   . ASP A 1 83  ? 4.767   19.386  2.150   1.00 42.96 ? 83  ASP A C   1 
ATOM   647  O O   . ASP A 1 83  ? 5.469   20.274  1.664   0.97 43.76 ? 83  ASP A O   1 
ATOM   648  C CB  . ASP A 1 83  ? 6.662   17.935  2.887   0.78 46.13 ? 83  ASP A CB  1 
ATOM   649  C CG  . ASP A 1 83  ? 7.741   19.001  2.811   0.61 48.37 ? 83  ASP A CG  1 
ATOM   650  O OD1 . ASP A 1 83  ? 7.986   19.671  3.837   0.96 49.16 ? 83  ASP A OD1 1 
ATOM   651  O OD2 . ASP A 1 83  ? 8.342   19.168  1.728   0.71 50.04 ? 83  ASP A OD2 1 
ATOM   652  N N   . GLY A 1 84  ? 3.534   19.128  1.721   1.00 41.57 ? 84  GLY A N   1 
ATOM   653  C CA  . GLY A 1 84  ? 2.933   19.929  0.669   1.00 39.33 ? 84  GLY A CA  1 
ATOM   654  C C   . GLY A 1 84  ? 3.182   19.508  -0.767  0.84 39.06 ? 84  GLY A C   1 
ATOM   655  O O   . GLY A 1 84  ? 2.837   20.238  -1.698  1.00 38.69 ? 84  GLY A O   1 
ATOM   656  N N   . ASP A 1 85  ? 3.769   18.333  -0.962  0.94 38.03 ? 85  ASP A N   1 
ATOM   657  C CA  . ASP A 1 85  ? 4.052   17.849  -2.311  1.00 36.10 ? 85  ASP A CA  1 
ATOM   658  C C   . ASP A 1 85  ? 2.825   17.282  -3.010  1.00 34.74 ? 85  ASP A C   1 
ATOM   659  O O   . ASP A 1 85  ? 1.978   16.653  -2.383  1.00 34.29 ? 85  ASP A O   1 
ATOM   660  C CB  . ASP A 1 85  ? 5.116   16.755  -2.274  0.93 38.52 ? 85  ASP A CB  1 
ATOM   661  C CG  . ASP A 1 85  ? 6.424   17.229  -1.695  0.52 40.21 ? 85  ASP A CG  1 
ATOM   662  O OD1 . ASP A 1 85  ? 7.067   18.106  -2.316  0.74 41.61 ? 85  ASP A OD1 1 
ATOM   663  O OD2 . ASP A 1 85  ? 6.805   16.721  -0.621  1.00 40.58 ? 85  ASP A OD2 1 
ATOM   664  N N   . LEU A 1 86  ? 2.746   17.507  -4.316  1.00 33.41 ? 86  LEU A N   1 
ATOM   665  C CA  . LEU A 1 86  ? 1.657   16.980  -5.128  0.89 32.24 ? 86  LEU A CA  1 
ATOM   666  C C   . LEU A 1 86  ? 2.174   15.688  -5.735  1.00 29.79 ? 86  LEU A C   1 
ATOM   667  O O   . LEU A 1 86  ? 3.385   15.503  -5.866  1.00 29.90 ? 86  LEU A O   1 
ATOM   668  C CB  . LEU A 1 86  ? 1.295   17.941  -6.260  1.00 33.54 ? 86  LEU A CB  1 
ATOM   669  C CG  . LEU A 1 86  ? 0.379   19.127  -5.958  1.00 34.83 ? 86  LEU A CG  1 
ATOM   670  C CD1 . LEU A 1 86  ? 0.982   20.006  -4.872  0.36 37.01 ? 86  LEU A CD1 1 
ATOM   671  C CD2 . LEU A 1 86  ? 0.166   19.914  -7.242  0.89 36.40 ? 86  LEU A CD2 1 
ATOM   672  N N   . ALA A 1 87  ? 1.263   14.796  -6.103  1.00 27.38 ? 87  ALA A N   1 
ATOM   673  C CA  . ALA A 1 87  ? 1.657   13.533  -6.714  1.00 25.02 ? 87  ALA A CA  1 
ATOM   674  C C   . ALA A 1 87  ? 2.052   13.794  -8.160  0.98 24.75 ? 87  ALA A C   1 
ATOM   675  O O   . ALA A 1 87  ? 1.794   14.874  -8.698  0.95 24.47 ? 87  ALA A O   1 
ATOM   676  C CB  . ALA A 1 87  ? 0.500   12.540  -6.659  0.95 24.84 ? 87  ALA A CB  1 
ATOM   677  N N   . HIS A 1 88  ? 2.677   12.808  -8.794  1.00 21.99 ? 88  HIS A N   1 
ATOM   678  C CA  . HIS A 1 88  ? 3.093   12.954  -10.179 1.00 23.28 ? 88  HIS A CA  1 
ATOM   679  C C   . HIS A 1 88  ? 1.901   12.828  -11.122 1.00 23.32 ? 88  HIS A C   1 
ATOM   680  O O   . HIS A 1 88  ? 1.866   13.455  -12.182 1.00 24.13 ? 88  HIS A O   1 
ATOM   681  C CB  . HIS A 1 88  ? 4.176   11.923  -10.506 1.00 22.83 ? 88  HIS A CB  1 
ATOM   682  C CG  . HIS A 1 88  ? 5.414   12.092  -9.681  1.00 21.83 ? 88  HIS A CG  1 
ATOM   683  N ND1 . HIS A 1 88  ? 5.686   11.314  -8.576  1.00 21.69 ? 88  HIS A ND1 1 
ATOM   684  C CD2 . HIS A 1 88  ? 6.398   13.022  -9.736  0.93 22.62 ? 88  HIS A CD2 1 
ATOM   685  C CE1 . HIS A 1 88  ? 6.779   11.759  -7.982  0.93 24.08 ? 88  HIS A CE1 1 
ATOM   686  N NE2 . HIS A 1 88  ? 7.230   12.797  -8.666  0.93 23.59 ? 88  HIS A NE2 1 
ATOM   687  N N   . PHE A 1 89  ? 0.932   12.004  -10.736 1.00 23.70 ? 89  PHE A N   1 
ATOM   688  C CA  . PHE A 1 89  ? -0.285  11.831  -11.525 1.00 24.18 ? 89  PHE A CA  1 
ATOM   689  C C   . PHE A 1 89  ? -1.438  11.519  -10.581 0.70 25.09 ? 89  PHE A C   1 
ATOM   690  O O   . PHE A 1 89  ? -1.266  10.835  -9.568  1.00 24.55 ? 89  PHE A O   1 
ATOM   691  C CB  . PHE A 1 89  ? -0.178  10.673  -12.527 1.00 23.60 ? 89  PHE A CB  1 
ATOM   692  C CG  . PHE A 1 89  ? 1.049   10.706  -13.376 0.97 24.26 ? 89  PHE A CG  1 
ATOM   693  C CD1 . PHE A 1 89  ? 2.172   9.973   -13.015 1.00 23.24 ? 89  PHE A CD1 1 
ATOM   694  C CD2 . PHE A 1 89  ? 1.093   11.478  -14.531 1.00 24.26 ? 89  PHE A CD2 1 
ATOM   695  C CE1 . PHE A 1 89  ? 3.322   10.005  -13.788 1.00 24.37 ? 89  PHE A CE1 1 
ATOM   696  C CE2 . PHE A 1 89  ? 2.240   11.519  -15.313 1.00 25.64 ? 89  PHE A CE2 1 
ATOM   697  C CZ  . PHE A 1 89  ? 3.358   10.781  -14.941 0.77 26.42 ? 89  PHE A CZ  1 
ATOM   698  N N   . TYR A 1 90  ? -2.609  12.045  -10.913 0.95 24.74 ? 90  TYR A N   1 
ATOM   699  C CA  . TYR A 1 90  ? -3.806  11.784  -10.136 1.00 24.02 ? 90  TYR A CA  1 
ATOM   700  C C   . TYR A 1 90  ? -4.770  11.149  -11.128 1.00 23.94 ? 90  TYR A C   1 
ATOM   701  O O   . TYR A 1 90  ? -4.956  11.663  -12.230 1.00 25.15 ? 90  TYR A O   1 
ATOM   702  C CB  . TYR A 1 90  ? -4.416  13.076  -9.584  1.00 23.24 ? 90  TYR A CB  1 
ATOM   703  C CG  . TYR A 1 90  ? -3.621  13.736  -8.483  0.93 24.49 ? 90  TYR A CG  1 
ATOM   704  C CD1 . TYR A 1 90  ? -2.592  14.632  -8.774  0.92 25.28 ? 90  TYR A CD1 1 
ATOM   705  C CD2 . TYR A 1 90  ? -3.897  13.465  -7.143  1.00 23.92 ? 90  TYR A CD2 1 
ATOM   706  C CE1 . TYR A 1 90  ? -1.863  15.244  -7.754  1.00 24.59 ? 90  TYR A CE1 1 
ATOM   707  C CE2 . TYR A 1 90  ? -3.174  14.067  -6.120  1.00 24.53 ? 90  TYR A CE2 1 
ATOM   708  C CZ  . TYR A 1 90  ? -2.159  14.955  -6.433  1.00 25.75 ? 90  TYR A CZ  1 
ATOM   709  O OH  . TYR A 1 90  ? -1.438  15.548  -5.422  1.00 26.36 ? 90  TYR A OH  1 
ATOM   710  N N   . ILE A 1 91  ? -5.363  10.022  -10.751 0.97 23.83 ? 91  ILE A N   1 
ATOM   711  C CA  . ILE A 1 91  ? -6.313  9.349   -11.624 1.00 21.27 ? 91  ILE A CA  1 
ATOM   712  C C   . ILE A 1 91  ? -7.603  9.058   -10.872 1.00 21.32 ? 91  ILE A C   1 
ATOM   713  O O   . ILE A 1 91  ? -7.646  9.083   -9.644  1.00 19.41 ? 91  ILE A O   1 
ATOM   714  C CB  . ILE A 1 91  ? -5.755  8.016   -12.178 1.00 19.68 ? 91  ILE A CB  1 
ATOM   715  C CG1 . ILE A 1 91  ? -5.447  7.055   -11.024 1.00 19.44 ? 91  ILE A CG1 1 
ATOM   716  C CG2 . ILE A 1 91  ? -4.516  8.276   -13.015 1.00 20.15 ? 91  ILE A CG2 1 
ATOM   717  C CD1 . ILE A 1 91  ? -5.088  5.648   -11.472 1.00 16.26 ? 91  ILE A CD1 1 
ATOM   718  N N   . THR A 1 92  ? -8.663  8.797   -11.626 1.00 20.45 ? 92  THR A N   1 
ATOM   719  C CA  . THR A 1 92  ? -9.958  8.483   -11.043 0.84 20.10 ? 92  THR A CA  1 
ATOM   720  C C   . THR A 1 92  ? -10.024 6.986   -10.759 1.00 19.27 ? 92  THR A C   1 
ATOM   721  O O   . THR A 1 92  ? -9.215  6.210   -11.272 1.00 18.70 ? 92  THR A O   1 
ATOM   722  C CB  . THR A 1 92  ? -11.097 8.787   -12.025 1.00 18.46 ? 92  THR A CB  1 
ATOM   723  O OG1 . THR A 1 92  ? -10.902 8.015   -13.216 1.00 18.68 ? 92  THR A OG1 1 
ATOM   724  C CG2 . THR A 1 92  ? -11.128 10.271  -12.382 1.00 18.15 ? 92  THR A CG2 1 
ATOM   725  N N   . TRP A 1 93  ? -10.998 6.591   -9.948  1.00 18.19 ? 93  TRP A N   1 
ATOM   726  C CA  . TRP A 1 93  ? -11.191 5.180   -9.652  0.93 20.49 ? 93  TRP A CA  1 
ATOM   727  C C   . TRP A 1 93  ? -11.491 4.436   -10.955 1.00 20.16 ? 93  TRP A C   1 
ATOM   728  O O   . TRP A 1 93  ? -11.065 3.293   -11.147 1.00 20.33 ? 93  TRP A O   1 
ATOM   729  C CB  . TRP A 1 93  ? -12.334 4.997   -8.656  1.00 18.86 ? 93  TRP A CB  1 
ATOM   730  C CG  . TRP A 1 93  ? -11.854 4.927   -7.242  0.96 18.61 ? 93  TRP A CG  1 
ATOM   731  C CD1 . TRP A 1 93  ? -11.730 5.962   -6.354  0.84 20.83 ? 93  TRP A CD1 1 
ATOM   732  C CD2 . TRP A 1 93  ? -11.376 3.761   -6.569  0.88 18.71 ? 93  TRP A CD2 1 
ATOM   733  N NE1 . TRP A 1 93  ? -11.200 5.507   -5.168  0.99 18.79 ? 93  TRP A NE1 1 
ATOM   734  C CE2 . TRP A 1 93  ? -10.973 4.159   -5.274  0.82 19.18 ? 93  TRP A CE2 1 
ATOM   735  C CE3 . TRP A 1 93  ? -11.246 2.412   -6.938  0.99 18.44 ? 93  TRP A CE3 1 
ATOM   736  C CZ2 . TRP A 1 93  ? -10.449 3.255   -4.341  1.00 17.98 ? 93  TRP A CZ2 1 
ATOM   737  C CZ3 . TRP A 1 93  ? -10.725 1.514   -6.010  1.00 17.60 ? 93  TRP A CZ3 1 
ATOM   738  C CH2 . TRP A 1 93  ? -10.333 1.940   -4.729  0.98 17.71 ? 93  TRP A CH2 1 
ATOM   739  N N   . GLU A 1 94  ? -12.215 5.088   -11.865 1.00 21.16 ? 94  GLU A N   1 
ATOM   740  C CA  . GLU A 1 94  ? -12.529 4.460   -13.138 1.00 20.66 ? 94  GLU A CA  1 
ATOM   741  C C   . GLU A 1 94  ? -11.242 4.127   -13.881 0.87 21.67 ? 94  GLU A C   1 
ATOM   742  O O   . GLU A 1 94  ? -11.097 3.031   -14.425 1.00 21.93 ? 94  GLU A O   1 
ATOM   743  C CB  . GLU A 1 94  ? -13.421 5.383   -13.986 1.00 21.68 ? 94  GLU A CB  1 
ATOM   744  C CG  . GLU A 1 94  ? -13.724 4.871   -15.392 1.00 23.67 ? 94  GLU A CG  1 
ATOM   745  C CD  . GLU A 1 94  ? -12.581 5.116   -16.364 0.88 25.81 ? 94  GLU A CD  1 
ATOM   746  O OE1 . GLU A 1 94  ? -12.120 6.274   -16.450 0.95 26.45 ? 94  GLU A OE1 1 
ATOM   747  O OE2 . GLU A 1 94  ? -12.145 4.161   -17.043 0.86 28.15 ? 94  GLU A OE2 1 
ATOM   748  N N   . GLN A 1 95  ? -10.295 5.062   -13.899 1.00 19.87 ? 95  GLN A N   1 
ATOM   749  C CA  . GLN A 1 95  ? -9.028  4.811   -14.578 0.98 19.90 ? 95  GLN A CA  1 
ATOM   750  C C   . GLN A 1 95  ? -8.283  3.678   -13.880 1.00 18.28 ? 95  GLN A C   1 
ATOM   751  O O   . GLN A 1 95  ? -7.688  2.818   -14.527 1.00 19.41 ? 95  GLN A O   1 
ATOM   752  C CB  . GLN A 1 95  ? -8.154  6.062   -14.572 1.00 19.58 ? 95  GLN A CB  1 
ATOM   753  C CG  . GLN A 1 95  ? -8.722  7.218   -15.374 0.90 22.13 ? 95  GLN A CG  1 
ATOM   754  C CD  . GLN A 1 95  ? -7.798  8.416   -15.377 0.90 22.56 ? 95  GLN A CD  1 
ATOM   755  O OE1 . GLN A 1 95  ? -6.948  8.564   -16.261 0.81 26.51 ? 95  GLN A OE1 1 
ATOM   756  N NE2 . GLN A 1 95  ? -7.947  9.273   -14.377 1.00 20.87 ? 95  GLN A NE2 1 
ATOM   757  N N   . TYR A 1 96  ? -8.325  3.696   -12.555 1.00 17.64 ? 96  TYR A N   1 
ATOM   758  C CA  . TYR A 1 96  ? -7.653  2.681   -11.753 1.00 17.67 ? 96  TYR A CA  1 
ATOM   759  C C   . TYR A 1 96  ? -8.191  1.295   -12.081 1.00 18.01 ? 96  TYR A C   1 
ATOM   760  O O   . TYR A 1 96  ? -7.426  0.375   -12.328 1.00 17.28 ? 96  TYR A O   1 
ATOM   761  C CB  . TYR A 1 96  ? -7.849  2.971   -10.264 1.00 18.77 ? 96  TYR A CB  1 
ATOM   762  C CG  . TYR A 1 96  ? -7.252  1.927   -9.347  1.00 18.72 ? 96  TYR A CG  1 
ATOM   763  C CD1 . TYR A 1 96  ? -5.887  1.634   -9.378  1.00 18.60 ? 96  TYR A CD1 1 
ATOM   764  C CD2 . TYR A 1 96  ? -8.055  1.233   -8.446  1.00 18.50 ? 96  TYR A CD2 1 
ATOM   765  C CE1 . TYR A 1 96  ? -5.338  0.669   -8.525  1.00 18.73 ? 96  TYR A CE1 1 
ATOM   766  C CE2 . TYR A 1 96  ? -7.524  0.270   -7.597  1.00 16.92 ? 96  TYR A CE2 1 
ATOM   767  C CZ  . TYR A 1 96  ? -6.167  -0.009  -7.639  0.92 18.13 ? 96  TYR A CZ  1 
ATOM   768  O OH  . TYR A 1 96  ? -5.647  -0.967  -6.790  1.00 18.37 ? 96  TYR A OH  1 
ATOM   769  N N   . ILE A 1 97  ? -9.512  1.158   -12.085 1.00 16.88 ? 97  ILE A N   1 
ATOM   770  C CA  . ILE A 1 97  ? -10.135 -0.132  -12.376 1.00 19.06 ? 97  ILE A CA  1 
ATOM   771  C C   . ILE A 1 97  ? -9.869  -0.555  -13.812 1.00 19.47 ? 97  ILE A C   1 
ATOM   772  O O   . ILE A 1 97  ? -9.566  -1.720  -14.077 1.00 21.38 ? 97  ILE A O   1 
ATOM   773  C CB  . ILE A 1 97  ? -11.661 -0.089  -12.131 0.98 17.99 ? 97  ILE A CB  1 
ATOM   774  C CG1 . ILE A 1 97  ? -11.947 0.198   -10.652 1.00 17.40 ? 97  ILE A CG1 1 
ATOM   775  C CG2 . ILE A 1 97  ? -12.299 -1.418  -12.561 0.99 19.17 ? 97  ILE A CG2 1 
ATOM   776  C CD1 . ILE A 1 97  ? -11.350 -0.834  -9.688  0.97 15.77 ? 97  ILE A CD1 1 
ATOM   777  N N   . THR A 1 98  ? -9.990  0.383   -14.748 1.00 19.70 ? 98  THR A N   1 
ATOM   778  C CA  . THR A 1 98  ? -9.738  0.061   -16.147 1.00 19.99 ? 98  THR A CA  1 
ATOM   779  C C   . THR A 1 98  ? -8.325  -0.486  -16.310 1.00 20.76 ? 98  THR A C   1 
ATOM   780  O O   . THR A 1 98  ? -8.091  -1.434  -17.067 1.00 20.99 ? 98  THR A O   1 
ATOM   781  C CB  . THR A 1 98  ? -9.929  1.300   -17.056 1.00 19.80 ? 98  THR A CB  1 
ATOM   782  O OG1 . THR A 1 98  ? -11.320 1.640   -17.108 1.00 21.98 ? 98  THR A OG1 1 
ATOM   783  C CG2 . THR A 1 98  ? -9.428  1.011   -18.472 0.89 21.94 ? 98  THR A CG2 1 
ATOM   784  N N   . TYR A 1 99  ? -7.378  0.096   -15.581 1.00 20.28 ? 99  TYR A N   1 
ATOM   785  C CA  . TYR A 1 99  ? -6.000  -0.363  -15.666 1.00 19.52 ? 99  TYR A CA  1 
ATOM   786  C C   . TYR A 1 99  ? -5.759  -1.728  -15.029 1.00 19.19 ? 99  TYR A C   1 
ATOM   787  O O   . TYR A 1 99  ? -5.286  -2.650  -15.686 1.00 20.96 ? 99  TYR A O   1 
ATOM   788  C CB  . TYR A 1 99  ? -5.038  0.634   -15.013 1.00 19.32 ? 99  TYR A CB  1 
ATOM   789  C CG  . TYR A 1 99  ? -3.622  0.097   -14.979 1.00 20.63 ? 99  TYR A CG  1 
ATOM   790  C CD1 . TYR A 1 99  ? -2.898  -0.068  -16.157 0.72 24.78 ? 99  TYR A CD1 1 
ATOM   791  C CD2 . TYR A 1 99  ? -3.042  -0.330  -13.784 1.00 23.22 ? 99  TYR A CD2 1 
ATOM   792  C CE1 . TYR A 1 99  ? -1.636  -0.650  -16.152 0.87 26.28 ? 99  TYR A CE1 1 
ATOM   793  C CE2 . TYR A 1 99  ? -1.775  -0.916  -13.768 1.00 23.19 ? 99  TYR A CE2 1 
ATOM   794  C CZ  . TYR A 1 99  ? -1.083  -1.072  -14.958 0.99 25.34 ? 99  TYR A CZ  1 
ATOM   795  O OH  . TYR A 1 99  ? 0.159   -1.666  -14.964 0.57 31.07 ? 99  TYR A OH  1 
ATOM   796  N N   . ILE A 1 100 ? -6.067  -1.859  -13.744 1.00 20.73 ? 100 ILE A N   1 
ATOM   797  C CA  . ILE A 1 100 ? -5.800  -3.124  -13.074 1.00 20.63 ? 100 ILE A CA  1 
ATOM   798  C C   . ILE A 1 100 ? -6.556  -4.295  -13.685 1.00 21.81 ? 100 ILE A C   1 
ATOM   799  O O   . ILE A 1 100 ? -6.073  -5.422  -13.653 1.00 22.54 ? 100 ILE A O   1 
ATOM   800  C CB  . ILE A 1 100 ? -6.096  -3.051  -11.555 1.00 19.46 ? 100 ILE A CB  1 
ATOM   801  C CG1 . ILE A 1 100 ? -7.587  -2.833  -11.304 1.00 17.92 ? 100 ILE A CG1 1 
ATOM   802  C CG2 . ILE A 1 100 ? -5.257  -1.942  -10.922 1.00 19.68 ? 100 ILE A CG2 1 
ATOM   803  C CD1 . ILE A 1 100 ? -7.953  -2.741  -9.839  0.81 21.94 ? 100 ILE A CD1 1 
ATOM   804  N N   . SER A 1 101 ? -7.723  -4.032  -14.261 1.00 22.81 ? 101 SER A N   1 
ATOM   805  C CA  . SER A 1 101 ? -8.501  -5.112  -14.864 1.00 22.55 ? 101 SER A CA  1 
ATOM   806  C C   . SER A 1 101 ? -7.942  -5.547  -16.219 1.00 25.15 ? 101 SER A C   1 
ATOM   807  O O   . SER A 1 101 ? -8.505  -6.424  -16.875 1.00 26.05 ? 101 SER A O   1 
ATOM   808  C CB  . SER A 1 101 ? -9.976  -4.711  -14.996 1.00 23.57 ? 101 SER A CB  1 
ATOM   809  O OG  . SER A 1 101 ? -10.149 -3.612  -15.869 0.96 24.87 ? 101 SER A OG  1 
ATOM   810  N N   . GLY A 1 102 ? -6.841  -4.926  -16.639 1.00 25.92 ? 102 GLY A N   1 
ATOM   811  C CA  . GLY A 1 102 ? -6.211  -5.308  -17.891 1.00 26.51 ? 102 GLY A CA  1 
ATOM   812  C C   . GLY A 1 102 ? -6.148  -4.283  -19.007 1.00 28.04 ? 102 GLY A C   1 
ATOM   813  O O   . GLY A 1 102 ? -5.652  -4.584  -20.092 0.98 28.88 ? 102 GLY A O   1 
ATOM   814  N N   . GLY A 1 103 ? -6.634  -3.075  -18.755 1.00 28.39 ? 103 GLY A N   1 
ATOM   815  C CA  . GLY A 1 103 ? -6.616  -2.059  -19.789 0.86 29.37 ? 103 GLY A CA  1 
ATOM   816  C C   . GLY A 1 103 ? -5.373  -1.191  -19.815 0.83 29.42 ? 103 GLY A C   1 
ATOM   817  O O   . GLY A 1 103 ? -4.339  -1.533  -19.236 1.00 28.52 ? 103 GLY A O   1 
ATOM   818  N N   . GLU A 1 104 ? -5.481  -0.066  -20.515 1.00 28.78 ? 104 GLU A N   1 
ATOM   819  C CA  . GLU A 1 104 ? -4.396  0.894   -20.625 1.00 28.89 ? 104 GLU A CA  1 
ATOM   820  C C   . GLU A 1 104 ? -5.010  2.261   -20.381 1.00 28.44 ? 104 GLU A C   1 
ATOM   821  O O   . GLU A 1 104 ? -6.118  2.539   -20.840 1.00 27.88 ? 104 GLU A O   1 
ATOM   822  C CB  . GLU A 1 104 ? -3.775  0.862   -22.025 1.00 33.07 ? 104 GLU A CB  1 
ATOM   823  C CG  . GLU A 1 104 ? -3.349  -0.514  -22.502 0.68 37.77 ? 104 GLU A CG  1 
ATOM   824  C CD  . GLU A 1 104 ? -2.641  -0.463  -23.844 0.54 40.66 ? 104 GLU A CD  1 
ATOM   825  O OE1 . GLU A 1 104 ? -3.148  0.226   -24.755 0.77 41.86 ? 104 GLU A OE1 1 
ATOM   826  O OE2 . GLU A 1 104 ? -1.583  -1.113  -23.990 0.88 41.45 ? 104 GLU A OE2 1 
ATOM   827  N N   . ILE A 1 105 ? -4.304  3.116   -19.654 1.00 27.22 ? 105 ILE A N   1 
ATOM   828  C CA  . ILE A 1 105 ? -4.823  4.446   -19.382 1.00 27.53 ? 105 ILE A CA  1 
ATOM   829  C C   . ILE A 1 105 ? -3.744  5.475   -19.627 1.00 28.08 ? 105 ILE A C   1 
ATOM   830  O O   . ILE A 1 105 ? -2.557  5.158   -19.583 0.97 27.84 ? 105 ILE A O   1 
ATOM   831  C CB  . ILE A 1 105 ? -5.311  4.585   -17.922 1.00 27.21 ? 105 ILE A CB  1 
ATOM   832  C CG1 . ILE A 1 105 ? -4.147  4.345   -16.954 1.00 26.68 ? 105 ILE A CG1 1 
ATOM   833  C CG2 . ILE A 1 105 ? -6.451  3.601   -17.660 0.93 27.36 ? 105 ILE A CG2 1 
ATOM   834  C CD1 . ILE A 1 105 ? -4.497  4.591   -15.496 1.00 25.50 ? 105 ILE A CD1 1 
ATOM   835  N N   . GLN A 1 106 ? -4.163  6.705   -19.903 0.94 30.79 ? 106 GLN A N   1 
ATOM   836  C CA  . GLN A 1 106 ? -3.218  7.785   -20.132 1.00 32.87 ? 106 GLN A CA  1 
ATOM   837  C C   . GLN A 1 106 ? -3.272  8.690   -18.912 1.00 33.08 ? 106 GLN A C   1 
ATOM   838  O O   . GLN A 1 106 ? -4.331  9.205   -18.556 0.98 34.29 ? 106 GLN A O   1 
ATOM   839  C CB  . GLN A 1 106 ? -3.594  8.578   -21.389 1.00 35.19 ? 106 GLN A CB  1 
ATOM   840  C CG  . GLN A 1 106 ? -3.708  7.734   -22.655 0.66 38.48 ? 106 GLN A CG  1 
ATOM   841  C CD  . GLN A 1 106 ? -2.488  6.862   -22.902 1.00 39.36 ? 106 GLN A CD  1 
ATOM   842  O OE1 . GLN A 1 106 ? -1.360  7.349   -22.955 0.47 42.47 ? 106 GLN A OE1 1 
ATOM   843  N NE2 . GLN A 1 106 ? -2.713  5.562   -23.057 0.69 42.30 ? 106 GLN A NE2 1 
ATOM   844  N N   . VAL A 1 107 ? -2.129  8.871   -18.264 1.00 33.53 ? 107 VAL A N   1 
ATOM   845  C CA  . VAL A 1 107 ? -2.059  9.714   -17.082 0.70 34.87 ? 107 VAL A CA  1 
ATOM   846  C C   . VAL A 1 107 ? -1.381  11.032  -17.435 1.00 33.37 ? 107 VAL A C   1 
ATOM   847  O O   . VAL A 1 107 ? -0.441  11.062  -18.225 1.00 34.60 ? 107 VAL A O   1 
ATOM   848  C CB  . VAL A 1 107 ? -1.276  9.015   -15.945 1.00 34.86 ? 107 VAL A CB  1 
ATOM   849  C CG1 . VAL A 1 107 ? -1.998  7.748   -15.528 1.00 36.03 ? 107 VAL A CG1 1 
ATOM   850  C CG2 . VAL A 1 107 ? 0.134   8.685   -16.403 0.80 37.26 ? 107 VAL A CG2 1 
ATOM   851  N N   . SER A 1 108 ? -1.875  12.116  -16.850 1.00 34.07 ? 108 SER A N   1 
ATOM   852  C CA  . SER A 1 108 ? -1.334  13.447  -17.098 1.00 33.39 ? 108 SER A CA  1 
ATOM   853  C C   . SER A 1 108 ? -0.972  14.134  -15.792 0.92 33.19 ? 108 SER A C   1 
ATOM   854  O O   . SER A 1 108 ? -1.635  13.943  -14.772 1.00 31.53 ? 108 SER A O   1 
ATOM   855  C CB  . SER A 1 108 ? -2.362  14.299  -17.855 1.00 33.19 ? 108 SER A CB  1 
ATOM   856  O OG  . SER A 1 108 ? -1.977  15.667  -17.906 1.00 33.17 ? 108 SER A OG  1 
ATOM   857  N N   . SER A 1 109 ? 0.089   14.934  -15.825 1.00 32.42 ? 109 SER A N   1 
ATOM   858  C CA  . SER A 1 109 ? 0.517   15.651  -14.637 1.00 32.91 ? 109 SER A CA  1 
ATOM   859  C C   . SER A 1 109 ? -0.648  16.513  -14.156 1.00 33.42 ? 109 SER A C   1 
ATOM   860  O O   . SER A 1 109 ? -1.516  16.886  -14.942 1.00 35.42 ? 109 SER A O   1 
ATOM   861  C CB  . SER A 1 109 ? 1.728   16.525  -14.963 0.97 32.86 ? 109 SER A CB  1 
ATOM   862  O OG  . SER A 1 109 ? 2.758   15.749  -15.548 1.00 30.92 ? 109 SER A OG  1 
ATOM   863  N N   . PRO A 1 110 ? -0.684  16.836  -12.856 1.00 33.49 ? 110 PRO A N   1 
ATOM   864  C CA  . PRO A 1 110 ? -1.758  17.654  -12.285 0.83 35.34 ? 110 PRO A CA  1 
ATOM   865  C C   . PRO A 1 110 ? -1.874  19.071  -12.844 0.31 37.19 ? 110 PRO A C   1 
ATOM   866  O O   . PRO A 1 110 ? -2.948  19.486  -13.280 1.00 36.38 ? 110 PRO A O   1 
ATOM   867  C CB  . PRO A 1 110 ? -1.437  17.647  -10.795 0.86 34.43 ? 110 PRO A CB  1 
ATOM   868  C CG  . PRO A 1 110 ? 0.061   17.525  -10.778 1.00 32.99 ? 110 PRO A CG  1 
ATOM   869  C CD  . PRO A 1 110 ? 0.307   16.481  -11.826 1.00 32.98 ? 110 PRO A CD  1 
ATOM   870  N N   . ASN A 1 111 ? -0.771  19.812  -12.830 1.00 37.45 ? 111 ASN A N   1 
ATOM   871  C CA  . ASN A 1 111 ? -0.786  21.185  -13.326 0.92 39.21 ? 111 ASN A CA  1 
ATOM   872  C C   . ASN A 1 111 ? 0.037   21.384  -14.591 1.00 39.97 ? 111 ASN A C   1 
ATOM   873  O O   . ASN A 1 111 ? 0.718   22.400  -14.744 0.84 41.26 ? 111 ASN A O   1 
ATOM   874  C CB  . ASN A 1 111 ? -0.293  22.136  -12.233 1.00 38.43 ? 111 ASN A CB  1 
ATOM   875  C CG  . ASN A 1 111 ? -1.203  22.150  -11.022 0.96 39.06 ? 111 ASN A CG  1 
ATOM   876  O OD1 . ASN A 1 111 ? -2.418  22.296  -11.152 0.71 41.57 ? 111 ASN A OD1 1 
ATOM   877  N ND2 . ASN A 1 111 ? -0.623  22.006  -9.838  1.00 37.19 ? 111 ASN A ND2 1 
ATOM   878  N N   . ALA A 1 112 ? -0.032  20.418  -15.500 1.00 40.11 ? 112 ALA A N   1 
ATOM   879  C CA  . ALA A 1 112 ? 0.709   20.502  -16.749 1.00 40.82 ? 112 ALA A CA  1 
ATOM   880  C C   . ALA A 1 112 ? 0.150   19.535  -17.786 1.00 40.66 ? 112 ALA A C   1 
ATOM   881  O O   . ALA A 1 112 ? -0.417  18.499  -17.447 0.89 42.22 ? 112 ALA A O   1 
ATOM   882  C CB  . ALA A 1 112 ? 2.188   20.216  -16.502 0.94 41.02 ? 112 ALA A CB  1 
ATOM   883  N N   . PRO A 1 113 ? 0.309   19.868  -19.073 0.77 40.82 ? 113 PRO A N   1 
ATOM   884  C CA  . PRO A 1 113 ? -0.171  19.057  -20.197 1.00 39.48 ? 113 PRO A CA  1 
ATOM   885  C C   . PRO A 1 113 ? 0.467   17.677  -20.311 0.91 38.47 ? 113 PRO A C   1 
ATOM   886  O O   . PRO A 1 113 ? -0.101  16.786  -20.941 1.00 37.95 ? 113 PRO A O   1 
ATOM   887  C CB  . PRO A 1 113 ? 0.152   19.927  -21.413 0.74 40.53 ? 113 PRO A CB  1 
ATOM   888  C CG  . PRO A 1 113 ? 0.140   21.315  -20.858 0.97 40.77 ? 113 PRO A CG  1 
ATOM   889  C CD  . PRO A 1 113 ? 0.868   21.139  -19.560 0.75 41.19 ? 113 PRO A CD  1 
ATOM   890  N N   . PHE A 1 114 ? 1.644   17.502  -19.716 1.00 36.61 ? 114 PHE A N   1 
ATOM   891  C CA  . PHE A 1 114 ? 2.346   16.224  -19.792 1.00 35.28 ? 114 PHE A CA  1 
ATOM   892  C C   . PHE A 1 114 ? 1.451   15.026  -19.504 1.00 35.45 ? 114 PHE A C   1 
ATOM   893  O O   . PHE A 1 114 ? 0.657   15.036  -18.566 1.00 35.70 ? 114 PHE A O   1 
ATOM   894  C CB  . PHE A 1 114 ? 3.525   16.180  -18.820 1.00 33.26 ? 114 PHE A CB  1 
ATOM   895  C CG  . PHE A 1 114 ? 4.291   14.890  -18.871 1.00 31.31 ? 114 PHE A CG  1 
ATOM   896  C CD1 . PHE A 1 114 ? 5.197   14.643  -19.897 1.00 30.62 ? 114 PHE A CD1 1 
ATOM   897  C CD2 . PHE A 1 114 ? 4.069   13.895  -17.924 0.97 31.47 ? 114 PHE A CD2 1 
ATOM   898  C CE1 . PHE A 1 114 ? 5.868   13.426  -19.982 0.94 30.90 ? 114 PHE A CE1 1 
ATOM   899  C CE2 . PHE A 1 114 ? 4.734   12.672  -18.000 1.00 30.09 ? 114 PHE A CE2 1 
ATOM   900  C CZ  . PHE A 1 114 ? 5.635   12.436  -19.031 1.00 29.93 ? 114 PHE A CZ  1 
ATOM   901  N N   . GLU A 1 115 ? 1.596   13.990  -20.320 1.00 36.02 ? 115 GLU A N   1 
ATOM   902  C CA  . GLU A 1 115 ? 0.824   12.770  -20.152 0.52 37.47 ? 115 GLU A CA  1 
ATOM   903  C C   . GLU A 1 115 ? 1.610   11.588  -20.703 1.00 36.20 ? 115 GLU A C   1 
ATOM   904  O O   . GLU A 1 115 ? 2.406   11.741  -21.632 1.00 35.85 ? 115 GLU A O   1 
ATOM   905  C CB  . GLU A 1 115 ? -0.525  12.892  -20.867 1.00 38.68 ? 115 GLU A CB  1 
ATOM   906  C CG  . GLU A 1 115 ? -0.432  13.080  -22.366 1.00 41.74 ? 115 GLU A CG  1 
ATOM   907  C CD  . GLU A 1 115 ? -1.793  13.308  -22.999 0.41 44.20 ? 115 GLU A CD  1 
ATOM   908  O OE1 . GLU A 1 115 ? -2.420  14.351  -22.708 1.00 44.60 ? 115 GLU A OE1 1 
ATOM   909  O OE2 . GLU A 1 115 ? -2.237  12.441  -23.782 0.77 45.63 ? 115 GLU A OE2 1 
ATOM   910  N N   . THR A 1 116 ? 1.406   10.414  -20.115 1.00 35.45 ? 116 THR A N   1 
ATOM   911  C CA  . THR A 1 116 ? 2.098   9.217   -20.568 1.00 34.64 ? 116 THR A CA  1 
ATOM   912  C C   . THR A 1 116 ? 1.196   7.987   -20.476 0.84 35.33 ? 116 THR A C   1 
ATOM   913  O O   . THR A 1 116 ? 0.088   8.051   -19.941 1.00 34.90 ? 116 THR A O   1 
ATOM   914  C CB  . THR A 1 116 ? 3.392   8.964   -19.758 0.85 34.43 ? 116 THR A CB  1 
ATOM   915  O OG1 . THR A 1 116 ? 4.139   7.906   -20.374 1.00 33.07 ? 116 THR A OG1 1 
ATOM   916  C CG2 . THR A 1 116 ? 3.062   8.579   -18.324 1.00 34.18 ? 116 THR A CG2 1 
ATOM   917  N N   . MET A 1 117 ? 1.695   6.871   -20.993 1.00 34.77 ? 117 MET A N   1 
ATOM   918  C CA  . MET A 1 117 ? 0.958   5.615   -21.030 1.00 36.64 ? 117 MET A CA  1 
ATOM   919  C C   . MET A 1 117 ? 1.253   4.635   -19.891 0.77 35.86 ? 117 MET A C   1 
ATOM   920  O O   . MET A 1 117 ? 2.409   4.326   -19.606 0.88 36.52 ? 117 MET A O   1 
ATOM   921  C CB  . MET A 1 117 ? 1.244   4.921   -22.366 1.00 39.16 ? 117 MET A CB  1 
ATOM   922  C CG  . MET A 1 117 ? 0.045   4.738   -23.274 0.83 44.06 ? 117 MET A CG  1 
ATOM   923  S SD  . MET A 1 117 ? -0.886  3.240   -22.893 0.43 50.46 ? 117 MET A SD  1 
ATOM   924  C CE  . MET A 1 117 ? -0.070  2.050   -23.983 1.00 48.04 ? 117 MET A CE  1 
ATOM   925  N N   . LEU A 1 118 ? 0.196   4.153   -19.247 1.00 33.81 ? 118 LEU A N   1 
ATOM   926  C CA  . LEU A 1 118 ? 0.324   3.162   -18.184 1.00 32.31 ? 118 LEU A CA  1 
ATOM   927  C C   . LEU A 1 118 ? -0.412  1.944   -18.740 1.00 31.51 ? 118 LEU A C   1 
ATOM   928  O O   . LEU A 1 118 ? -1.631  1.975   -18.899 1.00 31.96 ? 118 LEU A O   1 
ATOM   929  C CB  . LEU A 1 118 ? -0.353  3.643   -16.897 1.00 31.87 ? 118 LEU A CB  1 
ATOM   930  C CG  . LEU A 1 118 ? -0.065  2.840   -15.624 1.00 31.55 ? 118 LEU A CG  1 
ATOM   931  C CD1 . LEU A 1 118 ? 1.400   2.977   -15.254 1.00 31.41 ? 118 LEU A CD1 1 
ATOM   932  C CD2 . LEU A 1 118 ? -0.932  3.343   -14.487 0.82 32.31 ? 118 LEU A CD2 1 
ATOM   933  N N   . ASP A 1 119 ? 0.329   0.890   -19.067 1.00 31.91 ? 119 ASP A N   1 
ATOM   934  C CA  . ASP A 1 119 ? -0.278  -0.317  -19.621 1.00 32.56 ? 119 ASP A CA  1 
ATOM   935  C C   . ASP A 1 119 ? 0.122   -1.589  -18.884 0.74 33.35 ? 119 ASP A C   1 
ATOM   936  O O   . ASP A 1 119 ? 0.713   -1.536  -17.807 1.00 33.28 ? 119 ASP A O   1 
ATOM   937  C CB  . ASP A 1 119 ? 0.068   -0.458  -21.105 1.00 33.57 ? 119 ASP A CB  1 
ATOM   938  C CG  . ASP A 1 119 ? 1.554   -0.378  -21.366 1.00 34.60 ? 119 ASP A CG  1 
ATOM   939  O OD1 . ASP A 1 119 ? 2.330   -1.013  -20.621 1.00 34.56 ? 119 ASP A OD1 1 
ATOM   940  O OD2 . ASP A 1 119 ? 1.944   0.318   -22.327 0.66 36.98 ? 119 ASP A OD2 1 
ATOM   941  N N   . GLN A 1 120 ? -0.194  -2.735  -19.477 1.00 32.26 ? 120 GLN A N   1 
ATOM   942  C CA  . GLN A 1 120 ? 0.102   -4.018  -18.851 1.00 31.53 ? 120 GLN A CA  1 
ATOM   943  C C   . GLN A 1 120 ? 1.568   -4.416  -18.805 0.96 31.75 ? 120 GLN A C   1 
ATOM   944  O O   . GLN A 1 120 ? 1.911   -5.479  -18.277 0.89 32.28 ? 120 GLN A O   1 
ATOM   945  C CB  . GLN A 1 120 ? -0.730  -5.118  -19.507 0.99 30.66 ? 120 GLN A CB  1 
ATOM   946  C CG  . GLN A 1 120 ? -2.225  -4.904  -19.312 1.00 28.62 ? 120 GLN A CG  1 
ATOM   947  C CD  . GLN A 1 120 ? -2.570  -4.578  -17.874 0.95 28.95 ? 120 GLN A CD  1 
ATOM   948  O OE1 . GLN A 1 120 ? -2.292  -5.365  -16.964 0.85 29.37 ? 120 GLN A OE1 1 
ATOM   949  N NE2 . GLN A 1 120 ? -3.166  -3.411  -17.655 1.00 26.40 ? 120 GLN A NE2 1 
ATOM   950  N N   . ASN A 1 121 ? 2.436   -3.573  -19.356 1.00 30.79 ? 121 ASN A N   1 
ATOM   951  C CA  . ASN A 1 121 ? 3.863   -3.845  -19.311 1.00 30.67 ? 121 ASN A CA  1 
ATOM   952  C C   . ASN A 1 121 ? 4.480   -2.979  -18.218 1.00 29.35 ? 121 ASN A C   1 
ATOM   953  O O   . ASN A 1 121 ? 5.623   -3.182  -17.818 1.00 28.92 ? 121 ASN A O   1 
ATOM   954  C CB  . ASN A 1 121 ? 4.518   -3.547  -20.660 1.00 32.43 ? 121 ASN A CB  1 
ATOM   955  C CG  . ASN A 1 121 ? 4.096   -4.522  -21.733 1.00 33.14 ? 121 ASN A CG  1 
ATOM   956  O OD1 . ASN A 1 121 ? 4.191   -5.737  -21.552 0.84 34.90 ? 121 ASN A OD1 1 
ATOM   957  N ND2 . ASN A 1 121 ? 3.629   -4.000  -22.863 0.60 35.35 ? 121 ASN A ND2 1 
ATOM   958  N N   . SER A 1 122 ? 3.714   -2.009  -17.733 1.00 29.32 ? 122 SER A N   1 
ATOM   959  C CA  . SER A 1 122 ? 4.201   -1.133  -16.677 1.00 27.75 ? 122 SER A CA  1 
ATOM   960  C C   . SER A 1 122 ? 4.361   -1.934  -15.391 1.00 26.46 ? 122 SER A C   1 
ATOM   961  O O   . SER A 1 122 ? 3.651   -2.910  -15.167 1.00 26.36 ? 122 SER A O   1 
ATOM   962  C CB  . SER A 1 122 ? 3.223   0.020   -16.441 1.00 28.56 ? 122 SER A CB  1 
ATOM   963  O OG  . SER A 1 122 ? 3.103   0.838   -17.592 0.97 29.31 ? 122 SER A OG  1 
ATOM   964  N N   . LYS A 1 123 ? 5.307   -1.523  -14.557 1.00 24.22 ? 123 LYS A N   1 
ATOM   965  C CA  . LYS A 1 123 ? 5.554   -2.183  -13.284 1.00 24.32 ? 123 LYS A CA  1 
ATOM   966  C C   . LYS A 1 123 ? 4.901   -1.305  -12.226 1.00 23.23 ? 123 LYS A C   1 
ATOM   967  O O   . LYS A 1 123 ? 5.317   -0.169  -12.004 1.00 22.53 ? 123 LYS A O   1 
ATOM   968  C CB  . LYS A 1 123 ? 7.059   -2.305  -13.039 1.00 26.07 ? 123 LYS A CB  1 
ATOM   969  C CG  . LYS A 1 123 ? 7.770   -3.126  -14.102 1.00 31.94 ? 123 LYS A CG  1 
ATOM   970  C CD  . LYS A 1 123 ? 9.278   -3.134  -13.903 1.00 34.45 ? 123 LYS A CD  1 
ATOM   971  C CE  . LYS A 1 123 ? 9.658   -3.760  -12.569 0.13 38.61 ? 123 LYS A CE  1 
ATOM   972  N NZ  . LYS A 1 123 ? 9.122   -5.146  -12.433 0.69 39.88 ? 123 LYS A NZ  1 
ATOM   973  N N   . VAL A 1 124 ? 3.878   -1.840  -11.574 1.00 21.20 ? 124 VAL A N   1 
ATOM   974  C CA  . VAL A 1 124 ? 3.137   -1.086  -10.580 1.00 20.24 ? 124 VAL A CA  1 
ATOM   975  C C   . VAL A 1 124 ? 3.054   -1.755  -9.214  1.00 20.25 ? 124 VAL A C   1 
ATOM   976  O O   . VAL A 1 124 ? 3.007   -2.978  -9.105  1.00 19.01 ? 124 VAL A O   1 
ATOM   977  C CB  . VAL A 1 124 ? 1.697   -0.828  -11.094 1.00 21.48 ? 124 VAL A CB  1 
ATOM   978  C CG1 . VAL A 1 124 ? 0.829   -0.279  -9.991  0.73 24.28 ? 124 VAL A CG1 1 
ATOM   979  C CG2 . VAL A 1 124 ? 1.734   0.137   -12.281 1.00 20.87 ? 124 VAL A CG2 1 
ATOM   980  N N   . SER A 1 125 ? 3.047   -0.929  -8.178  1.00 19.54 ? 125 SER A N   1 
ATOM   981  C CA  . SER A 1 125 ? 2.909   -1.410  -6.811  1.00 20.21 ? 125 SER A CA  1 
ATOM   982  C C   . SER A 1 125 ? 1.703   -0.696  -6.209  0.92 20.53 ? 125 SER A C   1 
ATOM   983  O O   . SER A 1 125 ? 1.653   0.530   -6.201  1.00 21.95 ? 125 SER A O   1 
ATOM   984  C CB  . SER A 1 125 ? 4.157   -1.077  -5.986  1.00 20.77 ? 125 SER A CB  1 
ATOM   985  O OG  . SER A 1 125 ? 5.277   -1.821  -6.438  0.61 27.47 ? 125 SER A OG  1 
ATOM   986  N N   . VAL A 1 126 ? 0.718   -1.462  -5.739  1.00 19.08 ? 126 VAL A N   1 
ATOM   987  C CA  . VAL A 1 126 ? -0.465  -0.886  -5.096  1.00 18.49 ? 126 VAL A CA  1 
ATOM   988  C C   . VAL A 1 126 ? -0.154  -0.988  -3.616  1.00 19.14 ? 126 VAL A C   1 
ATOM   989  O O   . VAL A 1 126 ? 0.108   -2.074  -3.101  1.00 18.53 ? 126 VAL A O   1 
ATOM   990  C CB  . VAL A 1 126 ? -1.740  -1.688  -5.425  1.00 17.91 ? 126 VAL A CB  1 
ATOM   991  C CG1 . VAL A 1 126 ? -2.931  -1.071  -4.730  1.00 16.65 ? 126 VAL A CG1 1 
ATOM   992  C CG2 . VAL A 1 126 ? -1.959  -1.711  -6.937  0.96 18.21 ? 126 VAL A CG2 1 
ATOM   993  N N   . ILE A 1 127 ? -0.189  0.137   -2.916  1.00 20.44 ? 127 ILE A N   1 
ATOM   994  C CA  . ILE A 1 127 ? 0.195   0.107   -1.517  1.00 23.66 ? 127 ILE A CA  1 
ATOM   995  C C   . ILE A 1 127 ? -0.813  0.511   -0.462  1.00 26.59 ? 127 ILE A C   1 
ATOM   996  O O   . ILE A 1 127 ? -1.015  -0.198  0.527   1.00 25.22 ? 127 ILE A O   1 
ATOM   997  C CB  . ILE A 1 127 ? 1.443   0.993   -1.304  0.86 24.69 ? 127 ILE A CB  1 
ATOM   998  C CG1 . ILE A 1 127 ? 1.089   2.446   -1.613  1.00 24.55 ? 127 ILE A CG1 1 
ATOM   999  C CG2 . ILE A 1 127 ? 2.579   0.556   -2.227  1.00 22.69 ? 127 ILE A CG2 1 
ATOM   1000 C CD1 . ILE A 1 127 ? 2.193   3.425   -1.277  0.83 26.99 ? 127 ILE A CD1 1 
ATOM   1001 N N   . GLY A 1 128 ? -1.453  1.653   -0.666  0.66 30.17 ? 128 GLY A N   1 
ATOM   1002 C CA  . GLY A 1 128 ? -2.335  2.152   0.364   0.16 32.53 ? 128 GLY A CA  1 
ATOM   1003 C C   . GLY A 1 128 ? -3.798  2.327   0.087   1.00 30.60 ? 128 GLY A C   1 
ATOM   1004 O O   . GLY A 1 128 ? -4.202  2.798   -0.972  1.00 29.93 ? 128 GLY A O   1 
ATOM   1005 N N   . GLY A 1 129 ? -4.559  1.983   1.120   0.56 30.91 ? 129 GLY A N   1 
ATOM   1006 C CA  . GLY A 1 129 ? -5.991  2.043   1.097   1.00 23.75 ? 129 GLY A CA  1 
ATOM   1007 C C   . GLY A 1 129 ? -6.508  0.625   0.955   1.00 19.38 ? 129 GLY A C   1 
ATOM   1008 O O   . GLY A 1 129 ? -6.300  0.021   -0.085  1.00 17.99 ? 129 GLY A O   1 
ATOM   1009 N N   . PRO A 1 130 ? -7.146  0.051   1.986   1.00 16.84 ? 130 PRO A N   1 
ATOM   1010 C CA  . PRO A 1 130 ? -7.638  -1.318  1.804   1.00 16.76 ? 130 PRO A CA  1 
ATOM   1011 C C   . PRO A 1 130 ? -8.534  -1.447  0.571   1.00 18.69 ? 130 PRO A C   1 
ATOM   1012 O O   . PRO A 1 130 ? -8.538  -2.485  -0.095  1.00 18.24 ? 130 PRO A O   1 
ATOM   1013 C CB  . PRO A 1 130 ? -8.391  -1.587  3.103   1.00 17.91 ? 130 PRO A CB  1 
ATOM   1014 C CG  . PRO A 1 130 ? -7.570  -0.824  4.111   1.00 17.25 ? 130 PRO A CG  1 
ATOM   1015 C CD  . PRO A 1 130 ? -7.326  0.493   3.380   1.00 16.65 ? 130 PRO A CD  1 
ATOM   1016 N N   . ALA A 1 131 ? -9.287  -0.396  0.256   1.00 18.02 ? 131 ALA A N   1 
ATOM   1017 C CA  . ALA A 1 131 ? -10.172 -0.448  -0.905  1.00 18.24 ? 131 ALA A CA  1 
ATOM   1018 C C   . ALA A 1 131 ? -9.374  -0.687  -2.180  1.00 17.22 ? 131 ALA A C   1 
ATOM   1019 O O   . ALA A 1 131 ? -9.786  -1.469  -3.046  1.00 17.80 ? 131 ALA A O   1 
ATOM   1020 C CB  . ALA A 1 131 ? -10.978 0.843   -1.027  1.00 18.23 ? 131 ALA A CB  1 
ATOM   1021 N N   . LEU A 1 132 ? -8.232  -0.015  -2.305  1.00 15.24 ? 132 LEU A N   1 
ATOM   1022 C CA  . LEU A 1 132 ? -7.405  -0.199  -3.496  1.00 15.84 ? 132 LEU A CA  1 
ATOM   1023 C C   . LEU A 1 132 ? -6.828  -1.602  -3.517  1.00 15.02 ? 132 LEU A C   1 
ATOM   1024 O O   . LEU A 1 132 ? -6.763  -2.247  -4.560  1.00 17.18 ? 132 LEU A O   1 
ATOM   1025 C CB  . LEU A 1 132 ? -6.251  0.801   -3.537  1.00 13.94 ? 132 LEU A CB  1 
ATOM   1026 C CG  . LEU A 1 132 ? -6.557  2.193   -4.077  1.00 15.03 ? 132 LEU A CG  1 
ATOM   1027 C CD1 . LEU A 1 132 ? -7.060  3.091   -2.955  0.98 16.88 ? 132 LEU A CD1 1 
ATOM   1028 C CD2 . LEU A 1 132 ? -5.292  2.763   -4.706  1.00 17.21 ? 132 LEU A CD2 1 
ATOM   1029 N N   . LEU A 1 133 ? -6.391  -2.067  -2.353  1.00 15.10 ? 133 LEU A N   1 
ATOM   1030 C CA  . LEU A 1 133 ? -5.803  -3.391  -2.254  1.00 15.94 ? 133 LEU A CA  1 
ATOM   1031 C C   . LEU A 1 133 ? -6.801  -4.496  -2.576  1.00 14.19 ? 133 LEU A C   1 
ATOM   1032 O O   . LEU A 1 133 ? -6.479  -5.414  -3.333  1.00 16.16 ? 133 LEU A O   1 
ATOM   1033 C CB  . LEU A 1 133 ? -5.220  -3.593  -0.859  1.00 13.37 ? 133 LEU A CB  1 
ATOM   1034 C CG  . LEU A 1 133 ? -4.013  -2.698  -0.537  1.00 14.14 ? 133 LEU A CG  1 
ATOM   1035 C CD1 . LEU A 1 133 ? -3.726  -2.727  0.964   1.00 15.05 ? 133 LEU A CD1 1 
ATOM   1036 C CD2 . LEU A 1 133 ? -2.795  -3.167  -1.328  1.00 15.24 ? 133 LEU A CD2 1 
ATOM   1037 N N   . TYR A 1 134 ? -8.002  -4.407  -2.012  1.00 16.16 ? 134 TYR A N   1 
ATOM   1038 C CA  . TYR A 1 134 ? -9.029  -5.423  -2.271  1.00 16.30 ? 134 TYR A CA  1 
ATOM   1039 C C   . TYR A 1 134 ? -9.407  -5.436  -3.752  1.00 17.73 ? 134 TYR A C   1 
ATOM   1040 O O   . TYR A 1 134 ? -9.684  -6.490  -4.329  1.00 16.43 ? 134 TYR A O   1 
ATOM   1041 C CB  . TYR A 1 134 ? -10.306 -5.149  -1.464  1.00 17.44 ? 134 TYR A CB  1 
ATOM   1042 C CG  . TYR A 1 134 ? -10.194 -5.216  0.045   1.00 20.90 ? 134 TYR A CG  1 
ATOM   1043 C CD1 . TYR A 1 134 ? -11.303 -4.942  0.844   0.77 23.42 ? 134 TYR A CD1 1 
ATOM   1044 C CD2 . TYR A 1 134 ? -8.988  -5.523  0.678   1.00 20.98 ? 134 TYR A CD2 1 
ATOM   1045 C CE1 . TYR A 1 134 ? -11.218 -4.963  2.235   0.81 25.66 ? 134 TYR A CE1 1 
ATOM   1046 C CE2 . TYR A 1 134 ? -8.891  -5.548  2.072   1.00 22.88 ? 134 TYR A CE2 1 
ATOM   1047 C CZ  . TYR A 1 134 ? -10.010 -5.263  2.843   0.82 25.53 ? 134 TYR A CZ  1 
ATOM   1048 O OH  . TYR A 1 134 ? -9.926  -5.254  4.220   1.00 25.08 ? 134 TYR A OH  1 
ATOM   1049 N N   . ALA A 1 135 ? -9.435  -4.263  -4.369  1.00 16.41 ? 135 ALA A N   1 
ATOM   1050 C CA  . ALA A 1 135 ? -9.801  -4.181  -5.779  1.00 17.55 ? 135 ALA A CA  1 
ATOM   1051 C C   . ALA A 1 135 ? -8.724  -4.756  -6.696  1.00 16.61 ? 135 ALA A C   1 
ATOM   1052 O O   . ALA A 1 135 ? -9.034  -5.328  -7.739  1.00 18.50 ? 135 ALA A O   1 
ATOM   1053 C CB  . ALA A 1 135 ? -10.101 -2.725  -6.161  1.00 15.68 ? 135 ALA A CB  1 
ATOM   1054 N N   . ALA A 1 136 ? -7.459  -4.629  -6.305  1.00 16.80 ? 136 ALA A N   1 
ATOM   1055 C CA  . ALA A 1 136 ? -6.374  -5.115  -7.152  1.00 16.86 ? 136 ALA A CA  1 
ATOM   1056 C C   . ALA A 1 136 ? -6.013  -6.593  -6.984  1.00 17.61 ? 136 ALA A C   1 
ATOM   1057 O O   . ALA A 1 136 ? -5.468  -7.212  -7.900  1.00 16.63 ? 136 ALA A O   1 
ATOM   1058 C CB  . ALA A 1 136 ? -5.126  -4.251  -6.927  1.00 17.82 ? 136 ALA A CB  1 
ATOM   1059 N N   . LEU A 1 137 ? -6.321  -7.164  -5.825  1.00 17.37 ? 137 LEU A N   1 
ATOM   1060 C CA  . LEU A 1 137 ? -5.961  -8.553  -5.562  1.00 17.03 ? 137 LEU A CA  1 
ATOM   1061 C C   . LEU A 1 137 ? -6.306  -9.560  -6.656  1.00 19.03 ? 137 LEU A C   1 
ATOM   1062 O O   . LEU A 1 137 ? -5.456  -10.357 -7.051  1.00 18.42 ? 137 LEU A O   1 
ATOM   1063 C CB  . LEU A 1 137 ? -6.559  -9.023  -4.234  1.00 16.70 ? 137 LEU A CB  1 
ATOM   1064 C CG  . LEU A 1 137 ? -6.192  -10.464 -3.866  1.00 17.35 ? 137 LEU A CG  1 
ATOM   1065 C CD1 . LEU A 1 137 ? -4.674  -10.587 -3.684  1.00 18.86 ? 137 LEU A CD1 1 
ATOM   1066 C CD2 . LEU A 1 137 ? -6.920  -10.860 -2.594  0.97 18.63 ? 137 LEU A CD2 1 
ATOM   1067 N N   . PRO A 1 138 ? -7.544  -9.533  -7.178  1.00 18.91 ? 138 PRO A N   1 
ATOM   1068 C CA  . PRO A 1 138 ? -7.826  -10.523 -8.221  1.00 20.92 ? 138 PRO A CA  1 
ATOM   1069 C C   . PRO A 1 138 ? -6.972  -10.402 -9.481  1.00 21.08 ? 138 PRO A C   1 
ATOM   1070 O O   . PRO A 1 138 ? -6.858  -11.361 -10.242 1.00 22.42 ? 138 PRO A O   1 
ATOM   1071 C CB  . PRO A 1 138 ? -9.318  -10.322 -8.499  1.00 20.73 ? 138 PRO A CB  1 
ATOM   1072 C CG  . PRO A 1 138 ? -9.544  -8.893  -8.172  0.81 22.61 ? 138 PRO A CG  1 
ATOM   1073 C CD  . PRO A 1 138 ? -8.712  -8.672  -6.929  1.00 20.85 ? 138 PRO A CD  1 
ATOM   1074 N N   . TYR A 1 139 ? -6.363  -9.238  -9.694  1.00 19.53 ? 139 TYR A N   1 
ATOM   1075 C CA  . TYR A 1 139 ? -5.549  -9.009  -10.888 1.00 19.27 ? 139 TYR A CA  1 
ATOM   1076 C C   . TYR A 1 139 ? -4.044  -8.990  -10.609 0.95 20.98 ? 139 TYR A C   1 
ATOM   1077 O O   . TYR A 1 139 ? -3.238  -8.919  -11.536 1.00 21.66 ? 139 TYR A O   1 
ATOM   1078 C CB  . TYR A 1 139 ? -5.940  -7.680  -11.535 1.00 19.40 ? 139 TYR A CB  1 
ATOM   1079 C CG  . TYR A 1 139 ? -7.428  -7.475  -11.703 1.00 18.41 ? 139 TYR A CG  1 
ATOM   1080 C CD1 . TYR A 1 139 ? -8.123  -6.572  -10.898 1.00 17.86 ? 139 TYR A CD1 1 
ATOM   1081 C CD2 . TYR A 1 139 ? -8.138  -8.157  -12.695 0.90 19.61 ? 139 TYR A CD2 1 
ATOM   1082 C CE1 . TYR A 1 139 ? -9.488  -6.345  -11.082 1.00 18.10 ? 139 TYR A CE1 1 
ATOM   1083 C CE2 . TYR A 1 139 ? -9.499  -7.939  -12.883 1.00 18.45 ? 139 TYR A CE2 1 
ATOM   1084 C CZ  . TYR A 1 139 ? -10.166 -7.029  -12.076 0.98 18.88 ? 139 TYR A CZ  1 
ATOM   1085 O OH  . TYR A 1 139 ? -11.509 -6.778  -12.285 1.00 18.10 ? 139 TYR A OH  1 
ATOM   1086 N N   . ALA A 1 140 ? -3.666  -9.067  -9.339  1.00 19.05 ? 140 ALA A N   1 
ATOM   1087 C CA  . ALA A 1 140 ? -2.253  -9.013  -8.965  1.00 19.46 ? 140 ALA A CA  1 
ATOM   1088 C C   . ALA A 1 140 ? -1.420  -10.211 -9.413  1.00 19.39 ? 140 ALA A C   1 
ATOM   1089 O O   . ALA A 1 140 ? -1.898  -11.347 -9.449  1.00 20.09 ? 140 ALA A O   1 
ATOM   1090 C CB  . ALA A 1 140 ? -2.128  -8.837  -7.457  1.00 18.58 ? 140 ALA A CB  1 
ATOM   1091 N N   . ASP A 1 141 ? -0.162  -9.936  -9.746  1.00 19.23 ? 141 ASP A N   1 
ATOM   1092 C CA  . ASP A 1 141 ? 0.779   -10.967 -10.169 1.00 18.66 ? 141 ASP A CA  1 
ATOM   1093 C C   . ASP A 1 141 ? 1.588   -11.390 -8.954  0.92 19.47 ? 141 ASP A C   1 
ATOM   1094 O O   . ASP A 1 141 ? 2.063   -12.526 -8.864  1.00 19.64 ? 141 ASP A O   1 
ATOM   1095 C CB  . ASP A 1 141 ? 1.735   -10.415 -11.221 1.00 20.07 ? 141 ASP A CB  1 
ATOM   1096 C CG  . ASP A 1 141 ? 1.040   -10.063 -12.503 0.80 22.31 ? 141 ASP A CG  1 
ATOM   1097 O OD1 . ASP A 1 141 ? 0.603   -11.001 -13.214 1.00 22.42 ? 141 ASP A OD1 1 
ATOM   1098 O OD2 . ASP A 1 141 ? 0.925   -8.850  -12.791 0.92 22.32 ? 141 ASP A OD2 1 
ATOM   1099 N N   . GLU A 1 142 ? 1.729   -10.463 -8.013  1.00 18.71 ? 142 GLU A N   1 
ATOM   1100 C CA  . GLU A 1 142 ? 2.506   -10.717 -6.810  1.00 19.08 ? 142 GLU A CA  1 
ATOM   1101 C C   . GLU A 1 142 ? 1.926   -9.964  -5.626  1.00 18.13 ? 142 GLU A C   1 
ATOM   1102 O O   . GLU A 1 142 ? 1.429   -8.847  -5.774  1.00 17.89 ? 142 GLU A O   1 
ATOM   1103 C CB  . GLU A 1 142 ? 3.952   -10.273 -7.046  1.00 18.80 ? 142 GLU A CB  1 
ATOM   1104 C CG  . GLU A 1 142 ? 4.875   -10.432 -5.855  1.00 22.80 ? 142 GLU A CG  1 
ATOM   1105 C CD  . GLU A 1 142 ? 6.283   -9.945  -6.143  1.00 24.48 ? 142 GLU A CD  1 
ATOM   1106 O OE1 . GLU A 1 142 ? 7.091   -9.871  -5.195  0.74 27.69 ? 142 GLU A OE1 1 
ATOM   1107 O OE2 . GLU A 1 142 ? 6.586   -9.636  -7.317  0.78 27.95 ? 142 GLU A OE2 1 
ATOM   1108 N N   . VAL A 1 143 ? 1.988   -10.581 -4.453  1.00 17.95 ? 143 VAL A N   1 
ATOM   1109 C CA  . VAL A 1 143 ? 1.490   -9.951  -3.234  1.00 16.62 ? 143 VAL A CA  1 
ATOM   1110 C C   . VAL A 1 143 ? 2.586   -10.023 -2.175  1.00 15.81 ? 143 VAL A C   1 
ATOM   1111 O O   . VAL A 1 143 ? 3.035   -11.107 -1.818  1.00 17.46 ? 143 VAL A O   1 
ATOM   1112 C CB  . VAL A 1 143 ? 0.246   -10.671 -2.676  1.00 15.34 ? 143 VAL A CB  1 
ATOM   1113 C CG1 . VAL A 1 143 ? -0.261  -9.937  -1.423  1.00 15.09 ? 143 VAL A CG1 1 
ATOM   1114 C CG2 . VAL A 1 143 ? -0.859  -10.723 -3.736  1.00 15.59 ? 143 VAL A CG2 1 
ATOM   1115 N N   . VAL A 1 144 ? 3.017   -8.865  -1.691  1.00 16.74 ? 144 VAL A N   1 
ATOM   1116 C CA  . VAL A 1 144 ? 4.055   -8.801  -0.666  1.00 16.17 ? 144 VAL A CA  1 
ATOM   1117 C C   . VAL A 1 144 ? 3.386   -8.277  0.596   1.00 14.87 ? 144 VAL A C   1 
ATOM   1118 O O   . VAL A 1 144 ? 3.076   -7.095  0.699   1.00 18.23 ? 144 VAL A O   1 
ATOM   1119 C CB  . VAL A 1 144 ? 5.178   -7.851  -1.086  1.00 14.41 ? 144 VAL A CB  1 
ATOM   1120 C CG1 . VAL A 1 144 ? 6.313   -7.913  -0.069  0.99 15.48 ? 144 VAL A CG1 1 
ATOM   1121 C CG2 . VAL A 1 144 ? 5.687   -8.241  -2.459  1.00 13.36 ? 144 VAL A CG2 1 
ATOM   1122 N N   . VAL A 1 145 ? 3.168   -9.165  1.551   1.00 15.07 ? 145 VAL A N   1 
ATOM   1123 C CA  . VAL A 1 145 ? 2.489   -8.797  2.778   1.00 16.76 ? 145 VAL A CA  1 
ATOM   1124 C C   . VAL A 1 145 ? 3.383   -8.953  3.992   1.00 16.75 ? 145 VAL A C   1 
ATOM   1125 O O   . VAL A 1 145 ? 4.037   -9.977  4.177   1.00 17.55 ? 145 VAL A O   1 
ATOM   1126 C CB  . VAL A 1 145 ? 1.191   -9.638  2.947   0.97 18.56 ? 145 VAL A CB  1 
ATOM   1127 C CG1 . VAL A 1 145 ? 1.463   -11.079 2.595   1.00 20.20 ? 145 VAL A CG1 1 
ATOM   1128 C CG2 . VAL A 1 145 ? 0.658   -9.522  4.374   1.00 18.78 ? 145 VAL A CG2 1 
ATOM   1129 N N   . SER A 1 146 ? 3.417   -7.911  4.812   1.00 17.76 ? 146 SER A N   1 
ATOM   1130 C CA  . SER A 1 146 ? 4.227   -7.936  6.017   1.00 17.63 ? 146 SER A CA  1 
ATOM   1131 C C   . SER A 1 146 ? 3.332   -7.956  7.240   1.00 18.24 ? 146 SER A C   1 
ATOM   1132 O O   . SER A 1 146 ? 2.336   -7.235  7.314   1.00 16.70 ? 146 SER A O   1 
ATOM   1133 C CB  . SER A 1 146 ? 5.143   -6.715  6.081   1.00 16.73 ? 146 SER A CB  1 
ATOM   1134 O OG  . SER A 1 146 ? 6.058   -6.693  5.001   0.99 19.16 ? 146 SER A OG  1 
ATOM   1135 N N   . ARG A 1 147 ? 3.702   -8.797  8.197   1.00 18.07 ? 147 ARG A N   1 
ATOM   1136 C CA  . ARG A 1 147 ? 2.976   -8.924  9.445   1.00 20.65 ? 147 ARG A CA  1 
ATOM   1137 C C   . ARG A 1 147 ? 3.918   -8.448  10.542  0.99 21.42 ? 147 ARG A C   1 
ATOM   1138 O O   . ARG A 1 147 ? 4.974   -9.050  10.760  1.00 21.52 ? 147 ARG A O   1 
ATOM   1139 C CB  . ARG A 1 147 ? 2.581   -10.388 9.681   1.00 23.31 ? 147 ARG A CB  1 
ATOM   1140 C CG  . ARG A 1 147 ? 2.317   -10.743 11.134  0.91 28.75 ? 147 ARG A CG  1 
ATOM   1141 C CD  . ARG A 1 147 ? 1.800   -12.168 11.305  1.00 30.95 ? 147 ARG A CD  1 
ATOM   1142 N NE  . ARG A 1 147 ? 0.394   -12.265 10.938  0.19 36.54 ? 147 ARG A NE  1 
ATOM   1143 C CZ  . ARG A 1 147 ? -0.499  -13.028 11.564  0.23 35.78 ? 147 ARG A CZ  1 
ATOM   1144 N NH1 . ARG A 1 147 ? -0.136  -13.774 12.602  1.00 34.45 ? 147 ARG A NH1 1 
ATOM   1145 N NH2 . ARG A 1 147 ? -1.763  -13.031 11.160  1.00 31.63 ? 147 ARG A NH2 1 
ATOM   1146 N N   . ILE A 1 148 ? 3.562   -7.344  11.190  1.00 20.53 ? 148 ILE A N   1 
ATOM   1147 C CA  . ILE A 1 148 ? 4.364   -6.812  12.288  1.00 22.21 ? 148 ILE A CA  1 
ATOM   1148 C C   . ILE A 1 148 ? 3.663   -7.216  13.578  0.83 22.10 ? 148 ILE A C   1 
ATOM   1149 O O   . ILE A 1 148 ? 2.492   -6.885  13.794  1.00 21.00 ? 148 ILE A O   1 
ATOM   1150 C CB  . ILE A 1 148 ? 4.469   -5.274  12.259  1.00 23.74 ? 148 ILE A CB  1 
ATOM   1151 C CG1 . ILE A 1 148 ? 5.293   -4.815  11.055  0.88 26.93 ? 148 ILE A CG1 1 
ATOM   1152 C CG2 . ILE A 1 148 ? 5.112   -4.786  13.540  0.94 25.70 ? 148 ILE A CG2 1 
ATOM   1153 C CD1 . ILE A 1 148 ? 4.573   -4.916  9.741   0.85 27.00 ? 148 ILE A CD1 1 
ATOM   1154 N N   . VAL A 1 149 ? 4.373   -7.940  14.431  1.00 21.56 ? 149 VAL A N   1 
ATOM   1155 C CA  . VAL A 1 149 ? 3.787   -8.401  15.677  1.00 22.27 ? 149 VAL A CA  1 
ATOM   1156 C C   . VAL A 1 149 ? 4.426   -7.712  16.868  0.75 24.30 ? 149 VAL A C   1 
ATOM   1157 O O   . VAL A 1 149 ? 5.644   -7.761  17.040  1.00 23.28 ? 149 VAL A O   1 
ATOM   1158 C CB  . VAL A 1 149 ? 3.956   -9.921  15.824  1.00 23.93 ? 149 VAL A CB  1 
ATOM   1159 C CG1 . VAL A 1 149 ? 3.196   -10.419 17.042  0.90 24.32 ? 149 VAL A CG1 1 
ATOM   1160 C CG2 . VAL A 1 149 ? 3.475   -10.614 14.560  1.00 24.66 ? 149 VAL A CG2 1 
ATOM   1161 N N   . LYS A 1 150 ? 3.593   -7.062  17.679  1.00 23.39 ? 150 LYS A N   1 
ATOM   1162 C CA  . LYS A 1 150 ? 4.057   -6.363  18.875  1.00 24.79 ? 150 LYS A CA  1 
ATOM   1163 C C   . LYS A 1 150 ? 3.601   -7.141  20.105  1.00 24.03 ? 150 LYS A C   1 
ATOM   1164 O O   . LYS A 1 150 ? 2.509   -7.709  20.114  1.00 23.61 ? 150 LYS A O   1 
ATOM   1165 C CB  . LYS A 1 150 ? 3.478   -4.948  18.918  1.00 23.70 ? 150 LYS A CB  1 
ATOM   1166 C CG  . LYS A 1 150 ? 4.077   -3.983  17.908  1.00 26.11 ? 150 LYS A CG  1 
ATOM   1167 C CD  . LYS A 1 150 ? 5.481   -3.577  18.317  1.00 25.28 ? 150 LYS A CD  1 
ATOM   1168 C CE  . LYS A 1 150 ? 6.053   -2.515  17.389  1.00 27.01 ? 150 LYS A CE  1 
ATOM   1169 N NZ  . LYS A 1 150 ? 7.385   -2.054  17.884  0.92 27.90 ? 150 LYS A NZ  1 
ATOM   1170 N N   . ARG A 1 151 ? 4.438   -7.175  21.138  1.00 24.20 ? 151 ARG A N   1 
ATOM   1171 C CA  . ARG A 1 151 ? 4.094   -7.890  22.362  1.00 26.06 ? 151 ARG A CA  1 
ATOM   1172 C C   . ARG A 1 151 ? 2.842   -7.304  23.000  1.00 26.29 ? 151 ARG A C   1 
ATOM   1173 O O   . ARG A 1 151 ? 2.003   -8.038  23.517  1.00 27.29 ? 151 ARG A O   1 
ATOM   1174 C CB  . ARG A 1 151 ? 5.251   -7.839  23.366  1.00 27.70 ? 151 ARG A CB  1 
ATOM   1175 C CG  . ARG A 1 151 ? 4.951   -8.567  24.672  1.00 31.22 ? 151 ARG A CG  1 
ATOM   1176 C CD  . ARG A 1 151 ? 6.161   -8.606  25.594  0.87 35.34 ? 151 ARG A CD  1 
ATOM   1177 N NE  . ARG A 1 151 ? 5.888   -9.334  26.833  0.89 38.72 ? 151 ARG A NE  1 
ATOM   1178 C CZ  . ARG A 1 151 ? 5.612   -10.634 26.898  0.41 40.26 ? 151 ARG A CZ  1 
ATOM   1179 N NH1 . ARG A 1 151 ? 5.567   -11.370 25.792  1.00 39.54 ? 151 ARG A NH1 1 
ATOM   1180 N NH2 . ARG A 1 151 ? 5.378   -11.203 28.074  0.57 41.57 ? 151 ARG A NH2 1 
ATOM   1181 N N   . HIS A 1 152 ? 2.727   -5.980  22.970  1.00 26.27 ? 152 HIS A N   1 
ATOM   1182 C CA  . HIS A 1 152 ? 1.568   -5.304  23.542  1.00 27.28 ? 152 HIS A CA  1 
ATOM   1183 C C   . HIS A 1 152 ? 0.676   -4.719  22.446  0.89 26.64 ? 152 HIS A C   1 
ATOM   1184 O O   . HIS A 1 152 ? 1.133   -4.465  21.330  1.00 25.71 ? 152 HIS A O   1 
ATOM   1185 C CB  . HIS A 1 152 ? 2.031   -4.210  24.507  0.95 28.68 ? 152 HIS A CB  1 
ATOM   1186 C CG  . HIS A 1 152 ? 2.826   -4.737  25.663  0.73 31.03 ? 152 HIS A CG  1 
ATOM   1187 N ND1 . HIS A 1 152 ? 2.270   -5.523  26.651  0.75 32.67 ? 152 HIS A ND1 1 
ATOM   1188 C CD2 . HIS A 1 152 ? 4.142   -4.635  25.960  1.00 30.70 ? 152 HIS A CD2 1 
ATOM   1189 C CE1 . HIS A 1 152 ? 3.210   -5.884  27.506  1.00 32.33 ? 152 HIS A CE1 1 
ATOM   1190 N NE2 . HIS A 1 152 ? 4.356   -5.358  27.109  0.51 34.29 ? 152 HIS A NE2 1 
ATOM   1191 N N   . ARG A 1 153 ? -0.596  -4.521  22.779  1.00 25.33 ? 153 ARG A N   1 
ATOM   1192 C CA  . ARG A 1 153 ? -1.592  -3.996  21.842  0.98 27.18 ? 153 ARG A CA  1 
ATOM   1193 C C   . ARG A 1 153 ? -1.207  -2.742  21.080  1.00 25.66 ? 153 ARG A C   1 
ATOM   1194 O O   . ARG A 1 153 ? -0.512  -1.873  21.605  1.00 25.05 ? 153 ARG A O   1 
ATOM   1195 C CB  . ARG A 1 153 ? -2.901  -3.688  22.571  1.00 30.66 ? 153 ARG A CB  1 
ATOM   1196 C CG  . ARG A 1 153 ? -3.647  -4.877  23.115  0.44 35.08 ? 153 ARG A CG  1 
ATOM   1197 C CD  . ARG A 1 153 ? -5.025  -4.437  23.596  1.00 35.36 ? 153 ARG A CD  1 
ATOM   1198 N NE  . ARG A 1 153 ? -4.955  -3.294  24.506  0.63 37.59 ? 153 ARG A NE  1 
ATOM   1199 C CZ  . ARG A 1 153 ? -5.383  -2.069  24.211  1.00 37.11 ? 153 ARG A CZ  1 
ATOM   1200 N NH1 . ARG A 1 153 ? -5.918  -1.815  23.023  1.00 36.37 ? 153 ARG A NH1 1 
ATOM   1201 N NH2 . ARG A 1 153 ? -5.284  -1.096  25.109  1.00 37.72 ? 153 ARG A NH2 1 
ATOM   1202 N N   . VAL A 1 154 ? -1.670  -2.654  19.834  1.00 24.28 ? 154 VAL A N   1 
ATOM   1203 C CA  . VAL A 1 154 ? -1.440  -1.471  19.014  0.82 24.02 ? 154 VAL A CA  1 
ATOM   1204 C C   . VAL A 1 154 ? -2.828  -0.964  18.644  1.00 22.31 ? 154 VAL A C   1 
ATOM   1205 O O   . VAL A 1 154 ? -3.764  -1.748  18.516  1.00 21.87 ? 154 VAL A O   1 
ATOM   1206 C CB  . VAL A 1 154 ? -0.652  -1.770  17.704  1.00 22.95 ? 154 VAL A CB  1 
ATOM   1207 C CG1 . VAL A 1 154 ? 0.766   -2.197  18.034  0.92 23.48 ? 154 VAL A CG1 1 
ATOM   1208 C CG2 . VAL A 1 154 ? -1.355  -2.843  16.898  1.00 20.85 ? 154 VAL A CG2 1 
ATOM   1209 N N   . ASN A 1 155 ? -2.967  0.345   18.499  1.00 21.93 ? 155 ASN A N   1 
ATOM   1210 C CA  . ASN A 1 155 ? -4.255  0.922   18.149  1.00 22.25 ? 155 ASN A CA  1 
ATOM   1211 C C   . ASN A 1 155 ? -4.333  1.143   16.649  0.96 22.06 ? 155 ASN A C   1 
ATOM   1212 O O   . ASN A 1 155 ? -3.319  1.116   15.953  0.99 22.39 ? 155 ASN A O   1 
ATOM   1213 C CB  . ASN A 1 155 ? -4.460  2.250   18.887  1.00 23.95 ? 155 ASN A CB  1 
ATOM   1214 C CG  . ASN A 1 155 ? -4.512  2.072   20.397  0.81 25.93 ? 155 ASN A CG  1 
ATOM   1215 O OD1 . ASN A 1 155 ? -3.621  2.520   21.122  0.88 29.95 ? 155 ASN A OD1 1 
ATOM   1216 N ND2 . ASN A 1 155 ? -5.556  1.406   20.876  1.00 25.17 ? 155 ASN A ND2 1 
ATOM   1217 N N   . SER A 1 156 ? -5.544  1.334   16.147  1.00 21.65 ? 156 SER A N   1 
ATOM   1218 C CA  . SER A 1 156 ? -5.724  1.570   14.725  1.00 20.29 ? 156 SER A CA  1 
ATOM   1219 C C   . SER A 1 156 ? -7.068  2.213   14.452  1.00 21.11 ? 156 SER A C   1 
ATOM   1220 O O   . SER A 1 156 ? -8.023  2.032   15.208  1.00 21.05 ? 156 SER A O   1 
ATOM   1221 C CB  . SER A 1 156 ? -5.628  0.257   13.945  1.00 19.19 ? 156 SER A CB  1 
ATOM   1222 O OG  . SER A 1 156 ? -6.647  -0.650  14.339  1.00 20.32 ? 156 SER A OG  1 
ATOM   1223 N N   . THR A 1 157 ? -7.127  2.978   13.370  1.00 21.78 ? 157 THR A N   1 
ATOM   1224 C CA  . THR A 1 157 ? -8.365  3.624   12.960  0.98 24.13 ? 157 THR A CA  1 
ATOM   1225 C C   . THR A 1 157 ? -8.835  2.957   11.665  0.93 24.04 ? 157 THR A C   1 
ATOM   1226 O O   . THR A 1 157 ? -9.987  3.106   11.253  1.00 24.14 ? 157 THR A O   1 
ATOM   1227 C CB  . THR A 1 157 ? -8.168  5.136   12.737  1.00 24.93 ? 157 THR A CB  1 
ATOM   1228 O OG1 . THR A 1 157 ? -7.068  5.353   11.850  0.99 26.22 ? 157 THR A OG1 1 
ATOM   1229 C CG2 . THR A 1 157 ? -7.885  5.833   14.072  0.88 27.57 ? 157 THR A CG2 1 
ATOM   1230 N N   . VAL A 1 158 ? -7.931  2.217   11.030  1.00 22.26 ? 158 VAL A N   1 
ATOM   1231 C CA  . VAL A 1 158 ? -8.256  1.492   9.803   1.00 21.33 ? 158 VAL A CA  1 
ATOM   1232 C C   . VAL A 1 158 ? -7.805  0.054   9.989   1.00 19.87 ? 158 VAL A C   1 
ATOM   1233 O O   . VAL A 1 158 ? -6.685  -0.191  10.432  1.00 18.10 ? 158 VAL A O   1 
ATOM   1234 C CB  . VAL A 1 158 ? -7.537  2.080   8.572   1.00 20.48 ? 158 VAL A CB  1 
ATOM   1235 C CG1 . VAL A 1 158 ? -7.840  1.230   7.329   1.00 21.01 ? 158 VAL A CG1 1 
ATOM   1236 C CG2 . VAL A 1 158 ? -7.991  3.519   8.347   0.90 22.85 ? 158 VAL A CG2 1 
ATOM   1237 N N   . GLN A 1 159 ? -8.683  -0.893  9.665   1.00 19.56 ? 159 GLN A N   1 
ATOM   1238 C CA  . GLN A 1 159 ? -8.361  -2.304  9.803   1.00 19.51 ? 159 GLN A CA  1 
ATOM   1239 C C   . GLN A 1 159 ? -8.548  -3.069  8.501   1.00 19.41 ? 159 GLN A C   1 
ATOM   1240 O O   . GLN A 1 159 ? -9.193  -2.602  7.563   1.00 19.65 ? 159 GLN A O   1 
ATOM   1241 C CB  . GLN A 1 159 ? -9.217  -2.963  10.892  1.00 19.71 ? 159 GLN A CB  1 
ATOM   1242 C CG  . GLN A 1 159 ? -9.006  -2.397  12.300  0.95 21.14 ? 159 GLN A CG  1 
ATOM   1243 C CD  . GLN A 1 159 ? -9.783  -1.121  12.543  0.88 23.02 ? 159 GLN A CD  1 
ATOM   1244 O OE1 . GLN A 1 159 ? -9.334  -0.230  13.275  0.97 24.12 ? 159 GLN A OE1 1 
ATOM   1245 N NE2 . GLN A 1 159 ? -10.962 -1.028  11.945  1.00 20.13 ? 159 GLN A NE2 1 
ATOM   1246 N N   . LEU A 1 160 ? -7.968  -4.259  8.469   1.00 19.65 ? 160 LEU A N   1 
ATOM   1247 C CA  . LEU A 1 160 ? -8.045  -5.137  7.319   1.00 20.19 ? 160 LEU A CA  1 
ATOM   1248 C C   . LEU A 1 160 ? -9.049  -6.251  7.628   1.00 21.61 ? 160 LEU A C   1 
ATOM   1249 O O   . LEU A 1 160 ? -9.209  -6.657  8.779   1.00 22.12 ? 160 LEU A O   1 
ATOM   1250 C CB  . LEU A 1 160 ? -6.658  -5.730  7.066   1.00 21.95 ? 160 LEU A CB  1 
ATOM   1251 C CG  . LEU A 1 160 ? -6.044  -5.800  5.668   0.67 24.68 ? 160 LEU A CG  1 
ATOM   1252 C CD1 . LEU A 1 160 ? -6.226  -4.491  4.914   1.00 22.53 ? 160 LEU A CD1 1 
ATOM   1253 C CD2 . LEU A 1 160 ? -4.561  -6.139  5.826   1.00 21.23 ? 160 LEU A CD2 1 
ATOM   1254 N N   . ASP A 1 161 ? -9.734  -6.733  6.599   1.00 20.79 ? 161 ASP A N   1 
ATOM   1255 C CA  . ASP A 1 161 ? -10.689 -7.818  6.761   1.00 23.76 ? 161 ASP A CA  1 
ATOM   1256 C C   . ASP A 1 161 ? -9.924  -9.141  6.716   0.92 23.79 ? 161 ASP A C   1 
ATOM   1257 O O   . ASP A 1 161 ? -9.082  -9.346  5.847   1.00 22.57 ? 161 ASP A O   1 
ATOM   1258 C CB  . ASP A 1 161 ? -11.717 -7.781  5.628   1.00 25.62 ? 161 ASP A CB  1 
ATOM   1259 C CG  . ASP A 1 161 ? -12.676 -6.616  5.747   0.82 28.99 ? 161 ASP A CG  1 
ATOM   1260 O OD1 . ASP A 1 161 ? -13.197 -6.164  4.708   0.70 31.66 ? 161 ASP A OD1 1 
ATOM   1261 O OD2 . ASP A 1 161 ? -12.922 -6.162  6.883   0.70 31.92 ? 161 ASP A OD2 1 
ATOM   1262 N N   . ALA A 1 162 ? -10.210 -10.032 7.657   1.00 23.59 ? 162 ALA A N   1 
ATOM   1263 C CA  . ALA A 1 162 ? -9.532  -11.320 7.689   1.00 24.78 ? 162 ALA A CA  1 
ATOM   1264 C C   . ALA A 1 162 ? -9.738  -12.087 6.387   1.00 23.74 ? 162 ALA A C   1 
ATOM   1265 O O   . ALA A 1 162 ? -8.874  -12.863 5.973   1.00 23.94 ? 162 ALA A O   1 
ATOM   1266 C CB  . ALA A 1 162 ? -10.032 -12.147 8.881   0.74 25.71 ? 162 ALA A CB  1 
ATOM   1267 N N   . SER A 1 163 ? -10.879 -11.877 5.735   0.97 24.70 ? 163 SER A N   1 
ATOM   1268 C CA  . SER A 1 163 ? -11.156 -12.574 4.484   1.00 23.36 ? 163 SER A CA  1 
ATOM   1269 C C   . SER A 1 163 ? -10.121 -12.219 3.418   1.00 23.92 ? 163 SER A C   1 
ATOM   1270 O O   . SER A 1 163 ? -9.794  -13.045 2.566   1.00 22.81 ? 163 SER A O   1 
ATOM   1271 C CB  . SER A 1 163 ? -12.567 -12.236 3.985   1.00 25.07 ? 163 SER A CB  1 
ATOM   1272 O OG  . SER A 1 163 ? -12.737 -10.837 3.829   0.92 25.69 ? 163 SER A OG  1 
ATOM   1273 N N   . PHE A 1 164 ? -9.613  -10.989 3.474   1.00 22.33 ? 164 PHE A N   1 
ATOM   1274 C CA  . PHE A 1 164 ? -8.602  -10.514 2.527   1.00 22.89 ? 164 PHE A CA  1 
ATOM   1275 C C   . PHE A 1 164 ? -7.321  -11.341 2.676   0.87 23.47 ? 164 PHE A C   1 
ATOM   1276 O O   . PHE A 1 164 ? -6.750  -11.799 1.684   1.00 24.46 ? 164 PHE A O   1 
ATOM   1277 C CB  . PHE A 1 164 ? -8.316  -9.031  2.790   1.00 21.65 ? 164 PHE A CB  1 
ATOM   1278 C CG  . PHE A 1 164 ? -7.206  -8.450  1.951   0.99 20.24 ? 164 PHE A CG  1 
ATOM   1279 C CD1 . PHE A 1 164 ? -6.144  -7.781  2.562   0.94 19.36 ? 164 PHE A CD1 1 
ATOM   1280 C CD2 . PHE A 1 164 ? -7.232  -8.536  0.561   1.00 19.99 ? 164 PHE A CD2 1 
ATOM   1281 C CE1 . PHE A 1 164 ? -5.132  -7.207  1.808   1.00 18.80 ? 164 PHE A CE1 1 
ATOM   1282 C CE2 . PHE A 1 164 ? -6.220  -7.962  -0.207  0.86 20.93 ? 164 PHE A CE2 1 
ATOM   1283 C CZ  . PHE A 1 164 ? -5.165  -7.294  0.420   1.00 18.53 ? 164 PHE A CZ  1 
ATOM   1284 N N   . LEU A 1 165 ? -6.875  -11.537 3.915   1.00 21.86 ? 165 LEU A N   1 
ATOM   1285 C CA  . LEU A 1 165 ? -5.673  -12.321 4.160   1.00 22.94 ? 165 LEU A CA  1 
ATOM   1286 C C   . LEU A 1 165 ? -5.918  -13.779 3.782   0.98 25.00 ? 165 LEU A C   1 
ATOM   1287 O O   . LEU A 1 165 ? -5.005  -14.481 3.342   1.00 25.83 ? 165 LEU A O   1 
ATOM   1288 C CB  . LEU A 1 165 ? -5.260  -12.220 5.627   1.00 22.55 ? 165 LEU A CB  1 
ATOM   1289 C CG  . LEU A 1 165 ? -4.879  -10.822 6.125   1.00 22.65 ? 165 LEU A CG  1 
ATOM   1290 C CD1 . LEU A 1 165 ? -4.342  -10.921 7.550   1.00 21.82 ? 165 LEU A CD1 1 
ATOM   1291 C CD2 . LEU A 1 165 ? -3.824  -10.215 5.201   0.83 24.42 ? 165 LEU A CD2 1 
ATOM   1292 N N   . ASP A 1 166 ? -7.158  -14.230 3.956   1.00 25.64 ? 166 ASP A N   1 
ATOM   1293 C CA  . ASP A 1 166 ? -7.530  -15.597 3.601   1.00 26.46 ? 166 ASP A CA  1 
ATOM   1294 C C   . ASP A 1 166 ? -7.416  -15.798 2.094   1.00 26.04 ? 166 ASP A C   1 
ATOM   1295 O O   . ASP A 1 166 ? -6.908  -16.820 1.636   1.00 26.32 ? 166 ASP A O   1 
ATOM   1296 C CB  . ASP A 1 166 ? -8.965  -15.887 4.041   1.00 27.92 ? 166 ASP A CB  1 
ATOM   1297 C CG  . ASP A 1 166 ? -9.079  -16.146 5.524   0.88 31.43 ? 166 ASP A CG  1 
ATOM   1298 O OD1 . ASP A 1 166 ? -10.221 -16.246 6.020   0.69 34.38 ? 166 ASP A OD1 1 
ATOM   1299 O OD2 . ASP A 1 166 ? -8.030  -16.261 6.194   0.74 33.68 ? 166 ASP A OD2 1 
ATOM   1300 N N   . ASP A 1 167 ? -7.898  -14.826 1.322   1.00 25.49 ? 167 ASP A N   1 
ATOM   1301 C CA  . ASP A 1 167 ? -7.831  -14.920 -0.134  1.00 25.79 ? 167 ASP A CA  1 
ATOM   1302 C C   . ASP A 1 167 ? -6.383  -14.967 -0.591  0.99 26.60 ? 167 ASP A C   1 
ATOM   1303 O O   . ASP A 1 167 ? -6.041  -15.657 -1.554  1.00 28.36 ? 167 ASP A O   1 
ATOM   1304 C CB  . ASP A 1 167 ? -8.540  -13.732 -0.797  1.00 25.39 ? 167 ASP A CB  1 
ATOM   1305 C CG  . ASP A 1 167 ? -10.047 -13.792 -0.642  0.84 26.94 ? 167 ASP A CG  1 
ATOM   1306 O OD1 . ASP A 1 167 ? -10.568 -14.891 -0.356  1.00 26.24 ? 167 ASP A OD1 1 
ATOM   1307 O OD2 . ASP A 1 167 ? -10.711 -12.751 -0.817  1.00 25.70 ? 167 ASP A OD2 1 
ATOM   1308 N N   . ILE A 1 168 ? -5.530  -14.221 0.099   1.00 24.48 ? 168 ILE A N   1 
ATOM   1309 C CA  . ILE A 1 168 ? -4.117  -14.194 -0.239  1.00 24.93 ? 168 ILE A CA  1 
ATOM   1310 C C   . ILE A 1 168 ? -3.458  -15.535 0.063   1.00 26.59 ? 168 ILE A C   1 
ATOM   1311 O O   . ILE A 1 168 ? -2.643  -16.019 -0.720  0.97 28.51 ? 168 ILE A O   1 
ATOM   1312 C CB  . ILE A 1 168 ? -3.391  -13.070 0.535   1.00 22.25 ? 168 ILE A CB  1 
ATOM   1313 C CG1 . ILE A 1 168 ? -3.891  -11.719 0.021   1.00 19.59 ? 168 ILE A CG1 1 
ATOM   1314 C CG2 . ILE A 1 168 ? -1.877  -13.192 0.371   1.00 20.85 ? 168 ILE A CG2 1 
ATOM   1315 C CD1 . ILE A 1 168 ? -3.479  -10.532 0.861   0.90 20.64 ? 168 ILE A CD1 1 
ATOM   1316 N N   . SER A 1 169 ? -3.824  -16.139 1.190   1.00 28.69 ? 169 SER A N   1 
ATOM   1317 C CA  . SER A 1 169 ? -3.241  -17.419 1.579   1.00 30.74 ? 169 SER A CA  1 
ATOM   1318 C C   . SER A 1 169 ? -3.532  -18.532 0.577   1.00 31.20 ? 169 SER A C   1 
ATOM   1319 O O   . SER A 1 169 ? -2.884  -19.580 0.604   1.00 31.23 ? 169 SER A O   1 
ATOM   1320 C CB  . SER A 1 169 ? -3.733  -17.830 2.969   1.00 31.38 ? 169 SER A CB  1 
ATOM   1321 O OG  . SER A 1 169 ? -5.127  -18.080 2.967   0.64 35.61 ? 169 SER A OG  1 
ATOM   1322 N N   . LYS A 1 170 ? -4.492  -18.306 -0.316  1.00 31.91 ? 170 LYS A N   1 
ATOM   1323 C CA  . LYS A 1 170 ? -4.833  -19.307 -1.322  1.00 32.73 ? 170 LYS A CA  1 
ATOM   1324 C C   . LYS A 1 170 ? -3.746  -19.356 -2.388  0.74 31.48 ? 170 LYS A C   1 
ATOM   1325 O O   . LYS A 1 170 ? -3.592  -20.357 -3.089  1.00 30.55 ? 170 LYS A O   1 
ATOM   1326 C CB  . LYS A 1 170 ? -6.176  -18.975 -1.983  0.97 36.17 ? 170 LYS A CB  1 
ATOM   1327 C CG  . LYS A 1 170 ? -7.329  -18.787 -1.005  0.13 41.76 ? 170 LYS A CG  1 
ATOM   1328 C CD  . LYS A 1 170 ? -7.571  -20.033 -0.165  0.52 44.76 ? 170 LYS A CD  1 
ATOM   1329 C CE  . LYS A 1 170 ? -8.735  -19.831 0.791   1.00 46.42 ? 170 LYS A CE  1 
ATOM   1330 N NZ  . LYS A 1 170 ? -9.992  -19.488 0.061   0.46 49.79 ? 170 LYS A NZ  1 
ATOM   1331 N N   . ARG A 1 171 ? -2.995  -18.262 -2.506  1.00 28.12 ? 171 ARG A N   1 
ATOM   1332 C CA  . ARG A 1 171 ? -1.918  -18.168 -3.479  1.00 26.05 ? 171 ARG A CA  1 
ATOM   1333 C C   . ARG A 1 171 ? -0.684  -18.952 -3.029  1.00 24.88 ? 171 ARG A C   1 
ATOM   1334 O O   . ARG A 1 171 ? -0.567  -19.331 -1.868  1.00 25.57 ? 171 ARG A O   1 
ATOM   1335 C CB  . ARG A 1 171 ? -1.533  -16.703 -3.712  0.96 24.76 ? 171 ARG A CB  1 
ATOM   1336 C CG  . ARG A 1 171 ? -2.608  -15.849 -4.398  0.95 25.51 ? 171 ARG A CG  1 
ATOM   1337 C CD  . ARG A 1 171 ? -2.052  -14.466 -4.721  1.00 25.02 ? 171 ARG A CD  1 
ATOM   1338 N NE  . ARG A 1 171 ? -2.999  -13.605 -5.426  0.92 27.30 ? 171 ARG A NE  1 
ATOM   1339 C CZ  . ARG A 1 171 ? -2.739  -13.020 -6.592  1.00 24.99 ? 171 ARG A CZ  1 
ATOM   1340 N NH1 . ARG A 1 171 ? -1.568  -13.207 -7.184  0.99 26.51 ? 171 ARG A NH1 1 
ATOM   1341 N NH2 . ARG A 1 171 ? -3.644  -12.235 -7.159  0.97 27.23 ? 171 ARG A NH2 1 
ATOM   1342 N N   . GLU A 1 172 ? 0.231   -19.181 -3.961  1.00 25.03 ? 172 GLU A N   1 
ATOM   1343 C CA  . GLU A 1 172 ? 1.460   -19.914 -3.678  0.92 25.92 ? 172 GLU A CA  1 
ATOM   1344 C C   . GLU A 1 172 ? 2.486   -19.008 -2.992  1.00 24.00 ? 172 GLU A C   1 
ATOM   1345 O O   . GLU A 1 172 ? 2.937   -18.020 -3.573  1.00 23.64 ? 172 GLU A O   1 
ATOM   1346 C CB  . GLU A 1 172 ? 2.058   -20.449 -4.981  1.00 27.59 ? 172 GLU A CB  1 
ATOM   1347 C CG  . GLU A 1 172 ? 3.256   -21.362 -4.783  1.00 32.28 ? 172 GLU A CG  1 
ATOM   1348 C CD  . GLU A 1 172 ? 3.981   -21.684 -6.077  1.00 34.05 ? 172 GLU A CD  1 
ATOM   1349 O OE1 . GLU A 1 172 ? 4.876   -22.553 -6.051  0.79 38.47 ? 172 GLU A OE1 1 
ATOM   1350 O OE2 . GLU A 1 172 ? 3.666   -21.069 -7.117  0.92 36.99 ? 172 GLU A OE2 1 
ATOM   1351 N N   . MET A 1 173 ? 2.854   -19.337 -1.757  1.00 23.01 ? 173 MET A N   1 
ATOM   1352 C CA  . MET A 1 173 ? 3.849   -18.530 -1.060  1.00 21.88 ? 173 MET A CA  1 
ATOM   1353 C C   . MET A 1 173 ? 5.206   -18.996 -1.572  0.79 22.86 ? 173 MET A C   1 
ATOM   1354 O O   . MET A 1 173 ? 5.485   -20.197 -1.594  0.98 23.28 ? 173 MET A O   1 
ATOM   1355 C CB  . MET A 1 173 ? 3.748   -18.726 0.451   1.00 22.36 ? 173 MET A CB  1 
ATOM   1356 C CG  . MET A 1 173 ? 4.583   -17.724 1.235   1.00 25.54 ? 173 MET A CG  1 
ATOM   1357 S SD  . MET A 1 173 ? 4.358   -17.865 3.007   0.99 28.71 ? 173 MET A SD  1 
ATOM   1358 C CE  . MET A 1 173 ? 5.510   -19.193 3.363   0.97 28.67 ? 173 MET A CE  1 
ATOM   1359 N N   . VAL A 1 174 ? 6.048   -18.057 -1.991  1.00 20.13 ? 174 VAL A N   1 
ATOM   1360 C CA  . VAL A 1 174 ? 7.349   -18.421 -2.539  0.96 21.01 ? 174 VAL A CA  1 
ATOM   1361 C C   . VAL A 1 174 ? 8.530   -17.883 -1.755  1.00 20.51 ? 174 VAL A C   1 
ATOM   1362 O O   . VAL A 1 174 ? 9.668   -18.296 -1.979  1.00 19.07 ? 174 VAL A O   1 
ATOM   1363 C CB  . VAL A 1 174 ? 7.481   -17.941 -3.994  0.99 21.38 ? 174 VAL A CB  1 
ATOM   1364 C CG1 . VAL A 1 174 ? 6.402   -18.589 -4.844  1.00 21.44 ? 174 VAL A CG1 1 
ATOM   1365 C CG2 . VAL A 1 174 ? 7.378   -16.421 -4.060  1.00 20.49 ? 174 VAL A CG2 1 
ATOM   1366 N N   . GLU A 1 175 ? 8.248   -16.975 -0.830  1.00 20.05 ? 175 GLU A N   1 
ATOM   1367 C CA  . GLU A 1 175 ? 9.289   -16.345 -0.022  1.00 22.42 ? 175 GLU A CA  1 
ATOM   1368 C C   . GLU A 1 175 ? 8.741   -15.874 1.315   1.00 21.23 ? 175 GLU A C   1 
ATOM   1369 O O   . GLU A 1 175 ? 7.615   -15.390 1.394   1.00 21.14 ? 175 GLU A O   1 
ATOM   1370 C CB  . GLU A 1 175 ? 9.818   -15.104 -0.737  0.91 25.86 ? 175 GLU A CB  1 
ATOM   1371 C CG  . GLU A 1 175 ? 11.155  -15.225 -1.386  0.52 29.10 ? 175 GLU A CG  1 
ATOM   1372 C CD  . GLU A 1 175 ? 11.608  -13.901 -1.965  0.59 29.46 ? 175 GLU A CD  1 
ATOM   1373 O OE1 . GLU A 1 175 ? 11.727  -12.917 -1.198  1.00 25.02 ? 175 GLU A OE1 1 
ATOM   1374 O OE2 . GLU A 1 175 ? 11.843  -13.847 -3.187  0.84 29.25 ? 175 GLU A OE2 1 
ATOM   1375 N N   . THR A 1 176 ? 9.536   -16.012 2.368   1.00 20.54 ? 176 THR A N   1 
ATOM   1376 C CA  . THR A 1 176 ? 9.114   -15.501 3.666   1.00 19.97 ? 176 THR A CA  1 
ATOM   1377 C C   . THR A 1 176 ? 10.350  -15.110 4.464   1.00 19.64 ? 176 THR A C   1 
ATOM   1378 O O   . THR A 1 176 ? 11.335  -15.850 4.511   1.00 20.51 ? 176 THR A O   1 
ATOM   1379 C CB  . THR A 1 176 ? 8.262   -16.516 4.451   1.00 22.34 ? 176 THR A CB  1 
ATOM   1380 O OG1 . THR A 1 176 ? 7.524   -15.817 5.461   1.00 23.39 ? 176 THR A OG1 1 
ATOM   1381 C CG2 . THR A 1 176 ? 9.133   -17.564 5.111   1.00 22.15 ? 176 THR A CG2 1 
ATOM   1382 N N   . HIS A 1 177 ? 10.298  -13.925 5.063   1.00 17.98 ? 177 HIS A N   1 
ATOM   1383 C CA  . HIS A 1 177 ? 11.410  -13.402 5.850   1.00 17.72 ? 177 HIS A CA  1 
ATOM   1384 C C   . HIS A 1 177 ? 10.923  -13.017 7.236   0.91 18.85 ? 177 HIS A C   1 
ATOM   1385 O O   . HIS A 1 177 ? 9.944   -12.290 7.371   1.00 19.99 ? 177 HIS A O   1 
ATOM   1386 C CB  . HIS A 1 177 ? 12.000  -12.176 5.164   1.00 16.62 ? 177 HIS A CB  1 
ATOM   1387 C CG  . HIS A 1 177 ? 12.462  -12.437 3.765   1.00 17.48 ? 177 HIS A CG  1 
ATOM   1388 N ND1 . HIS A 1 177 ? 11.651  -12.257 2.663   0.86 20.62 ? 177 HIS A ND1 1 
ATOM   1389 C CD2 . HIS A 1 177 ? 13.644  -12.895 3.292   1.00 16.81 ? 177 HIS A CD2 1 
ATOM   1390 C CE1 . HIS A 1 177 ? 12.318  -12.594 1.572   1.00 17.16 ? 177 HIS A CE1 1 
ATOM   1391 N NE2 . HIS A 1 177 ? 13.530  -12.984 1.927   0.89 20.57 ? 177 HIS A NE2 1 
ATOM   1392 N N   . TRP A 1 178 ? 11.598  -13.521 8.262   1.00 17.02 ? 178 TRP A N   1 
ATOM   1393 C CA  . TRP A 1 178 ? 11.230  -13.223 9.639   1.00 16.72 ? 178 TRP A CA  1 
ATOM   1394 C C   . TRP A 1 178 ? 12.399  -12.531 10.329  0.93 17.83 ? 178 TRP A C   1 
ATOM   1395 O O   . TRP A 1 178 ? 13.542  -12.962 10.197  1.00 16.73 ? 178 TRP A O   1 
ATOM   1396 C CB  . TRP A 1 178 ? 10.896  -14.508 10.394  1.00 16.76 ? 178 TRP A CB  1 
ATOM   1397 C CG  . TRP A 1 178 ? 10.589  -14.294 11.846  1.00 17.16 ? 178 TRP A CG  1 
ATOM   1398 C CD1 . TRP A 1 178 ? 9.386   -13.950 12.395  1.00 16.56 ? 178 TRP A CD1 1 
ATOM   1399 C CD2 . TRP A 1 178 ? 11.520  -14.375 12.936  1.00 19.63 ? 178 TRP A CD2 1 
ATOM   1400 N NE1 . TRP A 1 178 ? 9.509   -13.810 13.760  1.00 19.82 ? 178 TRP A NE1 1 
ATOM   1401 C CE2 . TRP A 1 178 ? 10.809  -14.067 14.118  0.99 19.83 ? 178 TRP A CE2 1 
ATOM   1402 C CE3 . TRP A 1 178 ? 12.883  -14.677 13.025  0.96 20.08 ? 178 TRP A CE3 1 
ATOM   1403 C CZ2 . TRP A 1 178 ? 11.420  -14.054 15.378  0.92 21.72 ? 178 TRP A CZ2 1 
ATOM   1404 C CZ3 . TRP A 1 178 ? 13.492  -14.664 14.281  0.91 20.20 ? 178 TRP A CZ3 1 
ATOM   1405 C CH2 . TRP A 1 178 ? 12.757  -14.355 15.438  1.00 19.81 ? 178 TRP A CH2 1 
ATOM   1406 N N   . TYR A 1 179 ? 12.101  -11.463 11.067  1.00 18.67 ? 179 TYR A N   1 
ATOM   1407 C CA  . TYR A 1 179 ? 13.131  -10.725 11.777  1.00 18.32 ? 179 TYR A CA  1 
ATOM   1408 C C   . TYR A 1 179 ? 12.744  -10.431 13.211  0.75 21.06 ? 179 TYR A C   1 
ATOM   1409 O O   . TYR A 1 179 ? 11.590  -10.119 13.503  1.00 20.24 ? 179 TYR A O   1 
ATOM   1410 C CB  . TYR A 1 179 ? 13.408  -9.380  11.116  1.00 18.92 ? 179 TYR A CB  1 
ATOM   1411 C CG  . TYR A 1 179 ? 13.709  -9.439  9.646   1.00 18.73 ? 179 TYR A CG  1 
ATOM   1412 C CD1 . TYR A 1 179 ? 12.681  -9.532  8.711   1.00 18.17 ? 179 TYR A CD1 1 
ATOM   1413 C CD2 . TYR A 1 179 ? 15.019  -9.392  9.187   0.99 19.72 ? 179 TYR A CD2 1 
ATOM   1414 C CE1 . TYR A 1 179 ? 12.954  -9.572  7.354   0.99 19.47 ? 179 TYR A CE1 1 
ATOM   1415 C CE2 . TYR A 1 179 ? 15.306  -9.435  7.825   0.91 20.50 ? 179 TYR A CE2 1 
ATOM   1416 C CZ  . TYR A 1 179 ? 14.268  -9.524  6.917   0.98 19.18 ? 179 TYR A CZ  1 
ATOM   1417 O OH  . TYR A 1 179 ? 14.548  -9.574  5.574   0.93 20.96 ? 179 TYR A OH  1 
ATOM   1418 N N   . LYS A 1 180 ? 13.713  -10.537 14.112  1.00 19.73 ? 180 LYS A N   1 
ATOM   1419 C CA  . LYS A 1 180 ? 13.451  -10.180 15.493  1.00 21.40 ? 180 LYS A CA  1 
ATOM   1420 C C   . LYS A 1 180 ? 13.900  -8.725  15.476  1.00 21.39 ? 180 LYS A C   1 
ATOM   1421 O O   . LYS A 1 180 ? 15.101  -8.446  15.444  0.99 22.07 ? 180 LYS A O   1 
ATOM   1422 C CB  . LYS A 1 180 ? 14.324  -10.978 16.465  1.00 21.58 ? 180 LYS A CB  1 
ATOM   1423 C CG  . LYS A 1 180 ? 14.118  -10.547 17.909  1.00 23.88 ? 180 LYS A CG  1 
ATOM   1424 C CD  . LYS A 1 180 ? 15.181  -11.117 18.842  0.96 26.66 ? 180 LYS A CD  1 
ATOM   1425 C CE  . LYS A 1 180 ? 15.020  -10.557 20.249  1.00 30.14 ? 180 LYS A CE  1 
ATOM   1426 N NZ  . LYS A 1 180 ? 13.726  -10.958 20.852  0.46 34.54 ? 180 LYS A NZ  1 
ATOM   1427 N N   . ILE A 1 181 ? 12.943  -7.804  15.451  1.00 19.85 ? 181 ILE A N   1 
ATOM   1428 C CA  . ILE A 1 181 ? 13.253  -6.377  15.411  0.96 21.19 ? 181 ILE A CA  1 
ATOM   1429 C C   . ILE A 1 181 ? 13.846  -5.925  16.743  0.99 21.66 ? 181 ILE A C   1 
ATOM   1430 O O   . ILE A 1 181 ? 14.849  -5.208  16.780  0.98 22.86 ? 181 ILE A O   1 
ATOM   1431 C CB  . ILE A 1 181 ? 11.992  -5.539  15.108  1.00 19.88 ? 181 ILE A CB  1 
ATOM   1432 C CG1 . ILE A 1 181 ? 11.368  -5.997  13.783  1.00 20.34 ? 181 ILE A CG1 1 
ATOM   1433 C CG2 . ILE A 1 181 ? 12.351  -4.064  15.055  1.00 18.39 ? 181 ILE A CG2 1 
ATOM   1434 C CD1 . ILE A 1 181 ? 12.275  -5.854  12.569  1.00 21.04 ? 181 ILE A CD1 1 
ATOM   1435 N N   . ASP A 1 182 ? 13.198  -6.328  17.827  1.00 22.74 ? 182 ASP A N   1 
ATOM   1436 C CA  . ASP A 1 182 ? 13.658  -6.025  19.175  0.99 23.08 ? 182 ASP A CA  1 
ATOM   1437 C C   . ASP A 1 182 ? 12.956  -6.950  20.156  0.91 22.97 ? 182 ASP A C   1 
ATOM   1438 O O   . ASP A 1 182 ? 12.190  -7.836  19.755  1.00 20.63 ? 182 ASP A O   1 
ATOM   1439 C CB  . ASP A 1 182 ? 13.429  -4.546  19.545  1.00 21.70 ? 182 ASP A CB  1 
ATOM   1440 C CG  . ASP A 1 182 ? 11.981  -4.113  19.430  1.00 21.41 ? 182 ASP A CG  1 
ATOM   1441 O OD1 . ASP A 1 182 ? 11.084  -4.868  19.857  1.00 19.82 ? 182 ASP A OD1 1 
ATOM   1442 O OD2 . ASP A 1 182 ? 11.746  -2.993  18.923  0.93 21.88 ? 182 ASP A OD2 1 
ATOM   1443 N N   . GLU A 1 183 ? 13.217  -6.756  21.445  1.00 23.25 ? 183 GLU A N   1 
ATOM   1444 C CA  . GLU A 1 183 ? 12.638  -7.616  22.464  1.00 24.64 ? 183 GLU A CA  1 
ATOM   1445 C C   . GLU A 1 183 ? 11.117  -7.756  22.468  1.00 24.05 ? 183 GLU A C   1 
ATOM   1446 O O   . GLU A 1 183 ? 10.584  -8.695  23.056  0.97 26.51 ? 183 GLU A O   1 
ATOM   1447 C CB  . GLU A 1 183 ? 13.124  -7.172  23.848  0.70 27.60 ? 183 GLU A CB  1 
ATOM   1448 C CG  . GLU A 1 183 ? 14.616  -7.406  24.073  0.95 30.43 ? 183 GLU A CG  1 
ATOM   1449 C CD  . GLU A 1 183 ? 15.010  -8.868  23.907  0.99 32.35 ? 183 GLU A CD  1 
ATOM   1450 O OE1 . GLU A 1 183 ? 14.332  -9.738  24.491  0.89 34.02 ? 183 GLU A OE1 1 
ATOM   1451 O OE2 . GLU A 1 183 ? 16.000  -9.149  23.199  0.68 35.24 ? 183 GLU A OE2 1 
ATOM   1452 N N   . VAL A 1 184 ? 10.413  -6.845  21.811  1.00 22.79 ? 184 VAL A N   1 
ATOM   1453 C CA  . VAL A 1 184 ? 8.957   -6.918  21.799  1.00 23.19 ? 184 VAL A CA  1 
ATOM   1454 C C   . VAL A 1 184 ? 8.373   -6.759  20.403  0.97 22.86 ? 184 VAL A C   1 
ATOM   1455 O O   . VAL A 1 184 ? 7.174   -6.508  20.253  1.00 22.87 ? 184 VAL A O   1 
ATOM   1456 C CB  . VAL A 1 184 ? 8.342   -5.821  22.701  1.00 23.38 ? 184 VAL A CB  1 
ATOM   1457 C CG1 . VAL A 1 184 ? 8.830   -5.989  24.138  1.00 24.48 ? 184 VAL A CG1 1 
ATOM   1458 C CG2 . VAL A 1 184 ? 8.714   -4.442  22.167  1.00 24.05 ? 184 VAL A CG2 1 
ATOM   1459 N N   . THR A 1 185 ? 9.205   -6.927  19.381  1.00 21.37 ? 185 THR A N   1 
ATOM   1460 C CA  . THR A 1 185 ? 8.730   -6.737  18.016  1.00 19.69 ? 185 THR A CA  1 
ATOM   1461 C C   . THR A 1 185 ? 9.320   -7.709  17.002  0.94 20.02 ? 185 THR A C   1 
ATOM   1462 O O   . THR A 1 185 ? 10.531  -7.905  16.968  1.00 18.98 ? 185 THR A O   1 
ATOM   1463 C CB  . THR A 1 185 ? 9.084   -5.323  17.520  1.00 19.80 ? 185 THR A CB  1 
ATOM   1464 O OG1 . THR A 1 185 ? 8.670   -4.352  18.489  1.00 18.21 ? 185 THR A OG1 1 
ATOM   1465 C CG2 . THR A 1 185 ? 8.402   -5.043  16.186  1.00 18.27 ? 185 THR A CG2 1 
ATOM   1466 N N   . THR A 1 186 ? 8.463   -8.312  16.180  1.00 18.08 ? 186 THR A N   1 
ATOM   1467 C CA  . THR A 1 186 ? 8.937   -9.195  15.118  1.00 17.56 ? 186 THR A CA  1 
ATOM   1468 C C   . THR A 1 186 ? 8.281   -8.732  13.824  0.92 19.31 ? 186 THR A C   1 
ATOM   1469 O O   . THR A 1 186 ? 7.228   -8.091  13.833  1.00 17.70 ? 186 THR A O   1 
ATOM   1470 C CB  . THR A 1 186 ? 8.577   -10.688 15.331  1.00 17.32 ? 186 THR A CB  1 
ATOM   1471 O OG1 . THR A 1 186 ? 7.160   -10.866 15.238  0.99 17.64 ? 186 THR A OG1 1 
ATOM   1472 C CG2 . THR A 1 186 ? 9.086   -11.176 16.677  1.00 18.09 ? 186 THR A CG2 1 
ATOM   1473 N N   . LEU A 1 187 ? 8.918   -9.058  12.710  1.00 18.46 ? 187 LEU A N   1 
ATOM   1474 C CA  . LEU A 1 187 ? 8.405   -8.659  11.415  1.00 19.51 ? 187 LEU A CA  1 
ATOM   1475 C C   . LEU A 1 187 ? 8.563   -9.820  10.456  1.00 17.73 ? 187 LEU A C   1 
ATOM   1476 O O   . LEU A 1 187 ? 9.632   -10.409 10.379  1.00 17.26 ? 187 LEU A O   1 
ATOM   1477 C CB  . LEU A 1 187 ? 9.193   -7.454  10.899  1.00 21.76 ? 187 LEU A CB  1 
ATOM   1478 C CG  . LEU A 1 187 ? 8.986   -7.033  9.443   0.97 26.16 ? 187 LEU A CG  1 
ATOM   1479 C CD1 . LEU A 1 187 ? 7.557   -6.589  9.232   0.34 29.40 ? 187 LEU A CD1 1 
ATOM   1480 C CD2 . LEU A 1 187 ? 9.949   -5.912  9.100   0.79 28.93 ? 187 LEU A CD2 1 
ATOM   1481 N N   . THR A 1 188 ? 7.491   -10.161 9.749   1.00 18.12 ? 188 THR A N   1 
ATOM   1482 C CA  . THR A 1 188 ? 7.545   -11.244 8.772   1.00 17.48 ? 188 THR A CA  1 
ATOM   1483 C C   . THR A 1 188 ? 7.084   -10.661 7.441   1.00 18.05 ? 188 THR A C   1 
ATOM   1484 O O   . THR A 1 188 ? 6.010   -10.072 7.369   0.91 22.69 ? 188 THR A O   1 
ATOM   1485 C CB  . THR A 1 188 ? 6.598   -12.419 9.142   1.00 18.70 ? 188 THR A CB  1 
ATOM   1486 O OG1 . THR A 1 188 ? 6.977   -12.976 10.412  1.00 18.28 ? 188 THR A OG1 1 
ATOM   1487 C CG2 . THR A 1 188 ? 6.675   -13.509 8.083   1.00 18.96 ? 188 THR A CG2 1 
ATOM   1488 N N   . GLU A 1 189 ? 7.909   -10.799 6.407   1.00 18.00 ? 189 GLU A N   1 
ATOM   1489 C CA  . GLU A 1 189 ? 7.563   -10.317 5.070   1.00 17.50 ? 189 GLU A CA  1 
ATOM   1490 C C   . GLU A 1 189 ? 7.408   -11.553 4.192   1.00 17.57 ? 189 GLU A C   1 
ATOM   1491 O O   . GLU A 1 189 ? 8.354   -12.326 4.021   1.00 17.54 ? 189 GLU A O   1 
ATOM   1492 C CB  . GLU A 1 189 ? 8.668   -9.424  4.495   1.00 17.99 ? 189 GLU A CB  1 
ATOM   1493 C CG  . GLU A 1 189 ? 8.323   -8.881  3.117   1.00 18.55 ? 189 GLU A CG  1 
ATOM   1494 C CD  . GLU A 1 189 ? 9.519   -8.328  2.370   1.00 19.67 ? 189 GLU A CD  1 
ATOM   1495 O OE1 . GLU A 1 189 ? 10.540  -9.040  2.274   0.98 21.76 ? 189 GLU A OE1 1 
ATOM   1496 O OE2 . GLU A 1 189 ? 9.436   -7.189  1.867   1.00 20.13 ? 189 GLU A OE2 1 
ATOM   1497 N N   . SER A 1 190 ? 6.220   -11.735 3.629   1.00 16.64 ? 190 SER A N   1 
ATOM   1498 C CA  . SER A 1 190 ? 5.954   -12.900 2.800   1.00 17.70 ? 190 SER A CA  1 
ATOM   1499 C C   . SER A 1 190 ? 5.568   -12.522 1.378   1.00 17.27 ? 190 SER A C   1 
ATOM   1500 O O   . SER A 1 190 ? 4.871   -11.533 1.158   1.00 17.32 ? 190 SER A O   1 
ATOM   1501 C CB  . SER A 1 190 ? 4.851   -13.731 3.464   1.00 21.80 ? 190 SER A CB  1 
ATOM   1502 O OG  . SER A 1 190 ? 4.312   -14.689 2.570   0.19 31.31 ? 190 SER A OG  1 
ATOM   1503 N N   . VAL A 1 191 ? 6.030   -13.317 0.413   1.00 17.60 ? 191 VAL A N   1 
ATOM   1504 C CA  . VAL A 1 191 ? 5.740   -13.059 -0.995  1.00 17.44 ? 191 VAL A CA  1 
ATOM   1505 C C   . VAL A 1 191 ? 4.886   -14.176 -1.588  0.79 20.22 ? 191 VAL A C   1 
ATOM   1506 O O   . VAL A 1 191 ? 5.246   -15.353 -1.509  1.00 19.50 ? 191 VAL A O   1 
ATOM   1507 C CB  . VAL A 1 191 ? 7.046   -12.945 -1.818  0.99 18.81 ? 191 VAL A CB  1 
ATOM   1508 C CG1 . VAL A 1 191 ? 6.722   -12.675 -3.291  0.95 17.69 ? 191 VAL A CG1 1 
ATOM   1509 C CG2 . VAL A 1 191 ? 7.917   -11.829 -1.252  0.94 19.82 ? 191 VAL A CG2 1 
ATOM   1510 N N   . TYR A 1 192 ? 3.754   -13.799 -2.180  1.00 19.72 ? 192 TYR A N   1 
ATOM   1511 C CA  . TYR A 1 192 ? 2.853   -14.769 -2.801  1.00 21.48 ? 192 TYR A CA  1 
ATOM   1512 C C   . TYR A 1 192 ? 2.720   -14.513 -4.291  1.00 23.67 ? 192 TYR A C   1 
ATOM   1513 O O   . TYR A 1 192 ? 2.725   -13.367 -4.734  1.00 23.23 ? 192 TYR A O   1 
ATOM   1514 C CB  . TYR A 1 192 ? 1.448   -14.702 -2.192  1.00 20.59 ? 192 TYR A CB  1 
ATOM   1515 C CG  . TYR A 1 192 ? 1.370   -15.014 -0.721  1.00 20.57 ? 192 TYR A CG  1 
ATOM   1516 C CD1 . TYR A 1 192 ? 1.712   -14.057 0.233   0.89 19.62 ? 192 TYR A CD1 1 
ATOM   1517 C CD2 . TYR A 1 192 ? 0.939   -16.261 -0.276  1.00 20.67 ? 192 TYR A CD2 1 
ATOM   1518 C CE1 . TYR A 1 192 ? 1.623   -14.334 1.595   1.00 19.86 ? 192 TYR A CE1 1 
ATOM   1519 C CE2 . TYR A 1 192 ? 0.849   -16.549 1.085   1.00 22.05 ? 192 TYR A CE2 1 
ATOM   1520 C CZ  . TYR A 1 192 ? 1.194   -15.577 2.013   1.00 21.29 ? 192 TYR A CZ  1 
ATOM   1521 O OH  . TYR A 1 192 ? 1.100   -15.844 3.359   0.88 25.83 ? 192 TYR A OH  1 
ATOM   1522 N N   . LYS A 1 193 ? 2.599   -15.593 -5.057  1.00 25.58 ? 193 LYS A N   1 
ATOM   1523 C CA  . LYS A 1 193 ? 2.427   -15.502 -6.500  1.00 29.04 ? 193 LYS A CA  1 
ATOM   1524 C C   . LYS A 1 193 ? 1.129   -16.229 -6.826  1.00 30.21 ? 193 LYS A C   1 
ATOM   1525 O O   . LYS A 1 193 ? 0.173   -15.560 -7.270  0.86 31.81 ? 193 LYS A O   1 
ATOM   1526 C CB  . LYS A 1 193 ? 3.593   -16.169 -7.237  1.00 30.24 ? 193 LYS A CB  1 
ATOM   1527 C CG  . LYS A 1 193 ? 4.942   -15.506 -7.016  0.90 34.32 ? 193 LYS A CG  1 
ATOM   1528 C CD  . LYS A 1 193 ? 4.983   -14.112 -7.604  1.00 36.60 ? 193 LYS A CD  1 
ATOM   1529 C CE  . LYS A 1 193 ? 6.303   -13.424 -7.290  0.45 39.05 ? 193 LYS A CE  1 
ATOM   1530 N NZ  . LYS A 1 193 ? 7.479   -14.238 -7.712  0.93 40.00 ? 193 LYS A NZ  1 
ATOM   1531 O OXT . LYS A 1 193 ? 1.080   -17.461 -6.612  0.98 30.73 ? 193 LYS A OXT 1 
HETATM 1532 P PA  . NDP B 2 .   ? -7.146  5.588   1.029   1.00 31.63 ? 194 NDP A PA  1 
HETATM 1533 O O1A . NDP B 2 .   ? -7.651  4.350   0.536   0.75 33.97 ? 194 NDP A O1A 1 
HETATM 1534 O O2A . NDP B 2 .   ? -5.929  6.310   0.551   1.00 35.12 ? 194 NDP A O2A 1 
HETATM 1535 O O5B . NDP B 2 .   ? -8.502  6.586   1.096   0.68 38.06 ? 194 NDP A O5B 1 
HETATM 1536 C C5B . NDP B 2 .   ? -8.380  7.981   1.330   0.70 39.54 ? 194 NDP A C5B 1 
HETATM 1537 C C4B . NDP B 2 .   ? -9.815  8.574   1.521   1.00 38.67 ? 194 NDP A C4B 1 
HETATM 1538 O O4B . NDP B 2 .   ? -9.593  9.988   1.601   0.20 41.15 ? 194 NDP A O4B 1 
HETATM 1539 C C3B . NDP B 2 .   ? -11.032 8.281   0.722   0.70 40.24 ? 194 NDP A C3B 1 
HETATM 1540 O O3B . NDP B 2 .   ? -11.876 7.267   1.337   1.00 35.34 ? 194 NDP A O3B 1 
HETATM 1541 C C2B . NDP B 2 .   ? -11.823 9.594   0.818   0.59 41.31 ? 194 NDP A C2B 1 
HETATM 1542 O O2B . NDP B 2 .   ? -12.748 9.813   1.909   1.00 49.04 ? 194 NDP A O2B 1 
HETATM 1543 C C1B . NDP B 2 .   ? -10.712 10.571  0.955   0.99 37.70 ? 194 NDP A C1B 1 
HETATM 1544 N N9A . NDP B 2 .   ? -10.462 11.303  -0.345  1.00 31.06 ? 194 NDP A N9A 1 
HETATM 1545 C C8A . NDP B 2 .   ? -10.820 10.941  -1.672  1.00 30.19 ? 194 NDP A C8A 1 
HETATM 1546 N N7A . NDP B 2 .   ? -10.448 11.861  -2.539  1.00 28.17 ? 194 NDP A N7A 1 
HETATM 1547 C C5A . NDP B 2 .   ? -9.842  12.849  -1.812  1.00 27.99 ? 194 NDP A C5A 1 
HETATM 1548 C C6A . NDP B 2 .   ? -9.245  14.087  -2.141  0.64 28.07 ? 194 NDP A C6A 1 
HETATM 1549 N N6A . NDP B 2 .   ? -9.202  14.491  -3.411  1.00 25.45 ? 194 NDP A N6A 1 
HETATM 1550 N N1A . NDP B 2 .   ? -8.718  14.859  -1.153  1.00 26.02 ? 194 NDP A N1A 1 
HETATM 1551 C C2A . NDP B 2 .   ? -8.768  14.442  0.131   0.94 27.45 ? 194 NDP A C2A 1 
HETATM 1552 N N3A . NDP B 2 .   ? -9.312  13.291  0.552   0.89 28.49 ? 194 NDP A N3A 1 
HETATM 1553 C C4A . NDP B 2 .   ? -9.837  12.528  -0.479  0.65 30.12 ? 194 NDP A C4A 1 
HETATM 1554 O O3  . NDP B 2 .   ? -6.837  5.199   2.539   0.75 33.27 ? 194 NDP A O3  1 
HETATM 1555 P PN  . NDP B 2 .   ? -7.625  4.765   3.887   1.00 25.22 ? 194 NDP A PN  1 
HETATM 1556 O O1N . NDP B 2 .   ? -8.361  3.513   3.618   0.98 25.80 ? 194 NDP A O1N 1 
HETATM 1557 O O2N . NDP B 2 .   ? -8.329  5.964   4.395   0.62 31.92 ? 194 NDP A O2N 1 
HETATM 1558 O O5D . NDP B 2 .   ? -6.443  4.458   4.898   0.79 30.97 ? 194 NDP A O5D 1 
HETATM 1559 C C5D . NDP B 2 .   ? -5.501  5.455   5.369   0.85 28.25 ? 194 NDP A C5D 1 
HETATM 1560 C C4D . NDP B 2 .   ? -4.628  4.697   6.388   0.97 26.09 ? 194 NDP A C4D 1 
HETATM 1561 O O4D . NDP B 2 .   ? -3.854  3.726   5.736   1.00 24.79 ? 194 NDP A O4D 1 
HETATM 1562 C C3D . NDP B 2 .   ? -3.629  5.626   7.042   1.00 25.14 ? 194 NDP A C3D 1 
HETATM 1563 O O3D . NDP B 2 .   ? -3.729  5.493   8.454   1.00 24.43 ? 194 NDP A O3D 1 
HETATM 1564 C C2D . NDP B 2 .   ? -2.274  5.286   6.467   1.00 24.49 ? 194 NDP A C2D 1 
HETATM 1565 O O2D . NDP B 2 .   ? -1.270  5.535   7.435   1.00 23.07 ? 194 NDP A O2D 1 
HETATM 1566 C C1D . NDP B 2 .   ? -2.552  3.733   6.312   1.00 23.70 ? 194 NDP A C1D 1 
HETATM 1567 N N1N . NDP B 2 .   ? -1.662  3.055   5.348   1.00 23.11 ? 194 NDP A N1N 1 
HETATM 1568 C C2N . NDP B 2 .   ? -1.293  1.774   5.749   0.97 21.84 ? 194 NDP A C2N 1 
HETATM 1569 C C3N . NDP B 2 .   ? -0.452  1.031   4.862   0.89 21.37 ? 194 NDP A C3N 1 
HETATM 1570 C C7N . NDP B 2 .   ? -0.065  -0.321  5.256   0.97 19.98 ? 194 NDP A C7N 1 
HETATM 1571 O O7N . NDP B 2 .   ? -0.322  -0.807  6.384   0.84 21.84 ? 194 NDP A O7N 1 
HETATM 1572 N N7N . NDP B 2 .   ? 0.564   -1.108  4.383   1.00 15.41 ? 194 NDP A N7N 1 
HETATM 1573 C C4N . NDP B 2 .   ? -0.045  1.615   3.652   0.94 22.69 ? 194 NDP A C4N 1 
HETATM 1574 C C5N . NDP B 2 .   ? -0.418  2.880   3.277   0.59 25.76 ? 194 NDP A C5N 1 
HETATM 1575 C C6N . NDP B 2 .   ? -1.236  3.609   4.126   0.73 25.24 ? 194 NDP A C6N 1 
HETATM 1576 P P2B . NDP B 2 .   ? -14.117 9.113   2.231   0.01 56.89 ? 194 NDP A P2B 1 
HETATM 1577 O O1X . NDP B 2 .   ? -13.842 7.968   3.188   0.58 55.95 ? 194 NDP A O1X 1 
HETATM 1578 O O2X . NDP B 2 .   ? -14.761 8.675   0.925   1.00 54.39 ? 194 NDP A O2X 1 
HETATM 1579 O O3X . NDP B 2 .   ? -14.947 10.182  2.897   0.90 55.86 ? 194 NDP A O3X 1 
HETATM 1580 O O   . HOH C 3 .   ? 2.343   19.493  -12.851 1.00 20.28 ? 195 HOH A O   1 
HETATM 1581 O O   . HOH C 3 .   ? 9.454   15.010  -8.791  1.00 17.92 ? 196 HOH A O   1 
HETATM 1582 O O   . HOH C 3 .   ? 7.627   -5.060  2.073   1.00 20.05 ? 197 HOH A O   1 
HETATM 1583 O O   . HOH C 3 .   ? 5.001   -5.805  2.825   1.00 14.97 ? 198 HOH A O   1 
HETATM 1584 O O   . HOH C 3 .   ? -9.829  2.231   1.851   1.00 20.83 ? 199 HOH A O   1 
HETATM 1585 O O   . HOH C 3 .   ? -1.433  -5.916  25.493  1.00 21.76 ? 200 HOH A O   1 
HETATM 1586 O O   . HOH C 3 .   ? 9.386   -7.917  -5.243  1.00 20.15 ? 201 HOH A O   1 
HETATM 1587 O O   . HOH C 3 .   ? 14.290  -2.492  12.292  1.00 25.31 ? 202 HOH A O   1 
HETATM 1588 O O   . HOH C 3 .   ? -12.621 8.605   -15.301 1.00 21.83 ? 203 HOH A O   1 
HETATM 1589 O O   . HOH C 3 .   ? 3.755   6.058   11.973  1.00 20.06 ? 204 HOH A O   1 
HETATM 1590 O O   . HOH C 3 .   ? 9.919   -1.300  20.331  0.95 24.91 ? 205 HOH A O   1 
HETATM 1591 O O   . HOH C 3 .   ? -11.227 -0.074  8.677   1.00 26.81 ? 206 HOH A O   1 
HETATM 1592 O O   . HOH C 3 .   ? 0.756   -7.143  17.097  1.00 24.96 ? 207 HOH A O   1 
HETATM 1593 O O   . HOH C 3 .   ? -11.667 -6.054  -8.134  1.00 19.44 ? 208 HOH A O   1 
HETATM 1594 O O   . HOH C 3 .   ? 6.797   0.949   -15.439 1.00 27.45 ? 209 HOH A O   1 
HETATM 1595 O O   . HOH C 3 .   ? -12.701 -5.311  -10.564 1.00 21.80 ? 210 HOH A O   1 
HETATM 1596 O O   . HOH C 3 .   ? -13.225 -0.344  -17.873 1.00 28.36 ? 211 HOH A O   1 
HETATM 1597 O O   . HOH C 3 .   ? 8.670   4.924   -10.634 1.00 24.61 ? 212 HOH A O   1 
HETATM 1598 O O   . HOH C 3 .   ? 3.834   -12.226 6.116   1.00 21.21 ? 213 HOH A O   1 
HETATM 1599 O O   . HOH C 3 .   ? 11.406  -11.500 -4.128  1.00 28.85 ? 214 HOH A O   1 
HETATM 1600 O O   . HOH C 3 .   ? -8.684  8.170   -2.497  1.00 25.04 ? 215 HOH A O   1 
HETATM 1601 O O   . HOH C 3 .   ? -9.609  -6.623  11.609  1.00 21.16 ? 216 HOH A O   1 
HETATM 1602 O O   . HOH C 3 .   ? -5.839  -2.044  16.368  1.00 25.64 ? 217 HOH A O   1 
HETATM 1603 O O   . HOH C 3 .   ? -2.789  14.470  -12.585 1.00 28.21 ? 218 HOH A O   1 
HETATM 1604 O O   . HOH C 3 .   ? -12.185 -9.426  10.000  1.00 26.62 ? 219 HOH A O   1 
HETATM 1605 O O   . HOH C 3 .   ? 11.081  -3.905  -6.355  0.99 29.43 ? 220 HOH A O   1 
HETATM 1606 O O   . HOH C 3 .   ? 6.128   -11.486 12.619  1.00 27.05 ? 221 HOH A O   1 
HETATM 1607 O O   . HOH C 3 .   ? 3.967   14.825  -13.237 1.00 22.17 ? 222 HOH A O   1 
HETATM 1608 O O   . HOH C 3 .   ? -0.564  1.806   18.694  0.96 27.00 ? 223 HOH A O   1 
HETATM 1609 O O   . HOH C 3 .   ? 2.167   -0.531  2.182   1.00 24.25 ? 224 HOH A O   1 
HETATM 1610 O O   . HOH C 3 .   ? -12.378 -7.703  -14.778 1.00 24.78 ? 225 HOH A O   1 
HETATM 1611 O O   . HOH C 3 .   ? 1.813   -21.977 -0.653  1.00 28.63 ? 226 HOH A O   1 
HETATM 1612 O O   . HOH C 3 .   ? -5.656  15.806  -12.722 1.00 31.90 ? 227 HOH A O   1 
HETATM 1613 O O   . HOH C 3 .   ? -12.099 8.875   -8.412  1.00 22.23 ? 228 HOH A O   1 
HETATM 1614 O O   . HOH C 3 .   ? 8.416   -5.426  5.481   1.00 32.53 ? 229 HOH A O   1 
HETATM 1615 O O   . HOH C 3 .   ? -0.322  -6.413  19.460  1.00 24.98 ? 230 HOH A O   1 
HETATM 1616 O O   . HOH C 3 .   ? 0.983   -12.673 6.954   1.00 28.27 ? 231 HOH A O   1 
HETATM 1617 O O   . HOH C 3 .   ? -1.716  4.156   20.166  1.00 25.58 ? 232 HOH A O   1 
HETATM 1618 O O   . HOH C 3 .   ? 9.448   10.619  -5.981  1.00 25.05 ? 233 HOH A O   1 
HETATM 1619 O O   . HOH C 3 .   ? -10.002 -2.904  -18.614 1.00 28.60 ? 234 HOH A O   1 
HETATM 1620 O O   . HOH C 3 .   ? -7.579  1.010   18.585  1.00 33.78 ? 235 HOH A O   1 
HETATM 1621 O O   . HOH C 3 .   ? 13.555  -0.237  13.948  1.00 38.63 ? 236 HOH A O   1 
HETATM 1622 O O   . HOH C 3 .   ? 15.874  -0.861  0.908   1.00 32.37 ? 237 HOH A O   1 
HETATM 1623 O O   . HOH C 3 .   ? -5.920  -2.423  20.341  1.00 33.62 ? 238 HOH A O   1 
HETATM 1624 O O   . HOH C 3 .   ? 6.928   -1.347  20.872  1.00 28.54 ? 239 HOH A O   1 
HETATM 1625 O O   . HOH C 3 .   ? 4.909   -3.780  22.306  1.00 30.63 ? 240 HOH A O   1 
HETATM 1626 O O   . HOH C 3 .   ? -4.985  -10.910 16.728  1.00 30.14 ? 241 HOH A O   1 
HETATM 1627 O O   . HOH C 3 .   ? 7.384   1.404   9.951   0.98 24.32 ? 242 HOH A O   1 
HETATM 1628 O O   . HOH C 3 .   ? 12.445  -9.056  3.968   1.00 26.92 ? 243 HOH A O   1 
HETATM 1629 O O   . HOH C 3 .   ? -2.656  11.000  13.303  1.00 27.71 ? 244 HOH A O   1 
HETATM 1630 O O   . HOH C 3 .   ? -0.653  -8.566  23.414  1.00 32.77 ? 245 HOH A O   1 
HETATM 1631 O O   . HOH C 3 .   ? -13.053 12.564  -10.183 1.00 32.08 ? 246 HOH A O   1 
HETATM 1632 O O   . HOH C 3 .   ? 6.651   -13.883 15.377  1.00 36.49 ? 247 HOH A O   1 
HETATM 1633 O O   . HOH C 3 .   ? -9.653  -0.278  16.644  1.00 40.89 ? 248 HOH A O   1 
HETATM 1634 O O   . HOH C 3 .   ? -5.420  8.923   7.461   1.00 34.60 ? 249 HOH A O   1 
HETATM 1635 O O   . HOH C 3 .   ? -5.898  -7.347  -20.840 1.00 40.39 ? 250 HOH A O   1 
HETATM 1636 O O   . HOH C 3 .   ? -13.907 3.251   -18.923 0.99 27.53 ? 251 HOH A O   1 
HETATM 1637 O O   . HOH C 3 .   ? 10.789  -10.142 19.878  1.00 32.31 ? 252 HOH A O   1 
HETATM 1638 O O   . HOH C 3 .   ? -1.498  -3.039  -22.113 1.00 35.24 ? 253 HOH A O   1 
HETATM 1639 O O   . HOH C 3 .   ? 3.617   16.587  -10.216 1.00 34.44 ? 254 HOH A O   1 
HETATM 1640 O O   . HOH C 3 .   ? 10.017  3.474   3.247   0.86 33.02 ? 255 HOH A O   1 
HETATM 1641 O O   . HOH C 3 .   ? -10.054 -8.834  -16.468 1.00 28.78 ? 256 HOH A O   1 
HETATM 1642 O O   . HOH C 3 .   ? -7.545  6.749   7.302   1.00 35.04 ? 257 HOH A O   1 
HETATM 1643 O O   . HOH C 3 .   ? -11.691 8.055   -3.137  1.00 13.23 ? 258 HOH A O   1 
HETATM 1644 O O   . HOH C 3 .   ? -13.387 -2.771  -17.988 1.00 34.08 ? 259 HOH A O   1 
HETATM 1645 O O   . HOH C 3 .   ? -12.637 -10.874 23.996  1.00 32.14 ? 260 HOH A O   1 
HETATM 1646 O O   . HOH C 3 .   ? -14.353 10.178  -9.495  1.00 24.75 ? 261 HOH A O   1 
HETATM 1647 O O   . HOH C 3 .   ? 8.170   -10.250 21.034  1.00 33.07 ? 262 HOH A O   1 
HETATM 1648 O O   . HOH C 3 .   ? -15.704 -0.703  -16.419 1.00 29.43 ? 263 HOH A O   1 
HETATM 1649 O O   . HOH C 3 .   ? 1.092   -9.883  20.362  1.00 28.83 ? 264 HOH A O   1 
HETATM 1650 O O   . HOH C 3 .   ? -7.711  6.890   9.809   1.00 34.50 ? 265 HOH A O   1 
HETATM 1651 O O   . HOH C 3 .   ? -10.047 -9.457  12.357  1.00 33.29 ? 266 HOH A O   1 
HETATM 1652 O O   . HOH C 3 .   ? 4.522   3.553   4.005   1.00 38.18 ? 267 HOH A O   1 
HETATM 1653 O O   . HOH C 3 .   ? -14.946 12.013  -2.182  1.00 31.01 ? 268 HOH A O   1 
HETATM 1654 O O   . HOH C 3 .   ? 6.382   -9.789  19.140  1.00 28.61 ? 269 HOH A O   1 
HETATM 1655 O O   . HOH C 3 .   ? -11.551 7.753   -18.522 0.95 26.77 ? 270 HOH A O   1 
HETATM 1656 O O   . HOH C 3 .   ? 11.813  0.121   15.868  1.00 46.39 ? 271 HOH A O   1 
HETATM 1657 O O   . HOH C 3 .   ? -13.684 -10.898 7.148   1.00 31.74 ? 272 HOH A O   1 
HETATM 1658 O O   . HOH C 3 .   ? 9.158   -5.291  -9.676  1.00 35.86 ? 273 HOH A O   1 
HETATM 1659 O O   . HOH C 3 .   ? -9.959  -1.480  21.569  1.00 32.80 ? 274 HOH A O   1 
HETATM 1660 O O   . HOH C 3 .   ? 13.399  -1.010  18.120  1.00 38.28 ? 275 HOH A O   1 
HETATM 1661 O O   . HOH C 3 .   ? 12.963  3.292   -8.175  1.00 33.72 ? 276 HOH A O   1 
HETATM 1662 O O   . HOH C 3 .   ? -4.154  17.217  1.586   1.00 32.06 ? 277 HOH A O   1 
HETATM 1663 O O   . HOH C 3 .   ? 10.020  -1.624  16.671  1.00 33.56 ? 278 HOH A O   1 
HETATM 1664 O O   . HOH C 3 .   ? -5.943  -11.626 14.011  1.00 41.29 ? 279 HOH A O   1 
HETATM 1665 O O   . HOH C 3 .   ? 8.529   16.914  -7.057  1.00 45.08 ? 280 HOH A O   1 
HETATM 1666 O O   . HOH C 3 .   ? 15.263  -4.856  3.443   1.00 35.95 ? 281 HOH A O   1 
HETATM 1667 O O   . HOH C 3 .   ? 11.812  -12.953 18.950  1.00 34.49 ? 282 HOH A O   1 
HETATM 1668 O O   . HOH C 3 .   ? -4.427  16.742  -16.064 1.00 37.39 ? 283 HOH A O   1 
HETATM 1669 O O   . HOH C 3 .   ? -10.063 4.714   -18.910 0.96 34.86 ? 284 HOH A O   1 
HETATM 1670 O O   . HOH C 3 .   ? -9.898  2.184   17.371  1.00 56.60 ? 285 HOH A O   1 
HETATM 1671 O O   . HOH C 3 .   ? 13.522  4.204   -5.664  1.00 36.66 ? 286 HOH A O   1 
HETATM 1672 O O   . HOH C 3 .   ? -1.746  -8.216  20.993  1.00 36.54 ? 287 HOH A O   1 
HETATM 1673 O O   . HOH C 3 .   ? 12.294  -6.758  1.221   1.00 38.43 ? 288 HOH A O   1 
HETATM 1674 O O   . HOH C 3 .   ? -9.190  13.099  3.258   1.00 37.54 ? 289 HOH A O   1 
HETATM 1675 O O   . HOH C 3 .   ? -11.795 -9.049  1.646   1.00 49.80 ? 290 HOH A O   1 
HETATM 1676 O O   . HOH C 3 .   ? -13.462 -9.520  27.482  1.00 40.00 ? 291 HOH A O   1 
HETATM 1677 O O   . HOH C 3 .   ? 11.184  -3.503  -9.968  1.00 43.31 ? 292 HOH A O   1 
HETATM 1678 O O   . HOH C 3 .   ? -11.757 19.965  -1.251  1.00 40.57 ? 293 HOH A O   1 
HETATM 1679 O O   . HOH C 3 .   ? -15.750 14.030  -10.420 1.00 41.22 ? 294 HOH A O   1 
HETATM 1680 O O   . HOH C 3 .   ? -8.524  17.596  -0.786  1.00 36.35 ? 295 HOH A O   1 
HETATM 1681 O O   . HOH C 3 .   ? 11.076  7.715   10.690  1.00 17.67 ? 296 HOH A O   1 
HETATM 1682 O O   . HOH C 3 .   ? -8.243  -11.676 12.638  1.00 29.31 ? 297 HOH A O   1 
HETATM 1683 O O   . HOH C 3 .   ? -16.707 13.291  -7.996  0.99 30.86 ? 298 HOH A O   1 
HETATM 1684 O O   . HOH C 3 .   ? -11.458 2.017   14.356  1.00 33.45 ? 299 HOH A O   1 
HETATM 1685 O O   . HOH C 3 .   ? -5.946  21.755  -5.323  1.00 31.80 ? 300 HOH A O   1 
HETATM 1686 O O   . HOH C 3 .   ? -8.108  0.289   -21.999 1.00 30.95 ? 301 HOH A O   1 
HETATM 1687 O O   . HOH C 3 .   ? -2.221  -14.721 4.470   1.00 37.89 ? 302 HOH A O   1 
HETATM 1688 O O   . HOH C 3 .   ? 0.090   9.724   -23.846 1.00 39.00 ? 303 HOH A O   1 
HETATM 1689 O O   . HOH C 3 .   ? -0.842  16.116  3.842   1.00 34.29 ? 304 HOH A O   1 
HETATM 1690 O O   . HOH C 3 .   ? -3.832  11.446  -14.769 1.00 40.27 ? 305 HOH A O   1 
HETATM 1691 O O   . HOH C 3 .   ? -8.123  8.961   11.180  1.00 34.73 ? 306 HOH A O   1 
HETATM 1692 O O   . HOH C 3 .   ? 6.225   -12.326 18.276  1.00 39.18 ? 307 HOH A O   1 
HETATM 1693 O O   . HOH C 3 .   ? 3.905   -16.237 6.314   1.00 35.58 ? 308 HOH A O   1 
HETATM 1694 O O   . HOH C 3 .   ? 11.988  -5.806  -8.238  1.00 47.12 ? 309 HOH A O   1 
# 
